data_3MKO
# 
_entry.id   3MKO 
# 
_audit_conform.dict_name       mmcif_pdbx.dic 
_audit_conform.dict_version    5.397 
_audit_conform.dict_location   http://mmcif.pdb.org/dictionaries/ascii/mmcif_pdbx.dic 
# 
loop_
_database_2.database_id 
_database_2.database_code 
_database_2.pdbx_database_accession 
_database_2.pdbx_DOI 
PDB   3MKO         pdb_00003mko 10.2210/pdb3mko/pdb 
RCSB  RCSB058664   ?            ?                   
WWPDB D_1000058664 ?            ?                   
# 
loop_
_pdbx_audit_revision_history.ordinal 
_pdbx_audit_revision_history.data_content_type 
_pdbx_audit_revision_history.major_revision 
_pdbx_audit_revision_history.minor_revision 
_pdbx_audit_revision_history.revision_date 
1 'Structure model' 1 0 2011-04-20 
2 'Structure model' 1 1 2011-07-13 
3 'Structure model' 1 2 2011-12-14 
4 'Structure model' 1 3 2011-12-28 
5 'Structure model' 1 4 2017-11-08 
6 'Structure model' 1 5 2024-10-30 
# 
_pdbx_audit_revision_details.ordinal             1 
_pdbx_audit_revision_details.revision_ordinal    1 
_pdbx_audit_revision_details.data_content_type   'Structure model' 
_pdbx_audit_revision_details.provider            repository 
_pdbx_audit_revision_details.type                'Initial release' 
_pdbx_audit_revision_details.description         ? 
_pdbx_audit_revision_details.details             ? 
# 
loop_
_pdbx_audit_revision_group.ordinal 
_pdbx_audit_revision_group.revision_ordinal 
_pdbx_audit_revision_group.data_content_type 
_pdbx_audit_revision_group.group 
1 2 'Structure model' 'Version format compliance' 
2 3 'Structure model' 'Database references'       
3 4 'Structure model' 'Database references'       
4 5 'Structure model' 'Refinement description'    
5 6 'Structure model' 'Data collection'           
6 6 'Structure model' 'Database references'       
7 6 'Structure model' 'Derived calculations'      
8 6 'Structure model' 'Structure summary'         
# 
loop_
_pdbx_audit_revision_category.ordinal 
_pdbx_audit_revision_category.revision_ordinal 
_pdbx_audit_revision_category.data_content_type 
_pdbx_audit_revision_category.category 
1 5 'Structure model' software                  
2 6 'Structure model' chem_comp_atom            
3 6 'Structure model' chem_comp_bond            
4 6 'Structure model' database_2                
5 6 'Structure model' pdbx_entry_details        
6 6 'Structure model' pdbx_modification_feature 
7 6 'Structure model' struct_ref_seq_dif        
8 6 'Structure model' struct_site               
# 
loop_
_pdbx_audit_revision_item.ordinal 
_pdbx_audit_revision_item.revision_ordinal 
_pdbx_audit_revision_item.data_content_type 
_pdbx_audit_revision_item.item 
1 5 'Structure model' '_software.name'                               
2 6 'Structure model' '_database_2.pdbx_DOI'                         
3 6 'Structure model' '_database_2.pdbx_database_accession'          
4 6 'Structure model' '_pdbx_entry_details.has_protein_modification' 
5 6 'Structure model' '_struct_ref_seq_dif.details'                  
6 6 'Structure model' '_struct_site.pdbx_auth_asym_id'               
7 6 'Structure model' '_struct_site.pdbx_auth_comp_id'               
8 6 'Structure model' '_struct_site.pdbx_auth_seq_id'                
# 
_pdbx_database_status.status_code                     REL 
_pdbx_database_status.entry_id                        3MKO 
_pdbx_database_status.recvd_initial_deposition_date   2010-04-15 
_pdbx_database_status.deposit_site                    RCSB 
_pdbx_database_status.process_site                    PDBJ 
_pdbx_database_status.status_code_sf                  REL 
_pdbx_database_status.status_code_mr                  ? 
_pdbx_database_status.SG_entry                        ? 
_pdbx_database_status.status_code_cs                  ? 
_pdbx_database_status.pdb_format_compatible           Y 
_pdbx_database_status.methods_development_category    ? 
_pdbx_database_status.status_code_nmr_data            ? 
# 
loop_
_audit_author.name 
_audit_author.pdbx_ordinal 
'Igonet, S.'  1 
'Vaney, M.C.' 2 
'Rey, F.A.'   3 
# 
_citation.id                        primary 
_citation.title                     'X-ray structure of the arenavirus glycoprotein GP2 in its postfusion hairpin conformation' 
_citation.journal_abbrev            Proc.Natl.Acad.Sci.USA 
_citation.journal_volume            108 
_citation.page_first                19967 
_citation.page_last                 19972 
_citation.year                      2011 
_citation.journal_id_ASTM           PNASA6 
_citation.country                   US 
_citation.journal_id_ISSN           0027-8424 
_citation.journal_id_CSD            0040 
_citation.book_publisher            ? 
_citation.pdbx_database_id_PubMed   22123988 
_citation.pdbx_database_id_DOI      10.1073/pnas.1108910108 
# 
loop_
_citation_author.citation_id 
_citation_author.name 
_citation_author.ordinal 
_citation_author.identifier_ORCID 
primary 'Igonet, S.'     1 ? 
primary 'Vaney, M.C.'    2 ? 
primary 'Vonhrein, C.'   3 ? 
primary 'Bricogne, G.'   4 ? 
primary 'Stura, E.A.'    5 ? 
primary 'Hengartner, H.' 6 ? 
primary 'Eschli, B.'     7 ? 
primary 'Rey, F.A.'      8 ? 
# 
loop_
_entity.id 
_entity.type 
_entity.src_method 
_entity.pdbx_description 
_entity.formula_weight 
_entity.pdbx_number_of_molecules 
_entity.pdbx_ec 
_entity.pdbx_mutation 
_entity.pdbx_fragment 
_entity.details 
1 polymer     man 'Glycoprotein C'                16121.222 1  ? C316S Ectodomain ? 
2 non-polymer syn '(4S)-2-METHYL-2,4-PENTANEDIOL' 118.174   3  ? ?     ?          ? 
3 non-polymer syn 'CHLORIDE ION'                  35.453    1  ? ?     ?          ? 
4 non-polymer syn 'URANYL (VI) ION'               270.028   1  ? ?     ?          ? 
5 water       nat water                           18.015    91 ? ?     ?          ? 
# 
_entity_name_com.entity_id   1 
_entity_name_com.name        'Arenavirus Glycoprotein 2' 
# 
_entity_poly.entity_id                      1 
_entity_poly.type                           'polypeptide(L)' 
_entity_poly.nstd_linkage                   no 
_entity_poly.nstd_monomer                   no 
_entity_poly.pdbx_seq_one_letter_code       
;HHHHHHIEGRDEEFSDMLRLIDYNKAALSKFKQDVESALHVFKTTVNSLISDQLLMRNHLRDLMGVPYCNYSKFWYLEHA
KTGETSVPKCWLVTNGSYLNETHFSDQIEQEADNMITEMLRKDYIKRQGSTPLALMD
;
_entity_poly.pdbx_seq_one_letter_code_can   
;HHHHHHIEGRDEEFSDMLRLIDYNKAALSKFKQDVESALHVFKTTVNSLISDQLLMRNHLRDLMGVPYCNYSKFWYLEHA
KTGETSVPKCWLVTNGSYLNETHFSDQIEQEADNMITEMLRKDYIKRQGSTPLALMD
;
_entity_poly.pdbx_strand_id                 A 
_entity_poly.pdbx_target_identifier         ? 
# 
loop_
_pdbx_entity_nonpoly.entity_id 
_pdbx_entity_nonpoly.name 
_pdbx_entity_nonpoly.comp_id 
2 '(4S)-2-METHYL-2,4-PENTANEDIOL' MPD 
3 'CHLORIDE ION'                  CL  
4 'URANYL (VI) ION'               IUM 
5 water                           HOH 
# 
loop_
_entity_poly_seq.entity_id 
_entity_poly_seq.num 
_entity_poly_seq.mon_id 
_entity_poly_seq.hetero 
1 1   HIS n 
1 2   HIS n 
1 3   HIS n 
1 4   HIS n 
1 5   HIS n 
1 6   HIS n 
1 7   ILE n 
1 8   GLU n 
1 9   GLY n 
1 10  ARG n 
1 11  ASP n 
1 12  GLU n 
1 13  GLU n 
1 14  PHE n 
1 15  SER n 
1 16  ASP n 
1 17  MET n 
1 18  LEU n 
1 19  ARG n 
1 20  LEU n 
1 21  ILE n 
1 22  ASP n 
1 23  TYR n 
1 24  ASN n 
1 25  LYS n 
1 26  ALA n 
1 27  ALA n 
1 28  LEU n 
1 29  SER n 
1 30  LYS n 
1 31  PHE n 
1 32  LYS n 
1 33  GLN n 
1 34  ASP n 
1 35  VAL n 
1 36  GLU n 
1 37  SER n 
1 38  ALA n 
1 39  LEU n 
1 40  HIS n 
1 41  VAL n 
1 42  PHE n 
1 43  LYS n 
1 44  THR n 
1 45  THR n 
1 46  VAL n 
1 47  ASN n 
1 48  SER n 
1 49  LEU n 
1 50  ILE n 
1 51  SER n 
1 52  ASP n 
1 53  GLN n 
1 54  LEU n 
1 55  LEU n 
1 56  MET n 
1 57  ARG n 
1 58  ASN n 
1 59  HIS n 
1 60  LEU n 
1 61  ARG n 
1 62  ASP n 
1 63  LEU n 
1 64  MET n 
1 65  GLY n 
1 66  VAL n 
1 67  PRO n 
1 68  TYR n 
1 69  CYS n 
1 70  ASN n 
1 71  TYR n 
1 72  SER n 
1 73  LYS n 
1 74  PHE n 
1 75  TRP n 
1 76  TYR n 
1 77  LEU n 
1 78  GLU n 
1 79  HIS n 
1 80  ALA n 
1 81  LYS n 
1 82  THR n 
1 83  GLY n 
1 84  GLU n 
1 85  THR n 
1 86  SER n 
1 87  VAL n 
1 88  PRO n 
1 89  LYS n 
1 90  CYS n 
1 91  TRP n 
1 92  LEU n 
1 93  VAL n 
1 94  THR n 
1 95  ASN n 
1 96  GLY n 
1 97  SER n 
1 98  TYR n 
1 99  LEU n 
1 100 ASN n 
1 101 GLU n 
1 102 THR n 
1 103 HIS n 
1 104 PHE n 
1 105 SER n 
1 106 ASP n 
1 107 GLN n 
1 108 ILE n 
1 109 GLU n 
1 110 GLN n 
1 111 GLU n 
1 112 ALA n 
1 113 ASP n 
1 114 ASN n 
1 115 MET n 
1 116 ILE n 
1 117 THR n 
1 118 GLU n 
1 119 MET n 
1 120 LEU n 
1 121 ARG n 
1 122 LYS n 
1 123 ASP n 
1 124 TYR n 
1 125 ILE n 
1 126 LYS n 
1 127 ARG n 
1 128 GLN n 
1 129 GLY n 
1 130 SER n 
1 131 THR n 
1 132 PRO n 
1 133 LEU n 
1 134 ALA n 
1 135 LEU n 
1 136 MET n 
1 137 ASP n 
# 
_entity_src_gen.entity_id                          1 
_entity_src_gen.pdbx_src_id                        1 
_entity_src_gen.pdbx_alt_source_flag               sample 
_entity_src_gen.pdbx_seq_type                      ? 
_entity_src_gen.pdbx_beg_seq_num                   ? 
_entity_src_gen.pdbx_end_seq_num                   ? 
_entity_src_gen.gene_src_common_name               ? 
_entity_src_gen.gene_src_genus                     ? 
_entity_src_gen.pdbx_gene_src_gene                 lcmv-GP 
_entity_src_gen.gene_src_species                   ? 
_entity_src_gen.gene_src_strain                    WE-HPI 
_entity_src_gen.gene_src_tissue                    ? 
_entity_src_gen.gene_src_tissue_fraction           ? 
_entity_src_gen.gene_src_details                   ? 
_entity_src_gen.pdbx_gene_src_fragment             ? 
_entity_src_gen.pdbx_gene_src_scientific_name      'Lymphocytic choriomeningitis virus' 
_entity_src_gen.pdbx_gene_src_ncbi_taxonomy_id     11623 
_entity_src_gen.pdbx_gene_src_variant              ? 
_entity_src_gen.pdbx_gene_src_cell_line            ? 
_entity_src_gen.pdbx_gene_src_atcc                 ? 
_entity_src_gen.pdbx_gene_src_organ                ? 
_entity_src_gen.pdbx_gene_src_organelle            ? 
_entity_src_gen.pdbx_gene_src_cell                 ? 
_entity_src_gen.pdbx_gene_src_cellular_location    ? 
_entity_src_gen.host_org_common_name               ? 
_entity_src_gen.pdbx_host_org_scientific_name      'Escherichia coli' 
_entity_src_gen.pdbx_host_org_ncbi_taxonomy_id     562 
_entity_src_gen.host_org_genus                     ? 
_entity_src_gen.pdbx_host_org_gene                 ? 
_entity_src_gen.pdbx_host_org_organ                ? 
_entity_src_gen.host_org_species                   ? 
_entity_src_gen.pdbx_host_org_tissue               ? 
_entity_src_gen.pdbx_host_org_tissue_fraction      ? 
_entity_src_gen.pdbx_host_org_strain               'Rosetta-gami (DE3)' 
_entity_src_gen.pdbx_host_org_variant              ? 
_entity_src_gen.pdbx_host_org_cell_line            ? 
_entity_src_gen.pdbx_host_org_atcc                 ? 
_entity_src_gen.pdbx_host_org_culture_collection   ? 
_entity_src_gen.pdbx_host_org_cell                 ? 
_entity_src_gen.pdbx_host_org_organelle            ? 
_entity_src_gen.pdbx_host_org_cellular_location    ? 
_entity_src_gen.pdbx_host_org_vector_type          Plasmid 
_entity_src_gen.pdbx_host_org_vector               ? 
_entity_src_gen.host_org_details                   ? 
_entity_src_gen.expression_system_id               ? 
_entity_src_gen.plasmid_name                       pET-19b 
_entity_src_gen.plasmid_details                    ? 
_entity_src_gen.pdbx_description                   ? 
# 
loop_
_chem_comp.id 
_chem_comp.type 
_chem_comp.mon_nstd_flag 
_chem_comp.name 
_chem_comp.pdbx_synonyms 
_chem_comp.formula 
_chem_comp.formula_weight 
ALA 'L-peptide linking' y ALANINE                         ? 'C3 H7 N O2'     89.093  
ARG 'L-peptide linking' y ARGININE                        ? 'C6 H15 N4 O2 1' 175.209 
ASN 'L-peptide linking' y ASPARAGINE                      ? 'C4 H8 N2 O3'    132.118 
ASP 'L-peptide linking' y 'ASPARTIC ACID'                 ? 'C4 H7 N O4'     133.103 
CL  non-polymer         . 'CHLORIDE ION'                  ? 'Cl -1'          35.453  
CYS 'L-peptide linking' y CYSTEINE                        ? 'C3 H7 N O2 S'   121.158 
GLN 'L-peptide linking' y GLUTAMINE                       ? 'C5 H10 N2 O3'   146.144 
GLU 'L-peptide linking' y 'GLUTAMIC ACID'                 ? 'C5 H9 N O4'     147.129 
GLY 'peptide linking'   y GLYCINE                         ? 'C2 H5 N O2'     75.067  
HIS 'L-peptide linking' y HISTIDINE                       ? 'C6 H10 N3 O2 1' 156.162 
HOH non-polymer         . WATER                           ? 'H2 O'           18.015  
ILE 'L-peptide linking' y ISOLEUCINE                      ? 'C6 H13 N O2'    131.173 
IUM non-polymer         . 'URANYL (VI) ION'               ? 'O2 U 2'         270.028 
LEU 'L-peptide linking' y LEUCINE                         ? 'C6 H13 N O2'    131.173 
LYS 'L-peptide linking' y LYSINE                          ? 'C6 H15 N2 O2 1' 147.195 
MET 'L-peptide linking' y METHIONINE                      ? 'C5 H11 N O2 S'  149.211 
MPD non-polymer         . '(4S)-2-METHYL-2,4-PENTANEDIOL' ? 'C6 H14 O2'      118.174 
PHE 'L-peptide linking' y PHENYLALANINE                   ? 'C9 H11 N O2'    165.189 
PRO 'L-peptide linking' y PROLINE                         ? 'C5 H9 N O2'     115.130 
SER 'L-peptide linking' y SERINE                          ? 'C3 H7 N O3'     105.093 
THR 'L-peptide linking' y THREONINE                       ? 'C4 H9 N O3'     119.119 
TRP 'L-peptide linking' y TRYPTOPHAN                      ? 'C11 H12 N2 O2'  204.225 
TYR 'L-peptide linking' y TYROSINE                        ? 'C9 H11 N O3'    181.189 
VAL 'L-peptide linking' y VALINE                          ? 'C5 H11 N O2'    117.146 
# 
loop_
_pdbx_poly_seq_scheme.asym_id 
_pdbx_poly_seq_scheme.entity_id 
_pdbx_poly_seq_scheme.seq_id 
_pdbx_poly_seq_scheme.mon_id 
_pdbx_poly_seq_scheme.ndb_seq_num 
_pdbx_poly_seq_scheme.pdb_seq_num 
_pdbx_poly_seq_scheme.auth_seq_num 
_pdbx_poly_seq_scheme.pdb_mon_id 
_pdbx_poly_seq_scheme.auth_mon_id 
_pdbx_poly_seq_scheme.pdb_strand_id 
_pdbx_poly_seq_scheme.pdb_ins_code 
_pdbx_poly_seq_scheme.hetero 
A 1 1   HIS 1   302 ?   ?   ?   A . n 
A 1 2   HIS 2   303 ?   ?   ?   A . n 
A 1 3   HIS 3   304 ?   ?   ?   A . n 
A 1 4   HIS 4   305 ?   ?   ?   A . n 
A 1 5   HIS 5   306 ?   ?   ?   A . n 
A 1 6   HIS 6   307 ?   ?   ?   A . n 
A 1 7   ILE 7   308 ?   ?   ?   A . n 
A 1 8   GLU 8   309 ?   ?   ?   A . n 
A 1 9   GLY 9   310 ?   ?   ?   A . n 
A 1 10  ARG 10  311 ?   ?   ?   A . n 
A 1 11  ASP 11  312 ?   ?   ?   A . n 
A 1 12  GLU 12  313 313 GLU GLU A . n 
A 1 13  GLU 13  314 314 GLU GLU A . n 
A 1 14  PHE 14  315 315 PHE PHE A . n 
A 1 15  SER 15  316 316 SER SER A . n 
A 1 16  ASP 16  317 317 ASP ASP A . n 
A 1 17  MET 17  318 318 MET MET A . n 
A 1 18  LEU 18  319 319 LEU LEU A . n 
A 1 19  ARG 19  320 320 ARG ARG A . n 
A 1 20  LEU 20  321 321 LEU LEU A . n 
A 1 21  ILE 21  322 322 ILE ILE A . n 
A 1 22  ASP 22  323 323 ASP ASP A . n 
A 1 23  TYR 23  324 324 TYR TYR A . n 
A 1 24  ASN 24  325 325 ASN ASN A . n 
A 1 25  LYS 25  326 326 LYS LYS A . n 
A 1 26  ALA 26  327 327 ALA ALA A . n 
A 1 27  ALA 27  328 328 ALA ALA A . n 
A 1 28  LEU 28  329 329 LEU LEU A . n 
A 1 29  SER 29  330 330 SER SER A . n 
A 1 30  LYS 30  331 331 LYS LYS A . n 
A 1 31  PHE 31  332 332 PHE PHE A . n 
A 1 32  LYS 32  333 333 LYS LYS A . n 
A 1 33  GLN 33  334 334 GLN GLN A . n 
A 1 34  ASP 34  335 335 ASP ASP A . n 
A 1 35  VAL 35  336 336 VAL VAL A . n 
A 1 36  GLU 36  337 337 GLU GLU A . n 
A 1 37  SER 37  338 338 SER SER A . n 
A 1 38  ALA 38  339 339 ALA ALA A . n 
A 1 39  LEU 39  340 340 LEU LEU A . n 
A 1 40  HIS 40  341 341 HIS HIS A . n 
A 1 41  VAL 41  342 342 VAL VAL A . n 
A 1 42  PHE 42  343 343 PHE PHE A . n 
A 1 43  LYS 43  344 344 LYS LYS A . n 
A 1 44  THR 44  345 345 THR THR A . n 
A 1 45  THR 45  346 346 THR THR A . n 
A 1 46  VAL 46  347 347 VAL VAL A . n 
A 1 47  ASN 47  348 348 ASN ASN A . n 
A 1 48  SER 48  349 349 SER SER A . n 
A 1 49  LEU 49  350 350 LEU LEU A . n 
A 1 50  ILE 50  351 351 ILE ILE A . n 
A 1 51  SER 51  352 352 SER SER A . n 
A 1 52  ASP 52  353 353 ASP ASP A . n 
A 1 53  GLN 53  354 354 GLN GLN A . n 
A 1 54  LEU 54  355 355 LEU LEU A . n 
A 1 55  LEU 55  356 356 LEU LEU A . n 
A 1 56  MET 56  357 357 MET MET A . n 
A 1 57  ARG 57  358 358 ARG ARG A . n 
A 1 58  ASN 58  359 359 ASN ASN A . n 
A 1 59  HIS 59  360 360 HIS HIS A . n 
A 1 60  LEU 60  361 361 LEU LEU A . n 
A 1 61  ARG 61  362 362 ARG ARG A . n 
A 1 62  ASP 62  363 363 ASP ASP A . n 
A 1 63  LEU 63  364 364 LEU LEU A . n 
A 1 64  MET 64  365 365 MET MET A . n 
A 1 65  GLY 65  366 366 GLY GLY A . n 
A 1 66  VAL 66  367 367 VAL VAL A . n 
A 1 67  PRO 67  368 368 PRO PRO A . n 
A 1 68  TYR 68  369 369 TYR TYR A . n 
A 1 69  CYS 69  370 370 CYS CYS A . n 
A 1 70  ASN 70  371 371 ASN ASN A . n 
A 1 71  TYR 71  372 372 TYR TYR A . n 
A 1 72  SER 72  373 373 SER SER A . n 
A 1 73  LYS 73  374 374 LYS LYS A . n 
A 1 74  PHE 74  375 375 PHE PHE A . n 
A 1 75  TRP 75  376 376 TRP TRP A . n 
A 1 76  TYR 76  377 377 TYR TYR A . n 
A 1 77  LEU 77  378 378 LEU LEU A . n 
A 1 78  GLU 78  379 379 GLU GLU A . n 
A 1 79  HIS 79  380 380 HIS HIS A . n 
A 1 80  ALA 80  381 381 ALA ALA A . n 
A 1 81  LYS 81  382 ?   ?   ?   A . n 
A 1 82  THR 82  383 ?   ?   ?   A . n 
A 1 83  GLY 83  384 ?   ?   ?   A . n 
A 1 84  GLU 84  385 ?   ?   ?   A . n 
A 1 85  THR 85  386 ?   ?   ?   A . n 
A 1 86  SER 86  387 ?   ?   ?   A . n 
A 1 87  VAL 87  388 ?   ?   ?   A . n 
A 1 88  PRO 88  389 389 PRO PRO A . n 
A 1 89  LYS 89  390 390 LYS LYS A . n 
A 1 90  CYS 90  391 391 CYS CYS A . n 
A 1 91  TRP 91  392 392 TRP TRP A . n 
A 1 92  LEU 92  393 393 LEU LEU A . n 
A 1 93  VAL 93  394 394 VAL VAL A . n 
A 1 94  THR 94  395 395 THR THR A . n 
A 1 95  ASN 95  396 396 ASN ASN A . n 
A 1 96  GLY 96  397 397 GLY GLY A . n 
A 1 97  SER 97  398 398 SER SER A . n 
A 1 98  TYR 98  399 399 TYR TYR A . n 
A 1 99  LEU 99  400 400 LEU LEU A . n 
A 1 100 ASN 100 401 401 ASN ASN A . n 
A 1 101 GLU 101 402 402 GLU GLU A . n 
A 1 102 THR 102 403 403 THR THR A . n 
A 1 103 HIS 103 404 404 HIS HIS A . n 
A 1 104 PHE 104 405 405 PHE PHE A . n 
A 1 105 SER 105 406 406 SER SER A . n 
A 1 106 ASP 106 407 407 ASP ASP A . n 
A 1 107 GLN 107 408 408 GLN GLN A . n 
A 1 108 ILE 108 409 409 ILE ILE A . n 
A 1 109 GLU 109 410 410 GLU GLU A . n 
A 1 110 GLN 110 411 411 GLN GLN A . n 
A 1 111 GLU 111 412 412 GLU GLU A . n 
A 1 112 ALA 112 413 413 ALA ALA A . n 
A 1 113 ASP 113 414 414 ASP ASP A . n 
A 1 114 ASN 114 415 415 ASN ASN A . n 
A 1 115 MET 115 416 416 MET MET A . n 
A 1 116 ILE 116 417 417 ILE ILE A . n 
A 1 117 THR 117 418 418 THR THR A . n 
A 1 118 GLU 118 419 419 GLU GLU A . n 
A 1 119 MET 119 420 420 MET MET A . n 
A 1 120 LEU 120 421 421 LEU LEU A . n 
A 1 121 ARG 121 422 422 ARG ARG A . n 
A 1 122 LYS 122 423 ?   ?   ?   A . n 
A 1 123 ASP 123 424 ?   ?   ?   A . n 
A 1 124 TYR 124 425 ?   ?   ?   A . n 
A 1 125 ILE 125 426 ?   ?   ?   A . n 
A 1 126 LYS 126 427 ?   ?   ?   A . n 
A 1 127 ARG 127 428 ?   ?   ?   A . n 
A 1 128 GLN 128 429 ?   ?   ?   A . n 
A 1 129 GLY 129 430 ?   ?   ?   A . n 
A 1 130 SER 130 431 ?   ?   ?   A . n 
A 1 131 THR 131 432 ?   ?   ?   A . n 
A 1 132 PRO 132 433 ?   ?   ?   A . n 
A 1 133 LEU 133 434 ?   ?   ?   A . n 
A 1 134 ALA 134 435 ?   ?   ?   A . n 
A 1 135 LEU 135 436 ?   ?   ?   A . n 
A 1 136 MET 136 437 ?   ?   ?   A . n 
A 1 137 ASP 137 438 ?   ?   ?   A . n 
# 
loop_
_pdbx_nonpoly_scheme.asym_id 
_pdbx_nonpoly_scheme.entity_id 
_pdbx_nonpoly_scheme.mon_id 
_pdbx_nonpoly_scheme.ndb_seq_num 
_pdbx_nonpoly_scheme.pdb_seq_num 
_pdbx_nonpoly_scheme.auth_seq_num 
_pdbx_nonpoly_scheme.pdb_mon_id 
_pdbx_nonpoly_scheme.auth_mon_id 
_pdbx_nonpoly_scheme.pdb_strand_id 
_pdbx_nonpoly_scheme.pdb_ins_code 
B 2 MPD 1  92 92 MPD MPD A . 
C 2 MPD 1  93 93 MPD MPD A . 
D 2 MPD 1  94 94 MPD MPD A . 
E 3 CL  1  95 95 CL  CL  A . 
F 4 IUM 1  96 96 IUM IUM A . 
G 5 HOH 1  1  1  HOH HOH A . 
G 5 HOH 2  2  2  HOH HOH A . 
G 5 HOH 3  3  3  HOH HOH A . 
G 5 HOH 4  4  4  HOH HOH A . 
G 5 HOH 5  5  5  HOH HOH A . 
G 5 HOH 6  6  6  HOH HOH A . 
G 5 HOH 7  7  7  HOH HOH A . 
G 5 HOH 8  8  8  HOH HOH A . 
G 5 HOH 9  9  9  HOH HOH A . 
G 5 HOH 10 10 10 HOH HOH A . 
G 5 HOH 11 11 11 HOH HOH A . 
G 5 HOH 12 12 12 HOH HOH A . 
G 5 HOH 13 13 13 HOH HOH A . 
G 5 HOH 14 14 14 HOH HOH A . 
G 5 HOH 15 15 15 HOH HOH A . 
G 5 HOH 16 16 16 HOH HOH A . 
G 5 HOH 17 17 17 HOH HOH A . 
G 5 HOH 18 18 18 HOH HOH A . 
G 5 HOH 19 19 19 HOH HOH A . 
G 5 HOH 20 20 20 HOH HOH A . 
G 5 HOH 21 21 21 HOH HOH A . 
G 5 HOH 22 22 22 HOH HOH A . 
G 5 HOH 23 23 23 HOH HOH A . 
G 5 HOH 24 24 24 HOH HOH A . 
G 5 HOH 25 25 25 HOH HOH A . 
G 5 HOH 26 26 26 HOH HOH A . 
G 5 HOH 27 27 27 HOH HOH A . 
G 5 HOH 28 28 28 HOH HOH A . 
G 5 HOH 29 29 29 HOH HOH A . 
G 5 HOH 30 30 30 HOH HOH A . 
G 5 HOH 31 31 31 HOH HOH A . 
G 5 HOH 32 32 32 HOH HOH A . 
G 5 HOH 33 33 33 HOH HOH A . 
G 5 HOH 34 34 34 HOH HOH A . 
G 5 HOH 35 35 35 HOH HOH A . 
G 5 HOH 36 36 36 HOH HOH A . 
G 5 HOH 37 37 37 HOH HOH A . 
G 5 HOH 38 38 38 HOH HOH A . 
G 5 HOH 39 39 39 HOH HOH A . 
G 5 HOH 40 40 40 HOH HOH A . 
G 5 HOH 41 41 41 HOH HOH A . 
G 5 HOH 42 42 42 HOH HOH A . 
G 5 HOH 43 43 43 HOH HOH A . 
G 5 HOH 44 44 44 HOH HOH A . 
G 5 HOH 45 45 45 HOH HOH A . 
G 5 HOH 46 46 46 HOH HOH A . 
G 5 HOH 47 47 47 HOH HOH A . 
G 5 HOH 48 48 48 HOH HOH A . 
G 5 HOH 49 49 49 HOH HOH A . 
G 5 HOH 50 50 50 HOH HOH A . 
G 5 HOH 51 51 51 HOH HOH A . 
G 5 HOH 52 52 52 HOH HOH A . 
G 5 HOH 53 53 53 HOH HOH A . 
G 5 HOH 54 54 54 HOH HOH A . 
G 5 HOH 55 55 55 HOH HOH A . 
G 5 HOH 56 56 56 HOH HOH A . 
G 5 HOH 57 57 57 HOH HOH A . 
G 5 HOH 58 58 58 HOH HOH A . 
G 5 HOH 59 59 59 HOH HOH A . 
G 5 HOH 60 60 60 HOH HOH A . 
G 5 HOH 61 61 61 HOH HOH A . 
G 5 HOH 62 62 62 HOH HOH A . 
G 5 HOH 63 63 63 HOH HOH A . 
G 5 HOH 64 64 64 HOH HOH A . 
G 5 HOH 65 65 65 HOH HOH A . 
G 5 HOH 66 66 66 HOH HOH A . 
G 5 HOH 67 67 67 HOH HOH A . 
G 5 HOH 68 68 68 HOH HOH A . 
G 5 HOH 69 69 69 HOH HOH A . 
G 5 HOH 70 70 70 HOH HOH A . 
G 5 HOH 71 71 71 HOH HOH A . 
G 5 HOH 72 72 72 HOH HOH A . 
G 5 HOH 73 73 73 HOH HOH A . 
G 5 HOH 74 74 74 HOH HOH A . 
G 5 HOH 75 75 75 HOH HOH A . 
G 5 HOH 76 76 76 HOH HOH A . 
G 5 HOH 77 77 77 HOH HOH A . 
G 5 HOH 78 78 78 HOH HOH A . 
G 5 HOH 79 79 79 HOH HOH A . 
G 5 HOH 80 80 80 HOH HOH A . 
G 5 HOH 81 81 81 HOH HOH A . 
G 5 HOH 82 82 82 HOH HOH A . 
G 5 HOH 83 83 83 HOH HOH A . 
G 5 HOH 84 84 84 HOH HOH A . 
G 5 HOH 85 85 85 HOH HOH A . 
G 5 HOH 86 86 86 HOH HOH A . 
G 5 HOH 87 87 87 HOH HOH A . 
G 5 HOH 88 88 88 HOH HOH A . 
G 5 HOH 89 89 89 HOH HOH A . 
G 5 HOH 90 90 90 HOH HOH A . 
G 5 HOH 91 91 91 HOH HOH A . 
# 
loop_
_software.name 
_software.classification 
_software.version 
_software.citation_id 
_software.pdbx_ordinal 
MAR345     'data collection' .     ? 1 
SHARP      phasing           .     ? 2 
BUSTER-TNT refinement        2.7.0 ? 3 
XDS        'data reduction'  .     ? 4 
SCALA      'data scaling'    .     ? 5 
# 
_cell.entry_id           3MKO 
_cell.length_a           52.925 
_cell.length_b           52.925 
_cell.length_c           191.330 
_cell.angle_alpha        90.00 
_cell.angle_beta         90.00 
_cell.angle_gamma        120.00 
_cell.Z_PDB              12 
_cell.pdbx_unique_axis   ? 
_cell.length_a_esd       ? 
_cell.length_b_esd       ? 
_cell.length_c_esd       ? 
_cell.angle_alpha_esd    ? 
_cell.angle_beta_esd     ? 
_cell.angle_gamma_esd    ? 
# 
_symmetry.entry_id                         3MKO 
_symmetry.space_group_name_H-M             'P 63 2 2' 
_symmetry.pdbx_full_space_group_name_H-M   ? 
_symmetry.cell_setting                     ? 
_symmetry.Int_Tables_number                182 
_symmetry.space_group_name_Hall            ? 
# 
_exptl.entry_id          3MKO 
_exptl.method            'X-RAY DIFFRACTION' 
_exptl.crystals_number   1 
# 
_exptl_crystal.id                    1 
_exptl_crystal.density_meas          ? 
_exptl_crystal.density_Matthews      2.40 
_exptl_crystal.density_percent_sol   48.73 
_exptl_crystal.description           ? 
_exptl_crystal.F_000                 ? 
_exptl_crystal.preparation           ? 
# 
_exptl_crystal_grow.crystal_id      1 
_exptl_crystal_grow.method          'VAPOR DIFFUSION, HANGING DROP' 
_exptl_crystal_grow.temp            293 
_exptl_crystal_grow.temp_details    ? 
_exptl_crystal_grow.pH              7.0 
_exptl_crystal_grow.pdbx_details    '15% MPD, 2% PEG 400, 100mM imidazole, pH 7.0, VAPOR DIFFUSION, HANGING DROP, temperature 293K' 
_exptl_crystal_grow.pdbx_pH_range   . 
# 
_diffrn.id                     1 
_diffrn.ambient_temp           100 
_diffrn.ambient_temp_details   ? 
_diffrn.crystal_id             1 
# 
_diffrn_detector.diffrn_id              1 
_diffrn_detector.detector               PIXEL 
_diffrn_detector.type                   'PSI PILATUS 6M' 
_diffrn_detector.pdbx_collection_date   2008-08-02 
_diffrn_detector.details                'Dynamically bendable mirror' 
# 
_diffrn_radiation.diffrn_id                        1 
_diffrn_radiation.wavelength_id                    1 
_diffrn_radiation.pdbx_monochromatic_or_laue_m_l   M 
_diffrn_radiation.monochromator                    'LN2 cooled fixed-exit Si(111) monochromator' 
_diffrn_radiation.pdbx_diffrn_protocol             SAD 
_diffrn_radiation.pdbx_scattering_type             x-ray 
# 
_diffrn_radiation_wavelength.id           1 
_diffrn_radiation_wavelength.wavelength   1.3354 
_diffrn_radiation_wavelength.wt           1.0 
# 
_diffrn_source.diffrn_id                   1 
_diffrn_source.source                      SYNCHROTRON 
_diffrn_source.type                        'SLS BEAMLINE X06SA' 
_diffrn_source.pdbx_synchrotron_site       SLS 
_diffrn_source.pdbx_synchrotron_beamline   X06SA 
_diffrn_source.pdbx_wavelength             ? 
_diffrn_source.pdbx_wavelength_list        1.3354 
# 
_reflns.entry_id                     3MKO 
_reflns.observed_criterion_sigma_I   ? 
_reflns.observed_criterion_sigma_F   ? 
_reflns.d_resolution_low             37.22 
_reflns.d_resolution_high            1.8 
_reflns.number_obs                   13777 
_reflns.number_all                   ? 
_reflns.percent_possible_obs         89.9 
_reflns.pdbx_Rmerge_I_obs            0.061 
_reflns.pdbx_Rsym_value              0.061 
_reflns.pdbx_netI_over_sigmaI        26.9 
_reflns.B_iso_Wilson_estimate        23.16 
_reflns.pdbx_redundancy              13.7 
_reflns.R_free_details               ? 
_reflns.limit_h_max                  ? 
_reflns.limit_h_min                  ? 
_reflns.limit_k_max                  ? 
_reflns.limit_k_min                  ? 
_reflns.limit_l_max                  ? 
_reflns.limit_l_min                  ? 
_reflns.observed_criterion_F_max     ? 
_reflns.observed_criterion_F_min     ? 
_reflns.pdbx_chi_squared             ? 
_reflns.pdbx_scaling_rejects         ? 
_reflns.pdbx_ordinal                 1 
_reflns.pdbx_diffrn_id               1 
# 
_reflns_shell.d_res_high             1.8 
_reflns_shell.d_res_low              1.94 
_reflns_shell.percent_possible_all   88.2 
_reflns_shell.Rmerge_I_obs           0.463 
_reflns_shell.pdbx_Rsym_value        0.463 
_reflns_shell.meanI_over_sigI_obs    2.5 
_reflns_shell.pdbx_redundancy        5.0 
_reflns_shell.percent_possible_obs   ? 
_reflns_shell.number_unique_all      1911 
_reflns_shell.number_measured_all    ? 
_reflns_shell.number_measured_obs    ? 
_reflns_shell.number_unique_obs      ? 
_reflns_shell.pdbx_chi_squared       ? 
_reflns_shell.pdbx_ordinal           1 
_reflns_shell.pdbx_diffrn_id         1 
# 
_refine.entry_id                                 3MKO 
_refine.ls_number_reflns_obs                     13771 
_refine.ls_number_reflns_all                     ? 
_refine.pdbx_ls_sigma_I                          ? 
_refine.pdbx_ls_sigma_F                          0.0 
_refine.pdbx_data_cutoff_high_absF               ? 
_refine.pdbx_data_cutoff_low_absF                ? 
_refine.pdbx_data_cutoff_high_rms_absF           ? 
_refine.ls_d_res_low                             37.22 
_refine.ls_d_res_high                            1.80 
_refine.ls_percent_reflns_obs                    87.91 
_refine.ls_R_factor_obs                          ? 
_refine.ls_R_factor_all                          0.1900 
_refine.ls_R_factor_R_work                       0.1883 
_refine.ls_R_factor_R_free                       0.2222 
_refine.ls_R_factor_R_free_error                 ? 
_refine.ls_R_factor_R_free_error_details         ? 
_refine.ls_percent_reflns_R_free                 5.04 
_refine.ls_number_reflns_R_free                  694 
_refine.ls_number_parameters                     ? 
_refine.ls_number_restraints                     ? 
_refine.occupancy_min                            ? 
_refine.occupancy_max                            ? 
_refine.correlation_coeff_Fo_to_Fc               0.9454 
_refine.correlation_coeff_Fo_to_Fc_free          0.9283 
_refine.B_iso_mean                               27.68 
_refine.aniso_B[1][1]                            -0.2928 
_refine.aniso_B[2][2]                            -0.2928 
_refine.aniso_B[3][3]                            0.5856 
_refine.aniso_B[1][2]                            0.0000 
_refine.aniso_B[1][3]                            0.0000 
_refine.aniso_B[2][3]                            0.0000 
_refine.solvent_model_details                    ? 
_refine.solvent_model_param_ksol                 ? 
_refine.solvent_model_param_bsol                 ? 
_refine.pdbx_solvent_vdw_probe_radii             ? 
_refine.pdbx_solvent_ion_probe_radii             ? 
_refine.pdbx_solvent_shrinkage_radii             ? 
_refine.pdbx_ls_cross_valid_method               THROUGHOUT 
_refine.details                                  
;IDEAL-DIST CONTACT TERM CONTACT SETUP. RESIDUE
TYPES WITHOUT CCP4 ATOM TYPE IN LIBRARY=LG1 NA.
NUMBER OF ATOMS WITH PROPER CCP4 ATOM TYPE=2314.
NUMBER WITH APPROX DEFAULT CCP4 ATOM TYPE=37.
NUMBER TREATED BY BAD NON-BONDED CONTACTS=6.
;
_refine.pdbx_starting_model                      ? 
_refine.pdbx_method_to_determine_struct          SAD 
_refine.pdbx_isotropic_thermal_model             ? 
_refine.pdbx_stereochemistry_target_values       ? 
_refine.pdbx_stereochem_target_val_spec_case     ? 
_refine.pdbx_R_Free_selection_details            RANDOM 
_refine.pdbx_overall_ESU_R_Free                  ? 
_refine.ls_redundancy_reflns_obs                 ? 
_refine.B_iso_min                                ? 
_refine.B_iso_max                                ? 
_refine.overall_SU_R_Cruickshank_DPI             0.113 
_refine.pdbx_overall_SU_R_free_Cruickshank_DPI   0.112 
_refine.pdbx_overall_SU_R_Blow_DPI               0.125 
_refine.pdbx_overall_SU_R_free_Blow_DPI          0.120 
_refine.ls_wR_factor_R_free                      ? 
_refine.ls_wR_factor_R_work                      ? 
_refine.overall_FOM_free_R_set                   ? 
_refine.overall_FOM_work_R_set                   ? 
_refine.pdbx_refine_id                           'X-RAY DIFFRACTION' 
_refine.overall_SU_B                             ? 
_refine.overall_SU_ML                            ? 
_refine.pdbx_overall_phase_error                 ? 
_refine.overall_SU_R_free                        ? 
_refine.pdbx_overall_ESU_R                       ? 
_refine.pdbx_diffrn_id                           1 
_refine.pdbx_TLS_residual_ADP_flag               ? 
# 
_refine_analyze.entry_id                        3MKO 
_refine_analyze.Luzzati_coordinate_error_obs    0.186 
_refine_analyze.Luzzati_sigma_a_obs             ? 
_refine_analyze.Luzzati_d_res_low_obs           ? 
_refine_analyze.Luzzati_coordinate_error_free   0.125 
_refine_analyze.Luzzati_sigma_a_free            0.120 
_refine_analyze.Luzzati_d_res_low_free          ? 
_refine_analyze.number_disordered_residues      ? 
_refine_analyze.occupancy_sum_hydrogen          ? 
_refine_analyze.occupancy_sum_non_hydrogen      ? 
_refine_analyze.pdbx_Luzzati_d_res_high_obs     ? 
_refine_analyze.pdbx_refine_id                  'X-RAY DIFFRACTION' 
# 
_refine_hist.pdbx_refine_id                   'X-RAY DIFFRACTION' 
_refine_hist.cycle_id                         LAST 
_refine_hist.pdbx_number_atoms_protein        854 
_refine_hist.pdbx_number_atoms_nucleic_acid   0 
_refine_hist.pdbx_number_atoms_ligand         28 
_refine_hist.number_atoms_solvent             91 
_refine_hist.number_atoms_total               973 
_refine_hist.d_res_high                       1.80 
_refine_hist.d_res_low                        37.22 
# 
loop_
_refine_ls_restr.type 
_refine_ls_restr.dev_ideal 
_refine_ls_restr.dev_ideal_target 
_refine_ls_restr.weight 
_refine_ls_restr.number 
_refine_ls_restr.pdbx_refine_id 
_refine_ls_restr.pdbx_restraint_function 
t_bond_d                  0.010 ? 2.00  929  'X-RAY DIFFRACTION' HARMONIC     
t_angle_deg               0.99  ? 2.00  1259 'X-RAY DIFFRACTION' HARMONIC     
t_dihedral_angle_d        ?     ? 2.00  328  'X-RAY DIFFRACTION' SINUSOIDAL   
t_incorr_chiral_ct        ?     ? ?     ?    'X-RAY DIFFRACTION' ?            
t_pseud_angle             ?     ? ?     ?    'X-RAY DIFFRACTION' ?            
t_trig_c_planes           ?     ? 2.00  26   'X-RAY DIFFRACTION' HARMONIC     
t_gen_planes              ?     ? 5.00  129  'X-RAY DIFFRACTION' HARMONIC     
t_it                      ?     ? 20.00 929  'X-RAY DIFFRACTION' HARMONIC     
t_nbd                     ?     ? 5.00  3    'X-RAY DIFFRACTION' SEMIHARMONIC 
t_omega_torsion           2.75  ? ?     ?    'X-RAY DIFFRACTION' ?            
t_other_torsion           17.37 ? ?     ?    'X-RAY DIFFRACTION' ?            
t_improper_torsion        ?     ? ?     ?    'X-RAY DIFFRACTION' ?            
t_chiral_improper_torsion ?     ? 5.00  117  'X-RAY DIFFRACTION' SEMIHARMONIC 
t_sum_occupancies         ?     ? ?     ?    'X-RAY DIFFRACTION' ?            
t_utility_distance        ?     ? ?     ?    'X-RAY DIFFRACTION' ?            
t_utility_angle           ?     ? ?     ?    'X-RAY DIFFRACTION' ?            
t_utility_torsion         ?     ? ?     ?    'X-RAY DIFFRACTION' ?            
t_ideal_dist_contact      ?     ? 4.00  1197 'X-RAY DIFFRACTION' SEMIHARMONIC 
# 
_refine_ls_shell.pdbx_total_number_of_bins_used   7 
_refine_ls_shell.d_res_high                       1.80 
_refine_ls_shell.d_res_low                        1.94 
_refine_ls_shell.number_reflns_R_work             2608 
_refine_ls_shell.R_factor_R_work                  0.1940 
_refine_ls_shell.percent_reflns_obs               87.91 
_refine_ls_shell.R_factor_R_free                  0.2160 
_refine_ls_shell.R_factor_R_free_error            ? 
_refine_ls_shell.percent_reflns_R_free            5.71 
_refine_ls_shell.number_reflns_R_free             158 
_refine_ls_shell.number_reflns_all                2766 
_refine_ls_shell.R_factor_all                     0.1953 
_refine_ls_shell.number_reflns_obs                ? 
_refine_ls_shell.redundancy_reflns_obs            ? 
_refine_ls_shell.pdbx_refine_id                   'X-RAY DIFFRACTION' 
# 
_struct.entry_id                  3MKO 
_struct.title                     
'Crystal Structure of the Lymphocytic Choriomeningitis Virus Membrane Fusion Glycoprotein GP2 in its Postfusion Conformation' 
_struct.pdbx_model_details        ? 
_struct.pdbx_CASP_flag            ? 
_struct.pdbx_model_type_details   ? 
# 
_struct_keywords.entry_id        3MKO 
_struct_keywords.pdbx_keywords   'VIRAL PROTEIN' 
_struct_keywords.text            'Trimeric coiled-coil, VIRAL PROTEIN' 
# 
loop_
_struct_asym.id 
_struct_asym.pdbx_blank_PDB_chainid_flag 
_struct_asym.pdbx_modified 
_struct_asym.entity_id 
_struct_asym.details 
A N N 1 ? 
B N N 2 ? 
C N N 2 ? 
D N N 2 ? 
E N N 3 ? 
F N N 4 ? 
G N N 5 ? 
# 
_struct_ref.id                         1 
_struct_ref.db_name                    UNP 
_struct_ref.db_code                    Q9ICW1_9VIRU 
_struct_ref.pdbx_db_accession          Q9ICW1 
_struct_ref.entity_id                  1 
_struct_ref.pdbx_seq_one_letter_code   
;DEEFCDMLRLIDYNKAALSKFKQDVESALHVFKTTVNSLISDQLLMRNHLRDLMGVPYCNYSKFWYLEHAKTGETSVPKC
WLVTNGSYLNETHFSDQIEQEADNMITEMLRKDYIKRQGSTPLALMD
;
_struct_ref.pdbx_align_begin           312 
_struct_ref.pdbx_db_isoform            ? 
# 
_struct_ref_seq.align_id                      1 
_struct_ref_seq.ref_id                        1 
_struct_ref_seq.pdbx_PDB_id_code              3MKO 
_struct_ref_seq.pdbx_strand_id                A 
_struct_ref_seq.seq_align_beg                 11 
_struct_ref_seq.pdbx_seq_align_beg_ins_code   ? 
_struct_ref_seq.seq_align_end                 137 
_struct_ref_seq.pdbx_seq_align_end_ins_code   ? 
_struct_ref_seq.pdbx_db_accession             Q9ICW1 
_struct_ref_seq.db_align_beg                  312 
_struct_ref_seq.pdbx_db_align_beg_ins_code    ? 
_struct_ref_seq.db_align_end                  438 
_struct_ref_seq.pdbx_db_align_end_ins_code    ? 
_struct_ref_seq.pdbx_auth_seq_align_beg       312 
_struct_ref_seq.pdbx_auth_seq_align_end       438 
# 
loop_
_struct_ref_seq_dif.align_id 
_struct_ref_seq_dif.pdbx_pdb_id_code 
_struct_ref_seq_dif.mon_id 
_struct_ref_seq_dif.pdbx_pdb_strand_id 
_struct_ref_seq_dif.seq_num 
_struct_ref_seq_dif.pdbx_pdb_ins_code 
_struct_ref_seq_dif.pdbx_seq_db_name 
_struct_ref_seq_dif.pdbx_seq_db_accession_code 
_struct_ref_seq_dif.db_mon_id 
_struct_ref_seq_dif.pdbx_seq_db_seq_num 
_struct_ref_seq_dif.details 
_struct_ref_seq_dif.pdbx_auth_seq_num 
_struct_ref_seq_dif.pdbx_ordinal 
1 3MKO HIS A 1  ? UNP Q9ICW1 ?   ?   'expression tag'      302 1  
1 3MKO HIS A 2  ? UNP Q9ICW1 ?   ?   'expression tag'      303 2  
1 3MKO HIS A 3  ? UNP Q9ICW1 ?   ?   'expression tag'      304 3  
1 3MKO HIS A 4  ? UNP Q9ICW1 ?   ?   'expression tag'      305 4  
1 3MKO HIS A 5  ? UNP Q9ICW1 ?   ?   'expression tag'      306 5  
1 3MKO HIS A 6  ? UNP Q9ICW1 ?   ?   'expression tag'      307 6  
1 3MKO ILE A 7  ? UNP Q9ICW1 ?   ?   'SEE REMARK 999'      308 7  
1 3MKO GLU A 8  ? UNP Q9ICW1 ?   ?   'SEE REMARK 999'      309 8  
1 3MKO GLY A 9  ? UNP Q9ICW1 ?   ?   'SEE REMARK 999'      310 9  
1 3MKO ARG A 10 ? UNP Q9ICW1 ?   ?   'SEE REMARK 999'      311 10 
1 3MKO SER A 15 ? UNP Q9ICW1 CYS 316 'engineered mutation' 316 11 
# 
_pdbx_struct_assembly.id                   1 
_pdbx_struct_assembly.details              author_and_software_defined_assembly 
_pdbx_struct_assembly.method_details       PISA 
_pdbx_struct_assembly.oligomeric_details   trimeric 
_pdbx_struct_assembly.oligomeric_count     3 
# 
loop_
_pdbx_struct_assembly_prop.biol_id 
_pdbx_struct_assembly_prop.type 
_pdbx_struct_assembly_prop.value 
_pdbx_struct_assembly_prop.details 
1 'ABSA (A^2)' 10830 ? 
1 MORE         -118  ? 
1 'SSA (A^2)'  17410 ? 
# 
_pdbx_struct_assembly_gen.assembly_id       1 
_pdbx_struct_assembly_gen.oper_expression   1,2,3 
_pdbx_struct_assembly_gen.asym_id_list      A,B,C,D,E,F,G 
# 
loop_
_pdbx_struct_oper_list.id 
_pdbx_struct_oper_list.type 
_pdbx_struct_oper_list.name 
_pdbx_struct_oper_list.symmetry_operation 
_pdbx_struct_oper_list.matrix[1][1] 
_pdbx_struct_oper_list.matrix[1][2] 
_pdbx_struct_oper_list.matrix[1][3] 
_pdbx_struct_oper_list.vector[1] 
_pdbx_struct_oper_list.matrix[2][1] 
_pdbx_struct_oper_list.matrix[2][2] 
_pdbx_struct_oper_list.matrix[2][3] 
_pdbx_struct_oper_list.vector[2] 
_pdbx_struct_oper_list.matrix[3][1] 
_pdbx_struct_oper_list.matrix[3][2] 
_pdbx_struct_oper_list.matrix[3][3] 
_pdbx_struct_oper_list.vector[3] 
1 'identity operation'         1_555 x,y,z       1.0000000000  0.0000000000  0.0000000000  0.0000000000   0.0000000000  1.0000000000  0.0000000000 0.0000000000  0.0000000000  0.0000000000 1.0000000000 0.0000000000  
2 'crystal symmetry operation' 2_565 -y,x-y+1,z  -0.4945297454 -0.8297127695 0.2588765170  -11.5631874644 0.7581850027  -0.2661799220 0.5952341983 1.6993466469  -0.4249656840 0.4906373093 0.7607096674 -1.4935208225 
3 'crystal symmetry operation' 3_455 -x+y-1,-x,z -0.4945297454 0.7581850027  -0.4249656840 -7.6414543920  -0.8297127695 -0.2661799220 0.4906373093 -8.4090152995 0.2588765170  0.5952341983 0.7607096674 3.1180641861 
# 
_struct_biol.id        1 
_struct_biol.details   ? 
# 
loop_
_struct_conf.conf_type_id 
_struct_conf.id 
_struct_conf.pdbx_PDB_helix_id 
_struct_conf.beg_label_comp_id 
_struct_conf.beg_label_asym_id 
_struct_conf.beg_label_seq_id 
_struct_conf.pdbx_beg_PDB_ins_code 
_struct_conf.end_label_comp_id 
_struct_conf.end_label_asym_id 
_struct_conf.end_label_seq_id 
_struct_conf.pdbx_end_PDB_ins_code 
_struct_conf.beg_auth_comp_id 
_struct_conf.beg_auth_asym_id 
_struct_conf.beg_auth_seq_id 
_struct_conf.end_auth_comp_id 
_struct_conf.end_auth_asym_id 
_struct_conf.end_auth_seq_id 
_struct_conf.pdbx_PDB_helix_class 
_struct_conf.details 
_struct_conf.pdbx_PDB_helix_length 
HELX_P HELX_P1 1 GLU A 12  ? HIS A 59  ? GLU A 313 HIS A 360 1 ? 48 
HELX_P HELX_P2 2 LEU A 60  ? MET A 64  ? LEU A 361 MET A 365 5 ? 5  
HELX_P HELX_P3 3 SER A 72  ? ALA A 80  ? SER A 373 ALA A 381 1 ? 9  
HELX_P HELX_P4 4 ASP A 106 ? LEU A 120 ? ASP A 407 LEU A 421 1 ? 15 
# 
_struct_conf_type.id          HELX_P 
_struct_conf_type.criteria    ? 
_struct_conf_type.reference   ? 
# 
_struct_conn.id                            disulf1 
_struct_conn.conn_type_id                  disulf 
_struct_conn.pdbx_leaving_atom_flag        ? 
_struct_conn.pdbx_PDB_id                   ? 
_struct_conn.ptnr1_label_asym_id           A 
_struct_conn.ptnr1_label_comp_id           CYS 
_struct_conn.ptnr1_label_seq_id            69 
_struct_conn.ptnr1_label_atom_id           SG 
_struct_conn.pdbx_ptnr1_label_alt_id       ? 
_struct_conn.pdbx_ptnr1_PDB_ins_code       ? 
_struct_conn.pdbx_ptnr1_standard_comp_id   ? 
_struct_conn.ptnr1_symmetry                1_555 
_struct_conn.ptnr2_label_asym_id           A 
_struct_conn.ptnr2_label_comp_id           CYS 
_struct_conn.ptnr2_label_seq_id            90 
_struct_conn.ptnr2_label_atom_id           SG 
_struct_conn.pdbx_ptnr2_label_alt_id       ? 
_struct_conn.pdbx_ptnr2_PDB_ins_code       ? 
_struct_conn.ptnr1_auth_asym_id            A 
_struct_conn.ptnr1_auth_comp_id            CYS 
_struct_conn.ptnr1_auth_seq_id             370 
_struct_conn.ptnr2_auth_asym_id            A 
_struct_conn.ptnr2_auth_comp_id            CYS 
_struct_conn.ptnr2_auth_seq_id             391 
_struct_conn.ptnr2_symmetry                1_555 
_struct_conn.pdbx_ptnr3_label_atom_id      ? 
_struct_conn.pdbx_ptnr3_label_seq_id       ? 
_struct_conn.pdbx_ptnr3_label_comp_id      ? 
_struct_conn.pdbx_ptnr3_label_asym_id      ? 
_struct_conn.pdbx_ptnr3_label_alt_id       ? 
_struct_conn.pdbx_ptnr3_PDB_ins_code       ? 
_struct_conn.details                       ? 
_struct_conn.pdbx_dist_value               2.040 
_struct_conn.pdbx_value_order              ? 
_struct_conn.pdbx_role                     ? 
# 
_struct_conn_type.id          disulf 
_struct_conn_type.criteria    ? 
_struct_conn_type.reference   ? 
# 
_pdbx_modification_feature.ordinal                            1 
_pdbx_modification_feature.label_comp_id                      CYS 
_pdbx_modification_feature.label_asym_id                      A 
_pdbx_modification_feature.label_seq_id                       69 
_pdbx_modification_feature.label_alt_id                       ? 
_pdbx_modification_feature.modified_residue_label_comp_id     CYS 
_pdbx_modification_feature.modified_residue_label_asym_id     A 
_pdbx_modification_feature.modified_residue_label_seq_id      90 
_pdbx_modification_feature.modified_residue_label_alt_id      ? 
_pdbx_modification_feature.auth_comp_id                       CYS 
_pdbx_modification_feature.auth_asym_id                       A 
_pdbx_modification_feature.auth_seq_id                        370 
_pdbx_modification_feature.PDB_ins_code                       ? 
_pdbx_modification_feature.symmetry                           1_555 
_pdbx_modification_feature.modified_residue_auth_comp_id      CYS 
_pdbx_modification_feature.modified_residue_auth_asym_id      A 
_pdbx_modification_feature.modified_residue_auth_seq_id       391 
_pdbx_modification_feature.modified_residue_PDB_ins_code      ? 
_pdbx_modification_feature.modified_residue_symmetry          1_555 
_pdbx_modification_feature.comp_id_linking_atom               SG 
_pdbx_modification_feature.modified_residue_id_linking_atom   SG 
_pdbx_modification_feature.modified_residue_id                . 
_pdbx_modification_feature.ref_pcm_id                         . 
_pdbx_modification_feature.ref_comp_id                        . 
_pdbx_modification_feature.type                               None 
_pdbx_modification_feature.category                           'Disulfide bridge' 
# 
_struct_mon_prot_cis.pdbx_id                1 
_struct_mon_prot_cis.label_comp_id          PRO 
_struct_mon_prot_cis.label_seq_id           88 
_struct_mon_prot_cis.label_asym_id          A 
_struct_mon_prot_cis.label_alt_id           . 
_struct_mon_prot_cis.pdbx_PDB_ins_code      ? 
_struct_mon_prot_cis.auth_comp_id           PRO 
_struct_mon_prot_cis.auth_seq_id            389 
_struct_mon_prot_cis.auth_asym_id           A 
_struct_mon_prot_cis.pdbx_label_comp_id_2   LYS 
_struct_mon_prot_cis.pdbx_label_seq_id_2    89 
_struct_mon_prot_cis.pdbx_label_asym_id_2   A 
_struct_mon_prot_cis.pdbx_PDB_ins_code_2    ? 
_struct_mon_prot_cis.pdbx_auth_comp_id_2    LYS 
_struct_mon_prot_cis.pdbx_auth_seq_id_2     390 
_struct_mon_prot_cis.pdbx_auth_asym_id_2    A 
_struct_mon_prot_cis.pdbx_PDB_model_num     1 
_struct_mon_prot_cis.pdbx_omega_angle       -0.24 
# 
loop_
_struct_site.id 
_struct_site.pdbx_evidence_code 
_struct_site.pdbx_auth_asym_id 
_struct_site.pdbx_auth_comp_id 
_struct_site.pdbx_auth_seq_id 
_struct_site.pdbx_auth_ins_code 
_struct_site.pdbx_num_residues 
_struct_site.details 
AC1 Software A MPD 92 ? 4 'BINDING SITE FOR RESIDUE MPD A 92' 
AC2 Software A MPD 93 ? 8 'BINDING SITE FOR RESIDUE MPD A 93' 
AC3 Software A MPD 94 ? 7 'BINDING SITE FOR RESIDUE MPD A 94' 
AC4 Software A CL  95 ? 3 'BINDING SITE FOR RESIDUE CL A 95'  
AC5 Software A IUM 96 ? 7 'BINDING SITE FOR RESIDUE IUM A 96' 
# 
loop_
_struct_site_gen.id 
_struct_site_gen.site_id 
_struct_site_gen.pdbx_num_res 
_struct_site_gen.label_comp_id 
_struct_site_gen.label_asym_id 
_struct_site_gen.label_seq_id 
_struct_site_gen.pdbx_auth_ins_code 
_struct_site_gen.auth_comp_id 
_struct_site_gen.auth_asym_id 
_struct_site_gen.auth_seq_id 
_struct_site_gen.label_atom_id 
_struct_site_gen.label_alt_id 
_struct_site_gen.symmetry 
_struct_site_gen.details 
1  AC1 4 HOH G .   ? HOH A 50  . ? 1_555  ? 
2  AC1 4 ALA A 38  ? ALA A 339 . ? 2_565  ? 
3  AC1 4 GLU A 101 ? GLU A 402 . ? 1_555  ? 
4  AC1 4 THR A 102 ? THR A 403 . ? 1_555  ? 
5  AC2 8 HOH G .   ? HOH A 21  . ? 1_555  ? 
6  AC2 8 SER A 48  ? SER A 349 . ? 2_565  ? 
7  AC2 8 TYR A 71  ? TYR A 372 . ? 1_555  ? 
8  AC2 8 SER A 72  ? SER A 373 . ? 1_555  ? 
9  AC2 8 LYS A 73  ? LYS A 374 . ? 1_555  ? 
10 AC2 8 TYR A 76  ? TYR A 377 . ? 1_555  ? 
11 AC2 8 LEU A 92  ? LEU A 393 . ? 1_555  ? 
12 AC2 8 SER A 97  ? SER A 398 . ? 1_555  ? 
13 AC3 7 LEU A 18  ? LEU A 319 . ? 8_565  ? 
14 AC3 7 LEU A 20  ? LEU A 321 . ? 9_455  ? 
15 AC3 7 ASP A 22  ? ASP A 323 . ? 8_565  ? 
16 AC3 7 ASN A 70  ? ASN A 371 . ? 1_555  ? 
17 AC3 7 TYR A 71  ? TYR A 372 . ? 1_555  ? 
18 AC3 7 SER A 72  ? SER A 373 . ? 1_555  ? 
19 AC3 7 TRP A 75  ? TRP A 376 . ? 1_555  ? 
20 AC4 3 ASN A 24  ? ASN A 325 . ? 1_555  ? 
21 AC4 3 ASN A 24  ? ASN A 325 . ? 2_565  ? 
22 AC4 3 ASN A 24  ? ASN A 325 . ? 3_455  ? 
23 AC5 7 HOH G .   ? HOH A 87  . ? 1_555  ? 
24 AC5 7 HOH G .   ? HOH A 87  . ? 3_455  ? 
25 AC5 7 ARG A 61  ? ARG A 362 . ? 11_454 ? 
26 AC5 7 ARG A 61  ? ARG A 362 . ? 3_455  ? 
27 AC5 7 ARG A 61  ? ARG A 362 . ? 12_564 ? 
28 AC5 7 ARG A 61  ? ARG A 362 . ? 1_555  ? 
29 AC5 7 ARG A 61  ? ARG A 362 . ? 10_554 ? 
# 
_pdbx_entry_details.entry_id                   3MKO 
_pdbx_entry_details.nonpolymer_details         ? 
_pdbx_entry_details.sequence_details           'THESE FOUR RESIDUES CORRESPOND TO A PROTEASE (FACTOR XA) CLEAVAGE SITE' 
_pdbx_entry_details.compound_details           ? 
_pdbx_entry_details.source_details             ? 
_pdbx_entry_details.has_ligand_of_interest     ? 
_pdbx_entry_details.has_protein_modification   Y 
# 
_pdbx_validate_close_contact.id               1 
_pdbx_validate_close_contact.PDB_model_num    1 
_pdbx_validate_close_contact.auth_atom_id_1   O1 
_pdbx_validate_close_contact.auth_asym_id_1   A 
_pdbx_validate_close_contact.auth_comp_id_1   IUM 
_pdbx_validate_close_contact.auth_seq_id_1    96 
_pdbx_validate_close_contact.PDB_ins_code_1   ? 
_pdbx_validate_close_contact.label_alt_id_1   ? 
_pdbx_validate_close_contact.auth_atom_id_2   O 
_pdbx_validate_close_contact.auth_asym_id_2   A 
_pdbx_validate_close_contact.auth_comp_id_2   HOH 
_pdbx_validate_close_contact.auth_seq_id_2    87 
_pdbx_validate_close_contact.PDB_ins_code_2   ? 
_pdbx_validate_close_contact.label_alt_id_2   ? 
_pdbx_validate_close_contact.dist             2.05 
# 
loop_
_pdbx_validate_torsion.id 
_pdbx_validate_torsion.PDB_model_num 
_pdbx_validate_torsion.auth_comp_id 
_pdbx_validate_torsion.auth_asym_id 
_pdbx_validate_torsion.auth_seq_id 
_pdbx_validate_torsion.PDB_ins_code 
_pdbx_validate_torsion.label_alt_id 
_pdbx_validate_torsion.phi 
_pdbx_validate_torsion.psi 
1 1 LYS A 390 ? ? 134.86 -100.58 
2 1 LEU A 421 ? ? -66.91 17.44   
# 
loop_
_pdbx_struct_special_symmetry.id 
_pdbx_struct_special_symmetry.PDB_model_num 
_pdbx_struct_special_symmetry.auth_asym_id 
_pdbx_struct_special_symmetry.auth_comp_id 
_pdbx_struct_special_symmetry.auth_seq_id 
_pdbx_struct_special_symmetry.PDB_ins_code 
_pdbx_struct_special_symmetry.label_asym_id 
_pdbx_struct_special_symmetry.label_comp_id 
_pdbx_struct_special_symmetry.label_seq_id 
1 1 A CL  95 ? E CL  . 
2 1 A IUM 96 ? F IUM . 
3 1 A HOH 68 ? G HOH . 
# 
loop_
_pdbx_unobs_or_zero_occ_residues.id 
_pdbx_unobs_or_zero_occ_residues.PDB_model_num 
_pdbx_unobs_or_zero_occ_residues.polymer_flag 
_pdbx_unobs_or_zero_occ_residues.occupancy_flag 
_pdbx_unobs_or_zero_occ_residues.auth_asym_id 
_pdbx_unobs_or_zero_occ_residues.auth_comp_id 
_pdbx_unobs_or_zero_occ_residues.auth_seq_id 
_pdbx_unobs_or_zero_occ_residues.PDB_ins_code 
_pdbx_unobs_or_zero_occ_residues.label_asym_id 
_pdbx_unobs_or_zero_occ_residues.label_comp_id 
_pdbx_unobs_or_zero_occ_residues.label_seq_id 
1  1 Y 1 A HIS 302 ? A HIS 1   
2  1 Y 1 A HIS 303 ? A HIS 2   
3  1 Y 1 A HIS 304 ? A HIS 3   
4  1 Y 1 A HIS 305 ? A HIS 4   
5  1 Y 1 A HIS 306 ? A HIS 5   
6  1 Y 1 A HIS 307 ? A HIS 6   
7  1 Y 1 A ILE 308 ? A ILE 7   
8  1 Y 1 A GLU 309 ? A GLU 8   
9  1 Y 1 A GLY 310 ? A GLY 9   
10 1 Y 1 A ARG 311 ? A ARG 10  
11 1 Y 1 A ASP 312 ? A ASP 11  
12 1 Y 1 A LYS 382 ? A LYS 81  
13 1 Y 1 A THR 383 ? A THR 82  
14 1 Y 1 A GLY 384 ? A GLY 83  
15 1 Y 1 A GLU 385 ? A GLU 84  
16 1 Y 1 A THR 386 ? A THR 85  
17 1 Y 1 A SER 387 ? A SER 86  
18 1 Y 1 A VAL 388 ? A VAL 87  
19 1 Y 1 A LYS 423 ? A LYS 122 
20 1 Y 1 A ASP 424 ? A ASP 123 
21 1 Y 1 A TYR 425 ? A TYR 124 
22 1 Y 1 A ILE 426 ? A ILE 125 
23 1 Y 1 A LYS 427 ? A LYS 126 
24 1 Y 1 A ARG 428 ? A ARG 127 
25 1 Y 1 A GLN 429 ? A GLN 128 
26 1 Y 1 A GLY 430 ? A GLY 129 
27 1 Y 1 A SER 431 ? A SER 130 
28 1 Y 1 A THR 432 ? A THR 131 
29 1 Y 1 A PRO 433 ? A PRO 132 
30 1 Y 1 A LEU 434 ? A LEU 133 
31 1 Y 1 A ALA 435 ? A ALA 134 
32 1 Y 1 A LEU 436 ? A LEU 135 
33 1 Y 1 A MET 437 ? A MET 136 
34 1 Y 1 A ASP 438 ? A ASP 137 
# 
loop_
_chem_comp_atom.comp_id 
_chem_comp_atom.atom_id 
_chem_comp_atom.type_symbol 
_chem_comp_atom.pdbx_aromatic_flag 
_chem_comp_atom.pdbx_stereo_config 
_chem_comp_atom.pdbx_ordinal 
ALA N    N  N N 1   
ALA CA   C  N S 2   
ALA C    C  N N 3   
ALA O    O  N N 4   
ALA CB   C  N N 5   
ALA OXT  O  N N 6   
ALA H    H  N N 7   
ALA H2   H  N N 8   
ALA HA   H  N N 9   
ALA HB1  H  N N 10  
ALA HB2  H  N N 11  
ALA HB3  H  N N 12  
ALA HXT  H  N N 13  
ARG N    N  N N 14  
ARG CA   C  N S 15  
ARG C    C  N N 16  
ARG O    O  N N 17  
ARG CB   C  N N 18  
ARG CG   C  N N 19  
ARG CD   C  N N 20  
ARG NE   N  N N 21  
ARG CZ   C  N N 22  
ARG NH1  N  N N 23  
ARG NH2  N  N N 24  
ARG OXT  O  N N 25  
ARG H    H  N N 26  
ARG H2   H  N N 27  
ARG HA   H  N N 28  
ARG HB2  H  N N 29  
ARG HB3  H  N N 30  
ARG HG2  H  N N 31  
ARG HG3  H  N N 32  
ARG HD2  H  N N 33  
ARG HD3  H  N N 34  
ARG HE   H  N N 35  
ARG HH11 H  N N 36  
ARG HH12 H  N N 37  
ARG HH21 H  N N 38  
ARG HH22 H  N N 39  
ARG HXT  H  N N 40  
ASN N    N  N N 41  
ASN CA   C  N S 42  
ASN C    C  N N 43  
ASN O    O  N N 44  
ASN CB   C  N N 45  
ASN CG   C  N N 46  
ASN OD1  O  N N 47  
ASN ND2  N  N N 48  
ASN OXT  O  N N 49  
ASN H    H  N N 50  
ASN H2   H  N N 51  
ASN HA   H  N N 52  
ASN HB2  H  N N 53  
ASN HB3  H  N N 54  
ASN HD21 H  N N 55  
ASN HD22 H  N N 56  
ASN HXT  H  N N 57  
ASP N    N  N N 58  
ASP CA   C  N S 59  
ASP C    C  N N 60  
ASP O    O  N N 61  
ASP CB   C  N N 62  
ASP CG   C  N N 63  
ASP OD1  O  N N 64  
ASP OD2  O  N N 65  
ASP OXT  O  N N 66  
ASP H    H  N N 67  
ASP H2   H  N N 68  
ASP HA   H  N N 69  
ASP HB2  H  N N 70  
ASP HB3  H  N N 71  
ASP HD2  H  N N 72  
ASP HXT  H  N N 73  
CL  CL   CL N N 74  
CYS N    N  N N 75  
CYS CA   C  N R 76  
CYS C    C  N N 77  
CYS O    O  N N 78  
CYS CB   C  N N 79  
CYS SG   S  N N 80  
CYS OXT  O  N N 81  
CYS H    H  N N 82  
CYS H2   H  N N 83  
CYS HA   H  N N 84  
CYS HB2  H  N N 85  
CYS HB3  H  N N 86  
CYS HG   H  N N 87  
CYS HXT  H  N N 88  
GLN N    N  N N 89  
GLN CA   C  N S 90  
GLN C    C  N N 91  
GLN O    O  N N 92  
GLN CB   C  N N 93  
GLN CG   C  N N 94  
GLN CD   C  N N 95  
GLN OE1  O  N N 96  
GLN NE2  N  N N 97  
GLN OXT  O  N N 98  
GLN H    H  N N 99  
GLN H2   H  N N 100 
GLN HA   H  N N 101 
GLN HB2  H  N N 102 
GLN HB3  H  N N 103 
GLN HG2  H  N N 104 
GLN HG3  H  N N 105 
GLN HE21 H  N N 106 
GLN HE22 H  N N 107 
GLN HXT  H  N N 108 
GLU N    N  N N 109 
GLU CA   C  N S 110 
GLU C    C  N N 111 
GLU O    O  N N 112 
GLU CB   C  N N 113 
GLU CG   C  N N 114 
GLU CD   C  N N 115 
GLU OE1  O  N N 116 
GLU OE2  O  N N 117 
GLU OXT  O  N N 118 
GLU H    H  N N 119 
GLU H2   H  N N 120 
GLU HA   H  N N 121 
GLU HB2  H  N N 122 
GLU HB3  H  N N 123 
GLU HG2  H  N N 124 
GLU HG3  H  N N 125 
GLU HE2  H  N N 126 
GLU HXT  H  N N 127 
GLY N    N  N N 128 
GLY CA   C  N N 129 
GLY C    C  N N 130 
GLY O    O  N N 131 
GLY OXT  O  N N 132 
GLY H    H  N N 133 
GLY H2   H  N N 134 
GLY HA2  H  N N 135 
GLY HA3  H  N N 136 
GLY HXT  H  N N 137 
HIS N    N  N N 138 
HIS CA   C  N S 139 
HIS C    C  N N 140 
HIS O    O  N N 141 
HIS CB   C  N N 142 
HIS CG   C  Y N 143 
HIS ND1  N  Y N 144 
HIS CD2  C  Y N 145 
HIS CE1  C  Y N 146 
HIS NE2  N  Y N 147 
HIS OXT  O  N N 148 
HIS H    H  N N 149 
HIS H2   H  N N 150 
HIS HA   H  N N 151 
HIS HB2  H  N N 152 
HIS HB3  H  N N 153 
HIS HD1  H  N N 154 
HIS HD2  H  N N 155 
HIS HE1  H  N N 156 
HIS HE2  H  N N 157 
HIS HXT  H  N N 158 
HOH O    O  N N 159 
HOH H1   H  N N 160 
HOH H2   H  N N 161 
ILE N    N  N N 162 
ILE CA   C  N S 163 
ILE C    C  N N 164 
ILE O    O  N N 165 
ILE CB   C  N S 166 
ILE CG1  C  N N 167 
ILE CG2  C  N N 168 
ILE CD1  C  N N 169 
ILE OXT  O  N N 170 
ILE H    H  N N 171 
ILE H2   H  N N 172 
ILE HA   H  N N 173 
ILE HB   H  N N 174 
ILE HG12 H  N N 175 
ILE HG13 H  N N 176 
ILE HG21 H  N N 177 
ILE HG22 H  N N 178 
ILE HG23 H  N N 179 
ILE HD11 H  N N 180 
ILE HD12 H  N N 181 
ILE HD13 H  N N 182 
ILE HXT  H  N N 183 
IUM U    U  N N 184 
IUM O1   O  N N 185 
IUM O2   O  N N 186 
LEU N    N  N N 187 
LEU CA   C  N S 188 
LEU C    C  N N 189 
LEU O    O  N N 190 
LEU CB   C  N N 191 
LEU CG   C  N N 192 
LEU CD1  C  N N 193 
LEU CD2  C  N N 194 
LEU OXT  O  N N 195 
LEU H    H  N N 196 
LEU H2   H  N N 197 
LEU HA   H  N N 198 
LEU HB2  H  N N 199 
LEU HB3  H  N N 200 
LEU HG   H  N N 201 
LEU HD11 H  N N 202 
LEU HD12 H  N N 203 
LEU HD13 H  N N 204 
LEU HD21 H  N N 205 
LEU HD22 H  N N 206 
LEU HD23 H  N N 207 
LEU HXT  H  N N 208 
LYS N    N  N N 209 
LYS CA   C  N S 210 
LYS C    C  N N 211 
LYS O    O  N N 212 
LYS CB   C  N N 213 
LYS CG   C  N N 214 
LYS CD   C  N N 215 
LYS CE   C  N N 216 
LYS NZ   N  N N 217 
LYS OXT  O  N N 218 
LYS H    H  N N 219 
LYS H2   H  N N 220 
LYS HA   H  N N 221 
LYS HB2  H  N N 222 
LYS HB3  H  N N 223 
LYS HG2  H  N N 224 
LYS HG3  H  N N 225 
LYS HD2  H  N N 226 
LYS HD3  H  N N 227 
LYS HE2  H  N N 228 
LYS HE3  H  N N 229 
LYS HZ1  H  N N 230 
LYS HZ2  H  N N 231 
LYS HZ3  H  N N 232 
LYS HXT  H  N N 233 
MET N    N  N N 234 
MET CA   C  N S 235 
MET C    C  N N 236 
MET O    O  N N 237 
MET CB   C  N N 238 
MET CG   C  N N 239 
MET SD   S  N N 240 
MET CE   C  N N 241 
MET OXT  O  N N 242 
MET H    H  N N 243 
MET H2   H  N N 244 
MET HA   H  N N 245 
MET HB2  H  N N 246 
MET HB3  H  N N 247 
MET HG2  H  N N 248 
MET HG3  H  N N 249 
MET HE1  H  N N 250 
MET HE2  H  N N 251 
MET HE3  H  N N 252 
MET HXT  H  N N 253 
MPD C1   C  N N 254 
MPD C2   C  N N 255 
MPD O2   O  N N 256 
MPD CM   C  N N 257 
MPD C3   C  N N 258 
MPD C4   C  N S 259 
MPD O4   O  N N 260 
MPD C5   C  N N 261 
MPD H11  H  N N 262 
MPD H12  H  N N 263 
MPD H13  H  N N 264 
MPD HO2  H  N N 265 
MPD HM1  H  N N 266 
MPD HM2  H  N N 267 
MPD HM3  H  N N 268 
MPD H31  H  N N 269 
MPD H32  H  N N 270 
MPD H4   H  N N 271 
MPD HO4  H  N N 272 
MPD H51  H  N N 273 
MPD H52  H  N N 274 
MPD H53  H  N N 275 
PHE N    N  N N 276 
PHE CA   C  N S 277 
PHE C    C  N N 278 
PHE O    O  N N 279 
PHE CB   C  N N 280 
PHE CG   C  Y N 281 
PHE CD1  C  Y N 282 
PHE CD2  C  Y N 283 
PHE CE1  C  Y N 284 
PHE CE2  C  Y N 285 
PHE CZ   C  Y N 286 
PHE OXT  O  N N 287 
PHE H    H  N N 288 
PHE H2   H  N N 289 
PHE HA   H  N N 290 
PHE HB2  H  N N 291 
PHE HB3  H  N N 292 
PHE HD1  H  N N 293 
PHE HD2  H  N N 294 
PHE HE1  H  N N 295 
PHE HE2  H  N N 296 
PHE HZ   H  N N 297 
PHE HXT  H  N N 298 
PRO N    N  N N 299 
PRO CA   C  N S 300 
PRO C    C  N N 301 
PRO O    O  N N 302 
PRO CB   C  N N 303 
PRO CG   C  N N 304 
PRO CD   C  N N 305 
PRO OXT  O  N N 306 
PRO H    H  N N 307 
PRO HA   H  N N 308 
PRO HB2  H  N N 309 
PRO HB3  H  N N 310 
PRO HG2  H  N N 311 
PRO HG3  H  N N 312 
PRO HD2  H  N N 313 
PRO HD3  H  N N 314 
PRO HXT  H  N N 315 
SER N    N  N N 316 
SER CA   C  N S 317 
SER C    C  N N 318 
SER O    O  N N 319 
SER CB   C  N N 320 
SER OG   O  N N 321 
SER OXT  O  N N 322 
SER H    H  N N 323 
SER H2   H  N N 324 
SER HA   H  N N 325 
SER HB2  H  N N 326 
SER HB3  H  N N 327 
SER HG   H  N N 328 
SER HXT  H  N N 329 
THR N    N  N N 330 
THR CA   C  N S 331 
THR C    C  N N 332 
THR O    O  N N 333 
THR CB   C  N R 334 
THR OG1  O  N N 335 
THR CG2  C  N N 336 
THR OXT  O  N N 337 
THR H    H  N N 338 
THR H2   H  N N 339 
THR HA   H  N N 340 
THR HB   H  N N 341 
THR HG1  H  N N 342 
THR HG21 H  N N 343 
THR HG22 H  N N 344 
THR HG23 H  N N 345 
THR HXT  H  N N 346 
TRP N    N  N N 347 
TRP CA   C  N S 348 
TRP C    C  N N 349 
TRP O    O  N N 350 
TRP CB   C  N N 351 
TRP CG   C  Y N 352 
TRP CD1  C  Y N 353 
TRP CD2  C  Y N 354 
TRP NE1  N  Y N 355 
TRP CE2  C  Y N 356 
TRP CE3  C  Y N 357 
TRP CZ2  C  Y N 358 
TRP CZ3  C  Y N 359 
TRP CH2  C  Y N 360 
TRP OXT  O  N N 361 
TRP H    H  N N 362 
TRP H2   H  N N 363 
TRP HA   H  N N 364 
TRP HB2  H  N N 365 
TRP HB3  H  N N 366 
TRP HD1  H  N N 367 
TRP HE1  H  N N 368 
TRP HE3  H  N N 369 
TRP HZ2  H  N N 370 
TRP HZ3  H  N N 371 
TRP HH2  H  N N 372 
TRP HXT  H  N N 373 
TYR N    N  N N 374 
TYR CA   C  N S 375 
TYR C    C  N N 376 
TYR O    O  N N 377 
TYR CB   C  N N 378 
TYR CG   C  Y N 379 
TYR CD1  C  Y N 380 
TYR CD2  C  Y N 381 
TYR CE1  C  Y N 382 
TYR CE2  C  Y N 383 
TYR CZ   C  Y N 384 
TYR OH   O  N N 385 
TYR OXT  O  N N 386 
TYR H    H  N N 387 
TYR H2   H  N N 388 
TYR HA   H  N N 389 
TYR HB2  H  N N 390 
TYR HB3  H  N N 391 
TYR HD1  H  N N 392 
TYR HD2  H  N N 393 
TYR HE1  H  N N 394 
TYR HE2  H  N N 395 
TYR HH   H  N N 396 
TYR HXT  H  N N 397 
VAL N    N  N N 398 
VAL CA   C  N S 399 
VAL C    C  N N 400 
VAL O    O  N N 401 
VAL CB   C  N N 402 
VAL CG1  C  N N 403 
VAL CG2  C  N N 404 
VAL OXT  O  N N 405 
VAL H    H  N N 406 
VAL H2   H  N N 407 
VAL HA   H  N N 408 
VAL HB   H  N N 409 
VAL HG11 H  N N 410 
VAL HG12 H  N N 411 
VAL HG13 H  N N 412 
VAL HG21 H  N N 413 
VAL HG22 H  N N 414 
VAL HG23 H  N N 415 
VAL HXT  H  N N 416 
# 
loop_
_chem_comp_bond.comp_id 
_chem_comp_bond.atom_id_1 
_chem_comp_bond.atom_id_2 
_chem_comp_bond.value_order 
_chem_comp_bond.pdbx_aromatic_flag 
_chem_comp_bond.pdbx_stereo_config 
_chem_comp_bond.pdbx_ordinal 
ALA N   CA   sing N N 1   
ALA N   H    sing N N 2   
ALA N   H2   sing N N 3   
ALA CA  C    sing N N 4   
ALA CA  CB   sing N N 5   
ALA CA  HA   sing N N 6   
ALA C   O    doub N N 7   
ALA C   OXT  sing N N 8   
ALA CB  HB1  sing N N 9   
ALA CB  HB2  sing N N 10  
ALA CB  HB3  sing N N 11  
ALA OXT HXT  sing N N 12  
ARG N   CA   sing N N 13  
ARG N   H    sing N N 14  
ARG N   H2   sing N N 15  
ARG CA  C    sing N N 16  
ARG CA  CB   sing N N 17  
ARG CA  HA   sing N N 18  
ARG C   O    doub N N 19  
ARG C   OXT  sing N N 20  
ARG CB  CG   sing N N 21  
ARG CB  HB2  sing N N 22  
ARG CB  HB3  sing N N 23  
ARG CG  CD   sing N N 24  
ARG CG  HG2  sing N N 25  
ARG CG  HG3  sing N N 26  
ARG CD  NE   sing N N 27  
ARG CD  HD2  sing N N 28  
ARG CD  HD3  sing N N 29  
ARG NE  CZ   sing N N 30  
ARG NE  HE   sing N N 31  
ARG CZ  NH1  sing N N 32  
ARG CZ  NH2  doub N N 33  
ARG NH1 HH11 sing N N 34  
ARG NH1 HH12 sing N N 35  
ARG NH2 HH21 sing N N 36  
ARG NH2 HH22 sing N N 37  
ARG OXT HXT  sing N N 38  
ASN N   CA   sing N N 39  
ASN N   H    sing N N 40  
ASN N   H2   sing N N 41  
ASN CA  C    sing N N 42  
ASN CA  CB   sing N N 43  
ASN CA  HA   sing N N 44  
ASN C   O    doub N N 45  
ASN C   OXT  sing N N 46  
ASN CB  CG   sing N N 47  
ASN CB  HB2  sing N N 48  
ASN CB  HB3  sing N N 49  
ASN CG  OD1  doub N N 50  
ASN CG  ND2  sing N N 51  
ASN ND2 HD21 sing N N 52  
ASN ND2 HD22 sing N N 53  
ASN OXT HXT  sing N N 54  
ASP N   CA   sing N N 55  
ASP N   H    sing N N 56  
ASP N   H2   sing N N 57  
ASP CA  C    sing N N 58  
ASP CA  CB   sing N N 59  
ASP CA  HA   sing N N 60  
ASP C   O    doub N N 61  
ASP C   OXT  sing N N 62  
ASP CB  CG   sing N N 63  
ASP CB  HB2  sing N N 64  
ASP CB  HB3  sing N N 65  
ASP CG  OD1  doub N N 66  
ASP CG  OD2  sing N N 67  
ASP OD2 HD2  sing N N 68  
ASP OXT HXT  sing N N 69  
CYS N   CA   sing N N 70  
CYS N   H    sing N N 71  
CYS N   H2   sing N N 72  
CYS CA  C    sing N N 73  
CYS CA  CB   sing N N 74  
CYS CA  HA   sing N N 75  
CYS C   O    doub N N 76  
CYS C   OXT  sing N N 77  
CYS CB  SG   sing N N 78  
CYS CB  HB2  sing N N 79  
CYS CB  HB3  sing N N 80  
CYS SG  HG   sing N N 81  
CYS OXT HXT  sing N N 82  
GLN N   CA   sing N N 83  
GLN N   H    sing N N 84  
GLN N   H2   sing N N 85  
GLN CA  C    sing N N 86  
GLN CA  CB   sing N N 87  
GLN CA  HA   sing N N 88  
GLN C   O    doub N N 89  
GLN C   OXT  sing N N 90  
GLN CB  CG   sing N N 91  
GLN CB  HB2  sing N N 92  
GLN CB  HB3  sing N N 93  
GLN CG  CD   sing N N 94  
GLN CG  HG2  sing N N 95  
GLN CG  HG3  sing N N 96  
GLN CD  OE1  doub N N 97  
GLN CD  NE2  sing N N 98  
GLN NE2 HE21 sing N N 99  
GLN NE2 HE22 sing N N 100 
GLN OXT HXT  sing N N 101 
GLU N   CA   sing N N 102 
GLU N   H    sing N N 103 
GLU N   H2   sing N N 104 
GLU CA  C    sing N N 105 
GLU CA  CB   sing N N 106 
GLU CA  HA   sing N N 107 
GLU C   O    doub N N 108 
GLU C   OXT  sing N N 109 
GLU CB  CG   sing N N 110 
GLU CB  HB2  sing N N 111 
GLU CB  HB3  sing N N 112 
GLU CG  CD   sing N N 113 
GLU CG  HG2  sing N N 114 
GLU CG  HG3  sing N N 115 
GLU CD  OE1  doub N N 116 
GLU CD  OE2  sing N N 117 
GLU OE2 HE2  sing N N 118 
GLU OXT HXT  sing N N 119 
GLY N   CA   sing N N 120 
GLY N   H    sing N N 121 
GLY N   H2   sing N N 122 
GLY CA  C    sing N N 123 
GLY CA  HA2  sing N N 124 
GLY CA  HA3  sing N N 125 
GLY C   O    doub N N 126 
GLY C   OXT  sing N N 127 
GLY OXT HXT  sing N N 128 
HIS N   CA   sing N N 129 
HIS N   H    sing N N 130 
HIS N   H2   sing N N 131 
HIS CA  C    sing N N 132 
HIS CA  CB   sing N N 133 
HIS CA  HA   sing N N 134 
HIS C   O    doub N N 135 
HIS C   OXT  sing N N 136 
HIS CB  CG   sing N N 137 
HIS CB  HB2  sing N N 138 
HIS CB  HB3  sing N N 139 
HIS CG  ND1  sing Y N 140 
HIS CG  CD2  doub Y N 141 
HIS ND1 CE1  doub Y N 142 
HIS ND1 HD1  sing N N 143 
HIS CD2 NE2  sing Y N 144 
HIS CD2 HD2  sing N N 145 
HIS CE1 NE2  sing Y N 146 
HIS CE1 HE1  sing N N 147 
HIS NE2 HE2  sing N N 148 
HIS OXT HXT  sing N N 149 
HOH O   H1   sing N N 150 
HOH O   H2   sing N N 151 
ILE N   CA   sing N N 152 
ILE N   H    sing N N 153 
ILE N   H2   sing N N 154 
ILE CA  C    sing N N 155 
ILE CA  CB   sing N N 156 
ILE CA  HA   sing N N 157 
ILE C   O    doub N N 158 
ILE C   OXT  sing N N 159 
ILE CB  CG1  sing N N 160 
ILE CB  CG2  sing N N 161 
ILE CB  HB   sing N N 162 
ILE CG1 CD1  sing N N 163 
ILE CG1 HG12 sing N N 164 
ILE CG1 HG13 sing N N 165 
ILE CG2 HG21 sing N N 166 
ILE CG2 HG22 sing N N 167 
ILE CG2 HG23 sing N N 168 
ILE CD1 HD11 sing N N 169 
ILE CD1 HD12 sing N N 170 
ILE CD1 HD13 sing N N 171 
ILE OXT HXT  sing N N 172 
IUM U   O1   sing N N 173 
IUM U   O2   sing N N 174 
LEU N   CA   sing N N 175 
LEU N   H    sing N N 176 
LEU N   H2   sing N N 177 
LEU CA  C    sing N N 178 
LEU CA  CB   sing N N 179 
LEU CA  HA   sing N N 180 
LEU C   O    doub N N 181 
LEU C   OXT  sing N N 182 
LEU CB  CG   sing N N 183 
LEU CB  HB2  sing N N 184 
LEU CB  HB3  sing N N 185 
LEU CG  CD1  sing N N 186 
LEU CG  CD2  sing N N 187 
LEU CG  HG   sing N N 188 
LEU CD1 HD11 sing N N 189 
LEU CD1 HD12 sing N N 190 
LEU CD1 HD13 sing N N 191 
LEU CD2 HD21 sing N N 192 
LEU CD2 HD22 sing N N 193 
LEU CD2 HD23 sing N N 194 
LEU OXT HXT  sing N N 195 
LYS N   CA   sing N N 196 
LYS N   H    sing N N 197 
LYS N   H2   sing N N 198 
LYS CA  C    sing N N 199 
LYS CA  CB   sing N N 200 
LYS CA  HA   sing N N 201 
LYS C   O    doub N N 202 
LYS C   OXT  sing N N 203 
LYS CB  CG   sing N N 204 
LYS CB  HB2  sing N N 205 
LYS CB  HB3  sing N N 206 
LYS CG  CD   sing N N 207 
LYS CG  HG2  sing N N 208 
LYS CG  HG3  sing N N 209 
LYS CD  CE   sing N N 210 
LYS CD  HD2  sing N N 211 
LYS CD  HD3  sing N N 212 
LYS CE  NZ   sing N N 213 
LYS CE  HE2  sing N N 214 
LYS CE  HE3  sing N N 215 
LYS NZ  HZ1  sing N N 216 
LYS NZ  HZ2  sing N N 217 
LYS NZ  HZ3  sing N N 218 
LYS OXT HXT  sing N N 219 
MET N   CA   sing N N 220 
MET N   H    sing N N 221 
MET N   H2   sing N N 222 
MET CA  C    sing N N 223 
MET CA  CB   sing N N 224 
MET CA  HA   sing N N 225 
MET C   O    doub N N 226 
MET C   OXT  sing N N 227 
MET CB  CG   sing N N 228 
MET CB  HB2  sing N N 229 
MET CB  HB3  sing N N 230 
MET CG  SD   sing N N 231 
MET CG  HG2  sing N N 232 
MET CG  HG3  sing N N 233 
MET SD  CE   sing N N 234 
MET CE  HE1  sing N N 235 
MET CE  HE2  sing N N 236 
MET CE  HE3  sing N N 237 
MET OXT HXT  sing N N 238 
MPD C1  C2   sing N N 239 
MPD C1  H11  sing N N 240 
MPD C1  H12  sing N N 241 
MPD C1  H13  sing N N 242 
MPD C2  O2   sing N N 243 
MPD C2  CM   sing N N 244 
MPD C2  C3   sing N N 245 
MPD O2  HO2  sing N N 246 
MPD CM  HM1  sing N N 247 
MPD CM  HM2  sing N N 248 
MPD CM  HM3  sing N N 249 
MPD C3  C4   sing N N 250 
MPD C3  H31  sing N N 251 
MPD C3  H32  sing N N 252 
MPD C4  O4   sing N N 253 
MPD C4  C5   sing N N 254 
MPD C4  H4   sing N N 255 
MPD O4  HO4  sing N N 256 
MPD C5  H51  sing N N 257 
MPD C5  H52  sing N N 258 
MPD C5  H53  sing N N 259 
PHE N   CA   sing N N 260 
PHE N   H    sing N N 261 
PHE N   H2   sing N N 262 
PHE CA  C    sing N N 263 
PHE CA  CB   sing N N 264 
PHE CA  HA   sing N N 265 
PHE C   O    doub N N 266 
PHE C   OXT  sing N N 267 
PHE CB  CG   sing N N 268 
PHE CB  HB2  sing N N 269 
PHE CB  HB3  sing N N 270 
PHE CG  CD1  doub Y N 271 
PHE CG  CD2  sing Y N 272 
PHE CD1 CE1  sing Y N 273 
PHE CD1 HD1  sing N N 274 
PHE CD2 CE2  doub Y N 275 
PHE CD2 HD2  sing N N 276 
PHE CE1 CZ   doub Y N 277 
PHE CE1 HE1  sing N N 278 
PHE CE2 CZ   sing Y N 279 
PHE CE2 HE2  sing N N 280 
PHE CZ  HZ   sing N N 281 
PHE OXT HXT  sing N N 282 
PRO N   CA   sing N N 283 
PRO N   CD   sing N N 284 
PRO N   H    sing N N 285 
PRO CA  C    sing N N 286 
PRO CA  CB   sing N N 287 
PRO CA  HA   sing N N 288 
PRO C   O    doub N N 289 
PRO C   OXT  sing N N 290 
PRO CB  CG   sing N N 291 
PRO CB  HB2  sing N N 292 
PRO CB  HB3  sing N N 293 
PRO CG  CD   sing N N 294 
PRO CG  HG2  sing N N 295 
PRO CG  HG3  sing N N 296 
PRO CD  HD2  sing N N 297 
PRO CD  HD3  sing N N 298 
PRO OXT HXT  sing N N 299 
SER N   CA   sing N N 300 
SER N   H    sing N N 301 
SER N   H2   sing N N 302 
SER CA  C    sing N N 303 
SER CA  CB   sing N N 304 
SER CA  HA   sing N N 305 
SER C   O    doub N N 306 
SER C   OXT  sing N N 307 
SER CB  OG   sing N N 308 
SER CB  HB2  sing N N 309 
SER CB  HB3  sing N N 310 
SER OG  HG   sing N N 311 
SER OXT HXT  sing N N 312 
THR N   CA   sing N N 313 
THR N   H    sing N N 314 
THR N   H2   sing N N 315 
THR CA  C    sing N N 316 
THR CA  CB   sing N N 317 
THR CA  HA   sing N N 318 
THR C   O    doub N N 319 
THR C   OXT  sing N N 320 
THR CB  OG1  sing N N 321 
THR CB  CG2  sing N N 322 
THR CB  HB   sing N N 323 
THR OG1 HG1  sing N N 324 
THR CG2 HG21 sing N N 325 
THR CG2 HG22 sing N N 326 
THR CG2 HG23 sing N N 327 
THR OXT HXT  sing N N 328 
TRP N   CA   sing N N 329 
TRP N   H    sing N N 330 
TRP N   H2   sing N N 331 
TRP CA  C    sing N N 332 
TRP CA  CB   sing N N 333 
TRP CA  HA   sing N N 334 
TRP C   O    doub N N 335 
TRP C   OXT  sing N N 336 
TRP CB  CG   sing N N 337 
TRP CB  HB2  sing N N 338 
TRP CB  HB3  sing N N 339 
TRP CG  CD1  doub Y N 340 
TRP CG  CD2  sing Y N 341 
TRP CD1 NE1  sing Y N 342 
TRP CD1 HD1  sing N N 343 
TRP CD2 CE2  doub Y N 344 
TRP CD2 CE3  sing Y N 345 
TRP NE1 CE2  sing Y N 346 
TRP NE1 HE1  sing N N 347 
TRP CE2 CZ2  sing Y N 348 
TRP CE3 CZ3  doub Y N 349 
TRP CE3 HE3  sing N N 350 
TRP CZ2 CH2  doub Y N 351 
TRP CZ2 HZ2  sing N N 352 
TRP CZ3 CH2  sing Y N 353 
TRP CZ3 HZ3  sing N N 354 
TRP CH2 HH2  sing N N 355 
TRP OXT HXT  sing N N 356 
TYR N   CA   sing N N 357 
TYR N   H    sing N N 358 
TYR N   H2   sing N N 359 
TYR CA  C    sing N N 360 
TYR CA  CB   sing N N 361 
TYR CA  HA   sing N N 362 
TYR C   O    doub N N 363 
TYR C   OXT  sing N N 364 
TYR CB  CG   sing N N 365 
TYR CB  HB2  sing N N 366 
TYR CB  HB3  sing N N 367 
TYR CG  CD1  doub Y N 368 
TYR CG  CD2  sing Y N 369 
TYR CD1 CE1  sing Y N 370 
TYR CD1 HD1  sing N N 371 
TYR CD2 CE2  doub Y N 372 
TYR CD2 HD2  sing N N 373 
TYR CE1 CZ   doub Y N 374 
TYR CE1 HE1  sing N N 375 
TYR CE2 CZ   sing Y N 376 
TYR CE2 HE2  sing N N 377 
TYR CZ  OH   sing N N 378 
TYR OH  HH   sing N N 379 
TYR OXT HXT  sing N N 380 
VAL N   CA   sing N N 381 
VAL N   H    sing N N 382 
VAL N   H2   sing N N 383 
VAL CA  C    sing N N 384 
VAL CA  CB   sing N N 385 
VAL CA  HA   sing N N 386 
VAL C   O    doub N N 387 
VAL C   OXT  sing N N 388 
VAL CB  CG1  sing N N 389 
VAL CB  CG2  sing N N 390 
VAL CB  HB   sing N N 391 
VAL CG1 HG11 sing N N 392 
VAL CG1 HG12 sing N N 393 
VAL CG1 HG13 sing N N 394 
VAL CG2 HG21 sing N N 395 
VAL CG2 HG22 sing N N 396 
VAL CG2 HG23 sing N N 397 
VAL OXT HXT  sing N N 398 
# 
_atom_sites.entry_id                    3MKO 
_atom_sites.fract_transf_matrix[1][1]   0.00870810 
_atom_sites.fract_transf_matrix[1][2]   -0.01815874 
_atom_sites.fract_transf_matrix[1][3]   0.00839384 
_atom_sites.fract_transf_matrix[2][1]   0.02164114 
_atom_sites.fract_transf_matrix[2][2]   -0.00172657 
_atom_sites.fract_transf_matrix[2][3]   0.00216909 
_atom_sites.fract_transf_matrix[3][1]   -0.00031565 
_atom_sites.fract_transf_matrix[3][2]   0.00206371 
_atom_sites.fract_transf_matrix[3][3]   0.00479197 
_atom_sites.fract_transf_vector[1]      -0.322753 
_atom_sites.fract_transf_vector[2]      0.466839 
_atom_sites.fract_transf_vector[3]      -0.037931 
# 
loop_
_atom_type.symbol 
C  
CL 
N  
O  
S  
U  
# 
loop_
_atom_site.group_PDB 
_atom_site.id 
_atom_site.type_symbol 
_atom_site.label_atom_id 
_atom_site.label_alt_id 
_atom_site.label_comp_id 
_atom_site.label_asym_id 
_atom_site.label_entity_id 
_atom_site.label_seq_id 
_atom_site.pdbx_PDB_ins_code 
_atom_site.Cartn_x 
_atom_site.Cartn_y 
_atom_site.Cartn_z 
_atom_site.occupancy 
_atom_site.B_iso_or_equiv 
_atom_site.pdbx_formal_charge 
_atom_site.auth_seq_id 
_atom_site.auth_comp_id 
_atom_site.auth_asym_id 
_atom_site.auth_atom_id 
_atom_site.pdbx_PDB_model_num 
ATOM   1   N  N   . GLU A 1 12  ? -8.046  3.109   40.495  1.00 55.48  ? 313 GLU A N   1 
ATOM   2   C  CA  . GLU A 1 12  ? -7.975  4.470   39.978  1.00 55.06  ? 313 GLU A CA  1 
ATOM   3   C  C   . GLU A 1 12  ? -8.720  4.579   38.645  1.00 56.58  ? 313 GLU A C   1 
ATOM   4   O  O   . GLU A 1 12  ? -8.609  3.737   37.772  1.00 56.00  ? 313 GLU A O   1 
ATOM   5   C  CB  . GLU A 1 12  ? -6.526  4.919   39.791  1.00 56.67  ? 313 GLU A CB  1 
ATOM   6   C  CG  . GLU A 1 12  ? -6.042  5.926   40.767  1.00 70.34  ? 313 GLU A CG  1 
ATOM   7   C  CD  . GLU A 1 12  ? -6.861  7.220   40.749  1.00 91.87  ? 313 GLU A CD  1 
ATOM   8   O  OE1 . GLU A 1 12  ? -7.828  7.320   39.984  1.00 77.31  ? 313 GLU A OE1 1 
ATOM   9   O  OE2 . GLU A 1 12  ? -6.534  8.143   41.517  1.00 88.88  ? 313 GLU A OE2 1 
ATOM   10  N  N   . GLU A 1 13  ? -9.480  5.648   38.535  1.00 50.93  ? 314 GLU A N   1 
ATOM   11  C  CA  . GLU A 1 13  ? -10.123 6.071   37.288  1.00 49.61  ? 314 GLU A CA  1 
ATOM   12  C  C   . GLU A 1 13  ? -9.057  6.518   36.291  1.00 49.32  ? 314 GLU A C   1 
ATOM   13  O  O   . GLU A 1 13  ? -9.225  6.319   35.088  1.00 48.08  ? 314 GLU A O   1 
ATOM   14  C  CB  . GLU A 1 13  ? -11.129 7.205   37.544  1.00 51.14  ? 314 GLU A CB  1 
ATOM   15  C  CG  . GLU A 1 13  ? -12.416 6.738   38.208  1.00 63.96  ? 314 GLU A CG  1 
ATOM   16  C  CD  . GLU A 1 13  ? -13.452 7.819   38.455  1.00 92.33  ? 314 GLU A CD  1 
ATOM   17  O  OE1 . GLU A 1 13  ? -14.632 7.599   38.098  1.00 89.99  ? 314 GLU A OE1 1 
ATOM   18  O  OE2 . GLU A 1 13  ? -13.093 8.877   39.021  1.00 90.47  ? 314 GLU A OE2 1 
ATOM   19  N  N   . PHE A 1 14  ? -7.994  7.103   36.805  1.00 43.42  ? 315 PHE A N   1 
ATOM   20  C  CA  . PHE A 1 14  ? -6.813  7.503   36.059  1.00 41.95  ? 315 PHE A CA  1 
ATOM   21  C  C   . PHE A 1 14  ? -6.178  6.314   35.348  1.00 39.71  ? 315 PHE A C   1 
ATOM   22  O  O   . PHE A 1 14  ? -5.933  6.341   34.170  1.00 37.77  ? 315 PHE A O   1 
ATOM   23  C  CB  . PHE A 1 14  ? -5.829  8.115   37.052  1.00 44.18  ? 315 PHE A CB  1 
ATOM   24  C  CG  . PHE A 1 14  ? -4.510  8.467   36.478  1.00 46.35  ? 315 PHE A CG  1 
ATOM   25  C  CD1 . PHE A 1 14  ? -4.410  9.139   35.276  1.00 49.84  ? 315 PHE A CD1 1 
ATOM   26  C  CD2 . PHE A 1 14  ? -3.350  8.152   37.154  1.00 48.78  ? 315 PHE A CD2 1 
ATOM   27  C  CE1 . PHE A 1 14  ? -3.161  9.459   34.751  1.00 50.79  ? 315 PHE A CE1 1 
ATOM   28  C  CE2 . PHE A 1 14  ? -2.138  8.473   36.637  1.00 51.97  ? 315 PHE A CE2 1 
ATOM   29  C  CZ  . PHE A 1 14  ? -2.039  9.126   35.425  1.00 50.04  ? 315 PHE A CZ  1 
ATOM   30  N  N   . SER A 1 15  ? -5.945  5.272   36.103  1.00 33.20  ? 316 SER A N   1 
ATOM   31  C  CA  . SER A 1 15  ? -5.379  4.013   35.624  1.00 32.16  ? 316 SER A CA  1 
ATOM   32  C  C   . SER A 1 15  ? -6.292  3.382   34.555  1.00 32.60  ? 316 SER A C   1 
ATOM   33  O  O   . SER A 1 15  ? -5.794  2.939   33.527  1.00 29.99  ? 316 SER A O   1 
ATOM   34  C  CB  . SER A 1 15  ? -5.129  3.058   36.795  1.00 36.62  ? 316 SER A CB  1 
ATOM   35  O  OG  . SER A 1 15  ? -5.421  1.705   36.486  1.00 46.21  ? 316 SER A OG  1 
ATOM   36  N  N   . ASP A 1 16  ? -7.614  3.378   34.786  1.00 28.89  ? 317 ASP A N   1 
ATOM   37  C  CA  . ASP A 1 16  ? -8.584  2.831   33.840  1.00 28.65  ? 317 ASP A CA  1 
ATOM   38  C  C   . ASP A 1 16  ? -8.595  3.616   32.525  1.00 29.18  ? 317 ASP A C   1 
ATOM   39  O  O   . ASP A 1 16  ? -8.686  3.009   31.465  1.00 25.86  ? 317 ASP A O   1 
ATOM   40  C  CB  . ASP A 1 16  ? -9.988  2.809   34.450  1.00 31.00  ? 317 ASP A CB  1 
ATOM   41  C  CG  . ASP A 1 16  ? -10.188 1.772   35.541  1.00 42.18  ? 317 ASP A CG  1 
ATOM   42  O  OD1 . ASP A 1 16  ? -9.281  0.934   35.741  1.00 41.57  ? 317 ASP A OD1 1 
ATOM   43  O  OD2 . ASP A 1 16  ? -11.254 1.798   36.189  1.00 51.44  ? 317 ASP A OD2 1 
ATOM   44  N  N   . MET A 1 17  ? -8.480  4.927   32.567  1.00 26.08  ? 318 MET A N   1 
ATOM   45  C  CA  . MET A 1 17  ? -8.476  5.744   31.369  1.00 27.69  ? 318 MET A CA  1 
ATOM   46  C  C   . MET A 1 17  ? -7.181  5.554   30.592  1.00 25.23  ? 318 MET A C   1 
ATOM   47  O  O   . MET A 1 17  ? -7.194  5.483   29.422  1.00 21.46  ? 318 MET A O   1 
ATOM   48  C  CB  . MET A 1 17  ? -8.766  7.229   31.701  1.00 32.54  ? 318 MET A CB  1 
ATOM   49  C  CG  . MET A 1 17  ? -10.211 7.455   32.253  1.00 39.93  ? 318 MET A CG  1 
ATOM   50  S  SD  . MET A 1 17  ? -11.020 8.946   31.755  1.00 48.76  ? 318 MET A SD  1 
ATOM   51  C  CE  . MET A 1 17  ? -9.625  10.026  31.791  1.00 46.11  ? 318 MET A CE  1 
ATOM   52  N  N   . LEU A 1 18  ? -6.065  5.418   31.295  1.00 20.92  ? 319 LEU A N   1 
ATOM   53  C  CA  . LEU A 1 18  ? -4.795  5.126   30.598  1.00 20.11  ? 319 LEU A CA  1 
ATOM   54  C  C   . LEU A 1 18  ? -4.916  3.791   29.861  1.00 18.53  ? 319 LEU A C   1 
ATOM   55  O  O   . LEU A 1 18  ? -4.466  3.681   28.719  1.00 16.97  ? 319 LEU A O   1 
ATOM   56  C  CB  . LEU A 1 18  ? -3.611  5.065   31.572  1.00 21.06  ? 319 LEU A CB  1 
ATOM   57  C  CG  . LEU A 1 18  ? -3.089  6.386   32.138  1.00 27.18  ? 319 LEU A CG  1 
ATOM   58  C  CD1 . LEU A 1 18  ? -1.922  6.121   33.088  1.00 28.86  ? 319 LEU A CD1 1 
ATOM   59  C  CD2 . LEU A 1 18  ? -2.604  7.316   31.040  1.00 30.14  ? 319 LEU A CD2 1 
ATOM   60  N  N   . ARG A 1 19  ? -5.562  2.795   30.493  1.00 15.54  ? 320 ARG A N   1 
ATOM   61  C  CA  . ARG A 1 19  ? -5.763  1.475   29.895  1.00 14.84  ? 320 ARG A CA  1 
ATOM   62  C  C   . ARG A 1 19  ? -6.629  1.575   28.630  1.00 17.24  ? 320 ARG A C   1 
ATOM   63  O  O   . ARG A 1 19  ? -6.331  0.926   27.624  1.00 16.57  ? 320 ARG A O   1 
ATOM   64  C  CB  . ARG A 1 19  ? -6.416  0.507   30.904  1.00 18.43  ? 320 ARG A CB  1 
ATOM   65  C  CG  . ARG A 1 19  ? -5.445  0.000   31.980  1.00 22.74  ? 320 ARG A CG  1 
ATOM   66  C  CD  . ARG A 1 19  ? -6.148  -0.953  32.955  1.00 23.99  ? 320 ARG A CD  1 
ATOM   67  N  NE  . ARG A 1 19  ? -6.593  -2.198  32.320  1.00 25.50  ? 320 ARG A NE  1 
ATOM   68  C  CZ  . ARG A 1 19  ? -7.435  -3.063  32.882  1.00 35.74  ? 320 ARG A CZ  1 
ATOM   69  N  NH1 . ARG A 1 19  ? -7.933  -2.827  34.087  1.00 31.21  ? 320 ARG A NH1 1 
ATOM   70  N  NH2 . ARG A 1 19  ? -7.802  -4.157  32.234  1.00 26.46  ? 320 ARG A NH2 1 
ATOM   71  N  N   . LEU A 1 20  ? -7.683  2.404   28.672  1.00 15.22  ? 321 LEU A N   1 
ATOM   72  C  CA  . LEU A 1 20  ? -8.547  2.593   27.485  1.00 14.71  ? 321 LEU A CA  1 
ATOM   73  C  C   . LEU A 1 20  ? -7.768  3.197   26.317  1.00 15.67  ? 321 LEU A C   1 
ATOM   74  O  O   . LEU A 1 20  ? -7.930  2.761   25.173  1.00 16.23  ? 321 LEU A O   1 
ATOM   75  C  CB  . LEU A 1 20  ? -9.759  3.461   27.832  1.00 14.78  ? 321 LEU A CB  1 
ATOM   76  C  CG  . LEU A 1 20  ? -10.757 2.766   28.783  1.00 20.21  ? 321 LEU A CG  1 
ATOM   77  C  CD1 . LEU A 1 20  ? -11.753 3.762   29.339  1.00 21.83  ? 321 LEU A CD1 1 
ATOM   78  C  CD2 . LEU A 1 20  ? -11.435 1.616   28.117  1.00 20.37  ? 321 LEU A CD2 1 
ATOM   79  N  N   . ILE A 1 21  ? -6.937  4.199   26.611  1.00 12.92  ? 322 ILE A N   1 
ATOM   80  C  CA  . ILE A 1 21  ? -6.084  4.861   25.613  1.00 12.90  ? 322 ILE A CA  1 
ATOM   81  C  C   . ILE A 1 21  ? -5.100  3.825   25.019  1.00 15.29  ? 322 ILE A C   1 
ATOM   82  O  O   . ILE A 1 21  ? -4.877  3.787   23.795  1.00 14.78  ? 322 ILE A O   1 
ATOM   83  C  CB  . ILE A 1 21  ? -5.353  6.082   26.236  1.00 15.86  ? 322 ILE A CB  1 
ATOM   84  C  CG1 . ILE A 1 21  ? -6.364  7.237   26.582  1.00 15.86  ? 322 ILE A CG1 1 
ATOM   85  C  CG2 . ILE A 1 21  ? -4.170  6.581   25.319  1.00 14.93  ? 322 ILE A CG2 1 
ATOM   86  C  CD1 . ILE A 1 21  ? -5.753  8.308   27.550  1.00 20.89  ? 322 ILE A CD1 1 
ATOM   87  N  N   . ASP A 1 22  ? -4.510  2.998   25.897  1.00 12.20  ? 323 ASP A N   1 
ATOM   88  C  CA  . ASP A 1 22  ? -3.561  1.949   25.521  1.00 11.84  ? 323 ASP A CA  1 
ATOM   89  C  C   . ASP A 1 22  ? -4.253  0.946   24.576  1.00 13.15  ? 323 ASP A C   1 
ATOM   90  O  O   . ASP A 1 22  ? -3.656  0.543   23.578  1.00 12.39  ? 323 ASP A O   1 
ATOM   91  C  CB  . ASP A 1 22  ? -3.078  1.210   26.792  1.00 13.03  ? 323 ASP A CB  1 
ATOM   92  C  CG  . ASP A 1 22  ? -2.068  0.117   26.524  1.00 14.76  ? 323 ASP A CG  1 
ATOM   93  O  OD1 . ASP A 1 22  ? -0.932  0.448   26.109  1.00 15.28  ? 323 ASP A OD1 1 
ATOM   94  O  OD2 . ASP A 1 22  ? -2.362  -1.044  26.860  1.00 17.93  ? 323 ASP A OD2 1 
ATOM   95  N  N   . TYR A 1 23  ? -5.512  0.544   24.882  1.00 11.97  ? 324 TYR A N   1 
ATOM   96  C  CA  . TYR A 1 23  ? -6.213  -0.404  23.998  1.00 11.55  ? 324 TYR A CA  1 
ATOM   97  C  C   . TYR A 1 23  ? -6.417  0.234   22.611  1.00 13.30  ? 324 TYR A C   1 
ATOM   98  O  O   . TYR A 1 23  ? -6.240  -0.459  21.616  1.00 12.54  ? 324 TYR A O   1 
ATOM   99  C  CB  . TYR A 1 23  ? -7.598  -0.782  24.531  1.00 12.81  ? 324 TYR A CB  1 
ATOM   100 C  CG  . TYR A 1 23  ? -7.569  -1.774  25.669  1.00 15.38  ? 324 TYR A CG  1 
ATOM   101 C  CD1 . TYR A 1 23  ? -8.130  -1.460  26.900  1.00 18.32  ? 324 TYR A CD1 1 
ATOM   102 C  CD2 . TYR A 1 23  ? -7.092  -3.069  25.478  1.00 17.48  ? 324 TYR A CD2 1 
ATOM   103 C  CE1 . TYR A 1 23  ? -8.136  -2.377  27.947  1.00 20.83  ? 324 TYR A CE1 1 
ATOM   104 C  CE2 . TYR A 1 23  ? -7.090  -4.000  26.525  1.00 19.27  ? 324 TYR A CE2 1 
ATOM   105 C  CZ  . TYR A 1 23  ? -7.619  -3.644  27.757  1.00 28.73  ? 324 TYR A CZ  1 
ATOM   106 O  OH  . TYR A 1 23  ? -7.649  -4.533  28.807  1.00 32.63  ? 324 TYR A OH  1 
ATOM   107 N  N   . ASN A 1 24  ? -6.829  1.509   22.556  1.00 12.44  ? 325 ASN A N   1 
ATOM   108 C  CA  . ASN A 1 24  ? -7.058  2.193   21.256  1.00 11.56  ? 325 ASN A CA  1 
ATOM   109 C  C   . ASN A 1 24  ? -5.743  2.260   20.464  1.00 13.94  ? 325 ASN A C   1 
ATOM   110 O  O   . ASN A 1 24  ? -5.722  1.961   19.267  1.00 11.62  ? 325 ASN A O   1 
ATOM   111 C  CB  . ASN A 1 24  ? -7.664  3.593   21.451  1.00 12.49  ? 325 ASN A CB  1 
ATOM   112 C  CG  . ASN A 1 24  ? -9.158  3.613   21.754  1.00 20.83  ? 325 ASN A CG  1 
ATOM   113 O  OD1 . ASN A 1 24  ? -9.852  2.608   21.610  1.00 18.83  ? 325 ASN A OD1 1 
ATOM   114 N  ND2 . ASN A 1 24  ? -9.704  4.779   22.153  1.00 14.05  ? 325 ASN A ND2 1 
ATOM   115 N  N   . LYS A 1 25  ? -4.665  2.578   21.139  1.00 10.21  ? 326 LYS A N   1 
ATOM   116 C  CA  . LYS A 1 25  ? -3.379  2.676   20.527  1.00 10.40  ? 326 LYS A CA  1 
ATOM   117 C  C   . LYS A 1 25  ? -2.950  1.312   19.961  1.00 13.26  ? 326 LYS A C   1 
ATOM   118 O  O   . LYS A 1 25  ? -2.562  1.225   18.851  1.00 11.50  ? 326 LYS A O   1 
ATOM   119 C  CB  . LYS A 1 25  ? -2.387  3.239   21.564  1.00 12.24  ? 326 LYS A CB  1 
ATOM   120 C  CG  . LYS A 1 25  ? -0.927  3.283   21.181  1.00 16.97  ? 326 LYS A CG  1 
ATOM   121 C  CD  . LYS A 1 25  ? -0.109  4.216   22.130  1.00 22.17  ? 326 LYS A CD  1 
ATOM   122 C  CE  . LYS A 1 25  ? 1.383   4.091   21.914  1.00 23.26  ? 326 LYS A CE  1 
ATOM   123 N  NZ  . LYS A 1 25  ? 1.892   4.738   20.691  1.00 24.39  ? 326 LYS A NZ  1 
ATOM   124 N  N   . ALA A 1 26  ? -3.065  0.262   20.768  1.00 12.57  ? 327 ALA A N   1 
ATOM   125 C  CA  . ALA A 1 26  ? -2.687  -1.102  20.334  1.00 12.40  ? 327 ALA A CA  1 
ATOM   126 C  C   . ALA A 1 26  ? -3.569  -1.623  19.185  1.00 14.20  ? 327 ALA A C   1 
ATOM   127 O  O   . ALA A 1 26  ? -3.052  -2.265  18.273  1.00 13.42  ? 327 ALA A O   1 
ATOM   128 C  CB  . ALA A 1 26  ? -2.769  -2.069  21.506  1.00 13.32  ? 327 ALA A CB  1 
ATOM   129 N  N   . ALA A 1 27  ? -4.882  -1.335  19.225  1.00 11.58  ? 328 ALA A N   1 
ATOM   130 C  CA  . ALA A 1 27  ? -5.818  -1.820  18.181  1.00 10.91  ? 328 ALA A CA  1 
ATOM   131 C  C   . ALA A 1 27  ? -5.459  -1.144  16.861  1.00 13.36  ? 328 ALA A C   1 
ATOM   132 O  O   . ALA A 1 27  ? -5.459  -1.795  15.809  1.00 10.86  ? 328 ALA A O   1 
ATOM   133 C  CB  . ALA A 1 27  ? -7.262  -1.499  18.573  1.00 11.69  ? 328 ALA A CB  1 
ATOM   134 N  N   . LEU A 1 28  ? -5.084  0.156   16.916  1.00 11.67  ? 329 LEU A N   1 
ATOM   135 C  CA  . LEU A 1 28  ? -4.691  0.827   15.666  1.00 11.18  ? 329 LEU A CA  1 
ATOM   136 C  C   . LEU A 1 28  ? -3.375  0.234   15.091  1.00 14.62  ? 329 LEU A C   1 
ATOM   137 O  O   . LEU A 1 28  ? -3.309  -0.009  13.880  1.00 11.76  ? 329 LEU A O   1 
ATOM   138 C  CB  . LEU A 1 28  ? -4.563  2.345   15.855  1.00 10.80  ? 329 LEU A CB  1 
ATOM   139 C  CG  . LEU A 1 28  ? -3.997  3.109   14.619  1.00 15.85  ? 329 LEU A CG  1 
ATOM   140 C  CD1 . LEU A 1 28  ? -4.904  2.937   13.367  1.00 15.02  ? 329 LEU A CD1 1 
ATOM   141 C  CD2 . LEU A 1 28  ? -3.789  4.574   14.940  1.00 19.00  ? 329 LEU A CD2 1 
ATOM   142 N  N   A SER A 1 29  ? -2.360  -0.006  15.956  0.33 11.45  ? 330 SER A N   1 
ATOM   143 N  N   B SER A 1 29  ? -2.348  0.003   15.943  0.33 12.05  ? 330 SER A N   1 
ATOM   144 N  N   C SER A 1 29  ? -2.364  -0.002  15.950  0.33 12.61  ? 330 SER A N   1 
ATOM   145 C  CA  A SER A 1 29  ? -1.064  -0.556  15.540  0.33 10.74  ? 330 SER A CA  1 
ATOM   146 C  CA  B SER A 1 29  ? -1.067  -0.534  15.466  0.33 11.63  ? 330 SER A CA  1 
ATOM   147 C  CA  C SER A 1 29  ? -1.070  -0.542  15.524  0.33 12.52  ? 330 SER A CA  1 
ATOM   148 C  C   A SER A 1 29  ? -1.238  -1.932  14.885  0.33 14.19  ? 330 SER A C   1 
ATOM   149 C  C   B SER A 1 29  ? -1.216  -1.946  14.878  0.33 14.68  ? 330 SER A C   1 
ATOM   150 C  C   C SER A 1 29  ? -1.212  -1.940  14.902  0.33 15.22  ? 330 SER A C   1 
ATOM   151 O  O   A SER A 1 29  ? -0.652  -2.189  13.828  0.33 11.50  ? 330 SER A O   1 
ATOM   152 O  O   B SER A 1 29  ? -0.618  -2.234  13.838  0.33 12.13  ? 330 SER A O   1 
ATOM   153 O  O   C SER A 1 29  ? -0.606  -2.210  13.861  0.33 12.85  ? 330 SER A O   1 
ATOM   154 C  CB  A SER A 1 29  ? -0.101  -0.648  16.724  0.33 12.00  ? 330 SER A CB  1 
ATOM   155 C  CB  B SER A 1 29  ? 0.014   -0.464  16.544  0.33 14.08  ? 330 SER A CB  1 
ATOM   156 C  CB  C SER A 1 29  ? -0.073  -0.532  16.679  0.33 16.10  ? 330 SER A CB  1 
ATOM   157 O  OG  A SER A 1 29  ? 1.098   -1.308  16.350  0.33 10.84  ? 330 SER A OG  1 
ATOM   158 O  OG  B SER A 1 29  ? -0.232  -1.333  17.634  0.33 16.61  ? 330 SER A OG  1 
ATOM   159 O  OG  C SER A 1 29  ? 0.186   0.805   17.078  0.33 23.92  ? 330 SER A OG  1 
ATOM   160 N  N   . LYS A 1 30  ? -2.063  -2.796  15.500  1.00 12.26  ? 331 LYS A N   1 
ATOM   161 C  CA  . LYS A 1 30  ? -2.339  -4.155  14.985  1.00 12.86  ? 331 LYS A CA  1 
ATOM   162 C  C   . LYS A 1 30  ? -3.060  -4.053  13.621  1.00 14.60  ? 331 LYS A C   1 
ATOM   163 O  O   . LYS A 1 30  ? -2.726  -4.784  12.692  1.00 14.41  ? 331 LYS A O   1 
ATOM   164 C  CB  . LYS A 1 30  ? -3.199  -4.955  15.994  1.00 14.69  ? 331 LYS A CB  1 
ATOM   165 C  CG  . LYS A 1 30  ? -3.688  -6.330  15.517  1.00 18.11  ? 331 LYS A CG  1 
ATOM   166 C  CD  . LYS A 1 30  ? -2.537  -7.241  15.093  1.00 25.03  ? 331 LYS A CD  1 
ATOM   167 C  CE  . LYS A 1 30  ? -2.945  -8.699  15.158  1.00 30.25  ? 331 LYS A CE  1 
ATOM   168 N  NZ  . LYS A 1 30  ? -3.921  -9.045  14.121  1.00 26.48  ? 331 LYS A NZ  1 
ATOM   169 N  N   . PHE A 1 31  ? -4.007  -3.123  13.507  1.00 11.61  ? 332 PHE A N   1 
ATOM   170 C  CA  . PHE A 1 31  ? -4.762  -2.961  12.255  1.00 10.47  ? 332 PHE A CA  1 
ATOM   171 C  C   . PHE A 1 31  ? -3.845  -2.454  11.141  1.00 12.73  ? 332 PHE A C   1 
ATOM   172 O  O   . PHE A 1 31  ? -3.910  -2.966  10.034  1.00 13.21  ? 332 PHE A O   1 
ATOM   173 C  CB  . PHE A 1 31  ? -5.976  -2.049  12.460  1.00 11.30  ? 332 PHE A CB  1 
ATOM   174 C  CG  . PHE A 1 31  ? -6.792  -1.872  11.195  1.00 12.18  ? 332 PHE A CG  1 
ATOM   175 C  CD1 . PHE A 1 31  ? -7.263  -2.980  10.486  1.00 15.05  ? 332 PHE A CD1 1 
ATOM   176 C  CD2 . PHE A 1 31  ? -7.113  -0.604  10.730  1.00 15.20  ? 332 PHE A CD2 1 
ATOM   177 C  CE1 . PHE A 1 31  ? -8.038  -2.816  9.329   1.00 14.64  ? 332 PHE A CE1 1 
ATOM   178 C  CE2 . PHE A 1 31  ? -7.898  -0.440  9.579   1.00 15.98  ? 332 PHE A CE2 1 
ATOM   179 C  CZ  . PHE A 1 31  ? -8.325  -1.542  8.870   1.00 13.96  ? 332 PHE A CZ  1 
ATOM   180 N  N   . LYS A 1 32  ? -2.916  -1.527  11.461  1.00 11.49  ? 333 LYS A N   1 
ATOM   181 C  CA  . LYS A 1 32  ? -1.947  -1.035  10.466  1.00 11.92  ? 333 LYS A CA  1 
ATOM   182 C  C   . LYS A 1 32  ? -1.076  -2.199  9.960   1.00 15.12  ? 333 LYS A C   1 
ATOM   183 O  O   . LYS A 1 32  ? -0.875  -2.336  8.755   1.00 13.36  ? 333 LYS A O   1 
ATOM   184 C  CB  . LYS A 1 32  ? -1.060  0.070   11.083  1.00 12.66  ? 333 LYS A CB  1 
ATOM   185 C  CG  . LYS A 1 32  ? -1.820  1.404   11.161  1.00 21.86  ? 333 LYS A CG  1 
ATOM   186 C  CD  . LYS A 1 32  ? -0.989  2.572   11.728  1.00 23.44  ? 333 LYS A CD  1 
ATOM   187 C  CE  . LYS A 1 32  ? 0.083   3.120   10.825  1.00 22.61  ? 333 LYS A CE  1 
ATOM   188 N  NZ  . LYS A 1 32  ? 0.917   4.130   11.540  1.00 22.66  ? 333 LYS A NZ  1 
ATOM   189 N  N   . GLN A 1 33  ? -0.572  -3.043  10.885  1.00 13.47  ? 334 GLN A N   1 
ATOM   190 C  CA  . GLN A 1 33  ? 0.225   -4.222  10.518  1.00 13.92  ? 334 GLN A CA  1 
ATOM   191 C  C   . GLN A 1 33  ? -0.601  -5.158  9.625   1.00 15.99  ? 334 GLN A C   1 
ATOM   192 O  O   . GLN A 1 33  ? -0.081  -5.659  8.636   1.00 15.64  ? 334 GLN A O   1 
ATOM   193 C  CB  . GLN A 1 33  ? 0.619   -5.013  11.782  1.00 15.68  ? 334 GLN A CB  1 
ATOM   194 C  CG  . GLN A 1 33  ? 1.731   -4.377  12.594  1.00 26.99  ? 334 GLN A CG  1 
ATOM   195 C  CD  . GLN A 1 33  ? 2.094   -5.274  13.754  1.00 51.71  ? 334 GLN A CD  1 
ATOM   196 O  OE1 . GLN A 1 33  ? 1.277   -5.561  14.641  1.00 48.28  ? 334 GLN A OE1 1 
ATOM   197 N  NE2 . GLN A 1 33  ? 3.318   -5.771  13.749  1.00 40.78  ? 334 GLN A NE2 1 
ATOM   198 N  N   . ASP A 1 34  ? -1.869  -5.436  10.015  1.00 14.02  ? 335 ASP A N   1 
ATOM   199 C  CA  . ASP A 1 34  ? -2.755  -6.327  9.259   1.00 13.27  ? 335 ASP A CA  1 
ATOM   200 C  C   . ASP A 1 34  ? -3.016  -5.793  7.856   1.00 14.47  ? 335 ASP A C   1 
ATOM   201 O  O   . ASP A 1 34  ? -3.016  -6.574  6.900   1.00 12.84  ? 335 ASP A O   1 
ATOM   202 C  CB  . ASP A 1 34  ? -4.087  -6.553  9.993   1.00 14.22  ? 335 ASP A CB  1 
ATOM   203 C  CG  . ASP A 1 34  ? -4.011  -7.377  11.276  1.00 21.06  ? 335 ASP A CG  1 
ATOM   204 O  OD1 . ASP A 1 34  ? -2.976  -8.019  11.504  1.00 20.10  ? 335 ASP A OD1 1 
ATOM   205 O  OD2 . ASP A 1 34  ? -4.981  -7.344  12.056  1.00 26.86  ? 335 ASP A OD2 1 
ATOM   206 N  N   . VAL A 1 35  ? -3.277  -4.467  7.731   1.00 10.76  ? 336 VAL A N   1 
ATOM   207 C  CA  . VAL A 1 35  ? -3.504  -3.857  6.409   1.00 9.95   ? 336 VAL A CA  1 
ATOM   208 C  C   . VAL A 1 35  ? -2.228  -3.975  5.557   1.00 13.55  ? 336 VAL A C   1 
ATOM   209 O  O   . VAL A 1 35  ? -2.293  -4.291  4.370   1.00 11.56  ? 336 VAL A O   1 
ATOM   210 C  CB  . VAL A 1 35  ? -4.036  -2.405  6.499   1.00 12.10  ? 336 VAL A CB  1 
ATOM   211 C  CG1 . VAL A 1 35  ? -4.053  -1.741  5.114   1.00 11.45  ? 336 VAL A CG1 1 
ATOM   212 C  CG2 . VAL A 1 35  ? -5.444  -2.407  7.091   1.00 11.23  ? 336 VAL A CG2 1 
ATOM   213 N  N   . GLU A 1 36  ? -1.075  -3.730  6.161   1.00 12.40  ? 337 GLU A N   1 
ATOM   214 C  CA  . GLU A 1 36  ? 0.195   -3.851  5.438   1.00 12.73  ? 337 GLU A CA  1 
ATOM   215 C  C   . GLU A 1 36  ? 0.400   -5.278  4.911   1.00 14.81  ? 337 GLU A C   1 
ATOM   216 O  O   . GLU A 1 36  ? 0.788   -5.457  3.753   1.00 13.85  ? 337 GLU A O   1 
ATOM   217 C  CB  . GLU A 1 36  ? 1.347   -3.406  6.339   1.00 14.71  ? 337 GLU A CB  1 
ATOM   218 C  CG  . GLU A 1 36  ? 2.478   -2.781  5.579   1.00 26.66  ? 337 GLU A CG  1 
ATOM   219 C  CD  . GLU A 1 36  ? 3.442   -2.025  6.465   1.00 33.63  ? 337 GLU A CD  1 
ATOM   220 O  OE1 . GLU A 1 36  ? 3.139   -0.871  6.854   1.00 22.87  ? 337 GLU A OE1 1 
ATOM   221 O  OE2 . GLU A 1 36  ? 4.533   -2.575  6.723   1.00 31.64  ? 337 GLU A OE2 1 
ATOM   222 N  N   . SER A 1 37  ? 0.112   -6.294  5.745   1.00 13.27  ? 338 SER A N   1 
ATOM   223 C  CA  . SER A 1 37  ? 0.206   -7.700  5.344   1.00 13.36  ? 338 SER A CA  1 
ATOM   224 C  C   . SER A 1 37  ? -0.752  -8.000  4.177   1.00 14.68  ? 338 SER A C   1 
ATOM   225 O  O   . SER A 1 37  ? -0.335  -8.605  3.188   1.00 13.83  ? 338 SER A O   1 
ATOM   226 C  CB  . SER A 1 37  ? -0.092  -8.626  6.521   1.00 16.67  ? 338 SER A CB  1 
ATOM   227 O  OG  . SER A 1 37  ? 0.902   -8.430  7.512   1.00 25.58  ? 338 SER A OG  1 
ATOM   228 N  N   . ALA A 1 38  ? -2.010  -7.542  4.279   1.00 12.72  ? 339 ALA A N   1 
ATOM   229 C  CA  . ALA A 1 38  ? -3.028  -7.775  3.257   1.00 12.95  ? 339 ALA A CA  1 
ATOM   230 C  C   . ALA A 1 38  ? -2.622  -7.139  1.932   1.00 14.91  ? 339 ALA A C   1 
ATOM   231 O  O   . ALA A 1 38  ? -2.719  -7.789  0.885   1.00 14.22  ? 339 ALA A O   1 
ATOM   232 C  CB  . ALA A 1 38  ? -4.377  -7.212  3.720   1.00 13.98  ? 339 ALA A CB  1 
ATOM   233 N  N   . LEU A 1 39  ? -2.163  -5.869  1.970   1.00 13.40  ? 340 LEU A N   1 
ATOM   234 C  CA  . LEU A 1 39  ? -1.766  -5.148  0.755   1.00 12.14  ? 340 LEU A CA  1 
ATOM   235 C  C   . LEU A 1 39  ? -0.556  -5.773  0.071   1.00 16.33  ? 340 LEU A C   1 
ATOM   236 O  O   . LEU A 1 39  ? -0.498  -5.794  -1.151  1.00 13.64  ? 340 LEU A O   1 
ATOM   237 C  CB  . LEU A 1 39  ? -1.540  -3.667  1.051   1.00 12.27  ? 340 LEU A CB  1 
ATOM   238 C  CG  . LEU A 1 39  ? -2.826  -2.895  1.417   1.00 14.85  ? 340 LEU A CG  1 
ATOM   239 C  CD1 . LEU A 1 39  ? -2.498  -1.422  1.619   1.00 15.38  ? 340 LEU A CD1 1 
ATOM   240 C  CD2 . LEU A 1 39  ? -3.952  -3.052  0.339   1.00 17.75  ? 340 LEU A CD2 1 
ATOM   241 N  N   . HIS A 1 40  ? 0.368   -6.348  0.849   1.00 13.45  ? 341 HIS A N   1 
ATOM   242 C  CA  . HIS A 1 40  ? 1.500   -7.082  0.274   1.00 13.30  ? 341 HIS A CA  1 
ATOM   243 C  C   . HIS A 1 40  ? 0.980   -8.262  -0.587  1.00 13.27  ? 341 HIS A C   1 
ATOM   244 O  O   . HIS A 1 40  ? 1.498   -8.489  -1.676  1.00 12.73  ? 341 HIS A O   1 
ATOM   245 C  CB  . HIS A 1 40  ? 2.442   -7.610  1.364   1.00 14.07  ? 341 HIS A CB  1 
ATOM   246 C  CG  . HIS A 1 40  ? 3.546   -8.454  0.802   1.00 16.95  ? 341 HIS A CG  1 
ATOM   247 N  ND1 . HIS A 1 40  ? 4.513   -7.915  -0.023  1.00 18.28  ? 341 HIS A ND1 1 
ATOM   248 C  CD2 . HIS A 1 40  ? 3.761   -9.784  0.918   1.00 18.23  ? 341 HIS A CD2 1 
ATOM   249 C  CE1 . HIS A 1 40  ? 5.296   -8.931  -0.369  1.00 17.75  ? 341 HIS A CE1 1 
ATOM   250 N  NE2 . HIS A 1 40  ? 4.896   -10.064 0.180   1.00 17.91  ? 341 HIS A NE2 1 
ATOM   251 N  N   . VAL A 1 41  ? -0.012  -9.010  -0.101  1.00 10.62  ? 342 VAL A N   1 
ATOM   252 C  CA  . VAL A 1 41  ? -0.590  -10.141 -0.850  1.00 11.02  ? 342 VAL A CA  1 
ATOM   253 C  C   . VAL A 1 41  ? -1.291  -9.631  -2.130  1.00 12.58  ? 342 VAL A C   1 
ATOM   254 O  O   . VAL A 1 41  ? -1.045  -10.159 -3.233  1.00 11.35  ? 342 VAL A O   1 
ATOM   255 C  CB  . VAL A 1 41  ? -1.503  -11.017 0.048   1.00 16.16  ? 342 VAL A CB  1 
ATOM   256 C  CG1 . VAL A 1 41  ? -2.127  -12.167 -0.755  1.00 17.20  ? 342 VAL A CG1 1 
ATOM   257 C  CG2 . VAL A 1 41  ? -0.693  -11.581 1.237   1.00 15.79  ? 342 VAL A CG2 1 
ATOM   258 N  N   . PHE A 1 42  ? -2.113  -8.576  -1.989  1.00 11.23  ? 343 PHE A N   1 
ATOM   259 C  CA  . PHE A 1 42  ? -2.814  -7.984  -3.134  1.00 11.07  ? 343 PHE A CA  1 
ATOM   260 C  C   . PHE A 1 42  ? -1.803  -7.492  -4.160  1.00 13.30  ? 343 PHE A C   1 
ATOM   261 O  O   . PHE A 1 42  ? -1.980  -7.747  -5.350  1.00 13.65  ? 343 PHE A O   1 
ATOM   262 C  CB  . PHE A 1 42  ? -3.675  -6.801  -2.671  1.00 13.46  ? 343 PHE A CB  1 
ATOM   263 C  CG  . PHE A 1 42  ? -5.072  -7.222  -2.291  1.00 17.15  ? 343 PHE A CG  1 
ATOM   264 C  CD1 . PHE A 1 42  ? -5.339  -7.741  -1.030  1.00 22.03  ? 343 PHE A CD1 1 
ATOM   265 C  CD2 . PHE A 1 42  ? -6.127  -7.071  -3.183  1.00 20.52  ? 343 PHE A CD2 1 
ATOM   266 C  CE1 . PHE A 1 42  ? -6.651  -8.107  -0.660  1.00 22.77  ? 343 PHE A CE1 1 
ATOM   267 C  CE2 . PHE A 1 42  ? -7.432  -7.438  -2.817  1.00 23.36  ? 343 PHE A CE2 1 
ATOM   268 C  CZ  . PHE A 1 42  ? -7.683  -7.957  -1.560  1.00 21.05  ? 343 PHE A CZ  1 
ATOM   269 N  N   . LYS A 1 43  ? -0.772  -6.770  -3.707  1.00 10.83  ? 344 LYS A N   1 
ATOM   270 C  CA  . LYS A 1 43  ? 0.266   -6.183  -4.584  1.00 11.60  ? 344 LYS A CA  1 
ATOM   271 C  C   . LYS A 1 43  ? 0.986   -7.286  -5.368  1.00 14.46  ? 344 LYS A C   1 
ATOM   272 O  O   . LYS A 1 43  ? 1.199   -7.146  -6.568  1.00 14.99  ? 344 LYS A O   1 
ATOM   273 C  CB  . LYS A 1 43  ? 1.307   -5.398  -3.739  1.00 14.67  ? 344 LYS A CB  1 
ATOM   274 C  CG  . LYS A 1 43  ? 2.499   -4.881  -4.578  1.00 20.35  ? 344 LYS A CG  1 
ATOM   275 C  CD  . LYS A 1 43  ? 3.853   -5.016  -3.906  1.00 23.13  ? 344 LYS A CD  1 
ATOM   276 C  CE  . LYS A 1 43  ? 4.464   -6.357  -4.152  1.00 32.06  ? 344 LYS A CE  1 
ATOM   277 N  NZ  . LYS A 1 43  ? 5.943   -6.350  -3.919  1.00 31.67  ? 344 LYS A NZ  1 
ATOM   278 N  N   . THR A 1 44  ? 1.387   -8.367  -4.679  1.00 12.25  ? 345 THR A N   1 
ATOM   279 C  CA  . THR A 1 44  ? 2.108   -9.469  -5.314  1.00 12.72  ? 345 THR A CA  1 
ATOM   280 C  C   . THR A 1 44  ? 1.219   -10.109 -6.397  1.00 14.59  ? 345 THR A C   1 
ATOM   281 O  O   . THR A 1 44  ? 1.694   -10.413 -7.502  1.00 12.41  ? 345 THR A O   1 
ATOM   282 C  CB  . THR A 1 44  ? 2.582   -10.474 -4.230  1.00 17.83  ? 345 THR A CB  1 
ATOM   283 O  OG1 . THR A 1 44  ? 3.357   -9.770  -3.249  1.00 18.62  ? 345 THR A OG1 1 
ATOM   284 C  CG2 . THR A 1 44  ? 3.425   -11.586 -4.820  1.00 17.23  ? 345 THR A CG2 1 
ATOM   285 N  N   . THR A 1 45  ? -0.076  -10.287 -6.072  1.00 11.07  ? 346 THR A N   1 
ATOM   286 C  CA  . THR A 1 45  ? -1.052  -10.901 -6.982  1.00 10.61  ? 346 THR A CA  1 
ATOM   287 C  C   . THR A 1 45  ? -1.278  -10.034 -8.238  1.00 12.51  ? 346 THR A C   1 
ATOM   288 O  O   . THR A 1 45  ? -1.278  -10.542 -9.362  1.00 11.42  ? 346 THR A O   1 
ATOM   289 C  CB  . THR A 1 45  ? -2.358  -11.222 -6.243  1.00 13.89  ? 346 THR A CB  1 
ATOM   290 O  OG1 . THR A 1 45  ? -2.074  -12.024 -5.085  1.00 14.55  ? 346 THR A OG1 1 
ATOM   291 C  CG2 . THR A 1 45  ? -3.378  -11.940 -7.151  1.00 13.05  ? 346 THR A CG2 1 
ATOM   292 N  N   . VAL A 1 46  ? -1.520  -8.752  -8.039  1.00 9.84   ? 347 VAL A N   1 
ATOM   293 C  CA  . VAL A 1 46  ? -1.722  -7.801  -9.150  1.00 10.06  ? 347 VAL A CA  1 
ATOM   294 C  C   . VAL A 1 46  ? -0.423  -7.722  -10.011 1.00 13.12  ? 347 VAL A C   1 
ATOM   295 O  O   . VAL A 1 46  ? -0.510  -7.736  -11.233 1.00 11.82  ? 347 VAL A O   1 
ATOM   296 C  CB  . VAL A 1 46  ? -2.135  -6.417  -8.618  1.00 13.91  ? 347 VAL A CB  1 
ATOM   297 C  CG1 . VAL A 1 46  ? -2.063  -5.358  -9.735  1.00 13.61  ? 347 VAL A CG1 1 
ATOM   298 C  CG2 . VAL A 1 46  ? -3.555  -6.479  -8.042  1.00 13.18  ? 347 VAL A CG2 1 
ATOM   299 N  N   . ASN A 1 47  ? 0.760   -7.728  -9.378  1.00 10.61  ? 348 ASN A N   1 
ATOM   300 C  CA  . ASN A 1 47  ? 2.014   -7.718  -10.162 1.00 11.76  ? 348 ASN A CA  1 
ATOM   301 C  C   . ASN A 1 47  ? 2.172   -8.975  -11.042 1.00 14.91  ? 348 ASN A C   1 
ATOM   302 O  O   . ASN A 1 47  ? 2.676   -8.889  -12.178 1.00 13.43  ? 348 ASN A O   1 
ATOM   303 C  CB  . ASN A 1 47  ? 3.220   -7.501  -9.260  1.00 11.69  ? 348 ASN A CB  1 
ATOM   304 C  CG  . ASN A 1 47  ? 3.369   -6.072  -8.832  1.00 17.19  ? 348 ASN A CG  1 
ATOM   305 O  OD1 . ASN A 1 47  ? 2.680   -5.172  -9.320  1.00 13.66  ? 348 ASN A OD1 1 
ATOM   306 N  ND2 . ASN A 1 47  ? 4.279   -5.820  -7.910  1.00 13.57  ? 348 ASN A ND2 1 
ATOM   307 N  N   . SER A 1 48  ? 1.734   -10.126 -10.524 1.00 11.08  ? 349 SER A N   1 
ATOM   308 C  CA  . SER A 1 48  ? 1.766   -11.404 -11.254 1.00 11.06  ? 349 SER A CA  1 
ATOM   309 C  C   . SER A 1 48  ? 0.821   -11.333 -12.472 1.00 14.50  ? 349 SER A C   1 
ATOM   310 O  O   . SER A 1 48  ? 1.181   -11.793 -13.547 1.00 12.55  ? 349 SER A O   1 
ATOM   311 C  CB  . SER A 1 48  ? 1.402   -12.573 -10.338 1.00 12.70  ? 349 SER A CB  1 
ATOM   312 O  OG  . SER A 1 48  ? 2.400   -12.652 -9.327  1.00 16.06  ? 349 SER A OG  1 
ATOM   313 N  N   . LEU A 1 49  ? -0.363  -10.715 -12.305 1.00 12.32  ? 350 LEU A N   1 
ATOM   314 C  CA  . LEU A 1 49  ? -1.324  -10.518 -13.400 1.00 12.61  ? 350 LEU A CA  1 
ATOM   315 C  C   . LEU A 1 49  ? -0.718  -9.579  -14.463 1.00 15.36  ? 350 LEU A C   1 
ATOM   316 O  O   . LEU A 1 49  ? -0.881  -9.835  -15.653 1.00 14.00  ? 350 LEU A O   1 
ATOM   317 C  CB  . LEU A 1 49  ? -2.626  -9.899  -12.878 1.00 12.78  ? 350 LEU A CB  1 
ATOM   318 C  CG  . LEU A 1 49  ? -3.596  -10.858 -12.184 1.00 17.06  ? 350 LEU A CG  1 
ATOM   319 C  CD1 . LEU A 1 49  ? -4.662  -10.051 -11.373 1.00 16.97  ? 350 LEU A CD1 1 
ATOM   320 C  CD2 . LEU A 1 49  ? -4.314  -11.792 -13.205 1.00 17.13  ? 350 LEU A CD2 1 
ATOM   321 N  N   . ILE A 1 50  ? -0.017  -8.507  -14.031 1.00 12.02  ? 351 ILE A N   1 
ATOM   322 C  CA  . ILE A 1 50  ? 0.655   -7.602  -14.979 1.00 11.86  ? 351 ILE A CA  1 
ATOM   323 C  C   . ILE A 1 50  ? 1.697   -8.404  -15.788 1.00 14.82  ? 351 ILE A C   1 
ATOM   324 O  O   . ILE A 1 50  ? 1.753   -8.296  -17.009 1.00 14.27  ? 351 ILE A O   1 
ATOM   325 C  CB  . ILE A 1 50  ? 1.351   -6.445  -14.225 1.00 13.76  ? 351 ILE A CB  1 
ATOM   326 C  CG1 . ILE A 1 50  ? 0.297   -5.499  -13.562 1.00 13.88  ? 351 ILE A CG1 1 
ATOM   327 C  CG2 . ILE A 1 50  ? 2.304   -5.684  -15.174 1.00 13.56  ? 351 ILE A CG2 1 
ATOM   328 C  CD1 . ILE A 1 50  ? 0.941   -4.417  -12.603 1.00 12.64  ? 351 ILE A CD1 1 
ATOM   329 N  N   . SER A 1 51  ? 2.557   -9.143  -15.097 1.00 12.43  ? 352 SER A N   1 
ATOM   330 C  CA  . SER A 1 51  ? 3.625   -9.910  -15.751 1.00 12.13  ? 352 SER A CA  1 
ATOM   331 C  C   . SER A 1 51  ? 3.052   -10.892 -16.799 1.00 15.97  ? 352 SER A C   1 
ATOM   332 O  O   . SER A 1 51  ? 3.509   -10.894 -17.951 1.00 14.86  ? 352 SER A O   1 
ATOM   333 C  CB  . SER A 1 51  ? 4.464   -10.633 -14.700 1.00 13.79  ? 352 SER A CB  1 
ATOM   334 O  OG  . SER A 1 51  ? 5.508   -11.354 -15.329 1.00 19.86  ? 352 SER A OG  1 
ATOM   335 N  N   . ASP A 1 52  ? 2.009   -11.672 -16.414 1.00 11.76  ? 353 ASP A N   1 
ATOM   336 C  CA  . ASP A 1 52  ? 1.374   -12.637 -17.315 1.00 12.20  ? 353 ASP A CA  1 
ATOM   337 C  C   . ASP A 1 52  ? 0.672   -11.933 -18.482 1.00 15.96  ? 353 ASP A C   1 
ATOM   338 O  O   . ASP A 1 52  ? 0.757   -12.411 -19.610 1.00 15.00  ? 353 ASP A O   1 
ATOM   339 C  CB  . ASP A 1 52  ? 0.396   -13.544 -16.552 1.00 12.94  ? 353 ASP A CB  1 
ATOM   340 C  CG  . ASP A 1 52  ? 1.027   -14.644 -15.711 1.00 14.33  ? 353 ASP A CG  1 
ATOM   341 O  OD1 . ASP A 1 52  ? 2.272   -14.629 -15.532 1.00 15.06  ? 353 ASP A OD1 1 
ATOM   342 O  OD2 . ASP A 1 52  ? 0.297   -15.550 -15.293 1.00 16.20  ? 353 ASP A OD2 1 
ATOM   343 N  N   . GLN A 1 53  ? 0.056   -10.767 -18.242 1.00 13.26  ? 354 GLN A N   1 
ATOM   344 C  CA  . GLN A 1 53  ? -0.604  -10.028 -19.320 1.00 14.15  ? 354 GLN A CA  1 
ATOM   345 C  C   . GLN A 1 53  ? 0.410   -9.525  -20.362 1.00 19.71  ? 354 GLN A C   1 
ATOM   346 O  O   . GLN A 1 53  ? 0.150   -9.571  -21.565 1.00 19.24  ? 354 GLN A O   1 
ATOM   347 C  CB  . GLN A 1 53  ? -1.429  -8.856  -18.748 1.00 16.59  ? 354 GLN A CB  1 
ATOM   348 C  CG  . GLN A 1 53  ? -2.855  -8.847  -19.274 1.00 37.28  ? 354 GLN A CG  1 
ATOM   349 C  CD  . GLN A 1 53  ? -3.610  -7.599  -18.870 1.00 46.27  ? 354 GLN A CD  1 
ATOM   350 O  OE1 . GLN A 1 53  ? -3.147  -6.459  -19.053 1.00 39.40  ? 354 GLN A OE1 1 
ATOM   351 N  NE2 . GLN A 1 53  ? -4.790  -7.798  -18.315 1.00 26.69  ? 354 GLN A NE2 1 
ATOM   352 N  N   . LEU A 1 54  ? 1.579   -9.101  -19.893 1.00 17.20  ? 355 LEU A N   1 
ATOM   353 C  CA  . LEU A 1 54  ? 2.665   -8.651  -20.748 1.00 17.08  ? 355 LEU A CA  1 
ATOM   354 C  C   . LEU A 1 54  ? 3.251   -9.815  -21.523 1.00 19.58  ? 355 LEU A C   1 
ATOM   355 O  O   . LEU A 1 54  ? 3.543   -9.674  -22.719 1.00 18.63  ? 355 LEU A O   1 
ATOM   356 C  CB  . LEU A 1 54  ? 3.731   -7.905  -19.951 1.00 17.01  ? 355 LEU A CB  1 
ATOM   357 C  CG  . LEU A 1 54  ? 3.299   -6.529  -19.399 1.00 21.08  ? 355 LEU A CG  1 
ATOM   358 C  CD1 . LEU A 1 54  ? 4.430   -5.886  -18.625 1.00 21.86  ? 355 LEU A CD1 1 
ATOM   359 C  CD2 . LEU A 1 54  ? 2.792   -5.606  -20.513 1.00 24.30  ? 355 LEU A CD2 1 
ATOM   360 N  N   . LEU A 1 55  ? 3.383   -10.970 -20.861 1.00 16.27  ? 356 LEU A N   1 
ATOM   361 C  CA  . LEU A 1 55  ? 3.900   -12.199 -21.468 1.00 16.47  ? 356 LEU A CA  1 
ATOM   362 C  C   . LEU A 1 55  ? 2.935   -12.673 -22.588 1.00 21.03  ? 356 LEU A C   1 
ATOM   363 O  O   . LEU A 1 55  ? 3.393   -13.058 -23.673 1.00 20.73  ? 356 LEU A O   1 
ATOM   364 C  CB  . LEU A 1 55  ? 4.090   -13.267 -20.376 1.00 16.52  ? 356 LEU A CB  1 
ATOM   365 C  CG  . LEU A 1 55  ? 4.626   -14.646 -20.785 1.00 22.50  ? 356 LEU A CG  1 
ATOM   366 C  CD1 . LEU A 1 55  ? 5.831   -14.531 -21.651 1.00 24.54  ? 356 LEU A CD1 1 
ATOM   367 C  CD2 . LEU A 1 55  ? 5.005   -15.455 -19.559 1.00 20.33  ? 356 LEU A CD2 1 
ATOM   368 N  N   . MET A 1 56  ? 1.646   -12.597 -22.335 1.00 16.58  ? 357 MET A N   1 
ATOM   369 C  CA  . MET A 1 56  ? 0.640   -12.944 -23.333 1.00 17.86  ? 357 MET A CA  1 
ATOM   370 C  C   . MET A 1 56  ? 0.758   -12.051 -24.562 1.00 22.14  ? 357 MET A C   1 
ATOM   371 O  O   . MET A 1 56  ? 0.850   -12.525 -25.635 1.00 21.24  ? 357 MET A O   1 
ATOM   372 C  CB  . MET A 1 56  ? -0.764  -12.756 -22.767 1.00 20.30  ? 357 MET A CB  1 
ATOM   373 C  CG  . MET A 1 56  ? -1.171  -13.649 -21.677 1.00 25.61  ? 357 MET A CG  1 
ATOM   374 S  SD  . MET A 1 56  ? -2.962  -13.454 -21.290 1.00 31.58  ? 357 MET A SD  1 
ATOM   375 C  CE  . MET A 1 56  ? -3.601  -14.075 -22.702 1.00 28.32  ? 357 MET A CE  1 
ATOM   376 N  N   . ARG A 1 57  ? 0.783   -10.745 -24.326 1.00 19.78  ? 358 ARG A N   1 
ATOM   377 C  CA  . ARG A 1 57  ? 0.876   -9.728  -25.385 1.00 21.46  ? 358 ARG A CA  1 
ATOM   378 C  C   . ARG A 1 57  ? 2.078   -9.967  -26.288 1.00 28.05  ? 358 ARG A C   1 
ATOM   379 O  O   . ARG A 1 57  ? 1.937   -9.901  -27.506 1.00 29.78  ? 358 ARG A O   1 
ATOM   380 C  CB  . ARG A 1 57  ? 0.928   -8.333  -24.737 1.00 22.35  ? 358 ARG A CB  1 
ATOM   381 C  CG  . ARG A 1 57  ? 0.638   -7.156  -25.632 1.00 33.20  ? 358 ARG A CG  1 
ATOM   382 C  CD  . ARG A 1 57  ? 0.665   -5.885  -24.789 1.00 31.79  ? 358 ARG A CD  1 
ATOM   383 N  NE  . ARG A 1 57  ? -0.313  -5.946  -23.694 1.00 35.30  ? 358 ARG A NE  1 
ATOM   384 C  CZ  . ARG A 1 57  ? -0.383  -5.067  -22.698 1.00 42.07  ? 358 ARG A CZ  1 
ATOM   385 N  NH1 . ARG A 1 57  ? 0.479   -4.066  -22.633 1.00 22.98  ? 358 ARG A NH1 1 
ATOM   386 N  NH2 . ARG A 1 57  ? -1.305  -5.196  -21.750 1.00 27.81  ? 358 ARG A NH2 1 
ATOM   387 N  N   . ASN A 1 58  ? 3.229   -10.312 -25.702 1.00 25.24  ? 359 ASN A N   1 
ATOM   388 C  CA  . ASN A 1 58  ? 4.467   -10.617 -26.415 1.00 26.23  ? 359 ASN A CA  1 
ATOM   389 C  C   . ASN A 1 58  ? 4.445   -11.906 -27.251 1.00 29.98  ? 359 ASN A C   1 
ATOM   390 O  O   . ASN A 1 58  ? 5.331   -12.080 -28.082 1.00 31.30  ? 359 ASN A O   1 
ATOM   391 C  CB  . ASN A 1 58  ? 5.646   -10.657 -25.436 1.00 29.63  ? 359 ASN A CB  1 
ATOM   392 C  CG  . ASN A 1 58  ? 6.091   -9.305  -24.921 1.00 59.43  ? 359 ASN A CG  1 
ATOM   393 O  OD1 . ASN A 1 58  ? 5.833   -8.255  -25.523 1.00 55.79  ? 359 ASN A OD1 1 
ATOM   394 N  ND2 . ASN A 1 58  ? 6.799   -9.306  -23.798 1.00 52.23  ? 359 ASN A ND2 1 
ATOM   395 N  N   . HIS A 1 59  ? 3.474   -12.809 -27.025 1.00 24.53  ? 360 HIS A N   1 
ATOM   396 C  CA  . HIS A 1 59  ? 3.365   -14.077 -27.756 1.00 24.53  ? 360 HIS A CA  1 
ATOM   397 C  C   . HIS A 1 59  ? 2.161   -14.154 -28.707 1.00 25.90  ? 360 HIS A C   1 
ATOM   398 O  O   . HIS A 1 59  ? 1.912   -15.214 -29.279 1.00 26.87  ? 360 HIS A O   1 
ATOM   399 C  CB  . HIS A 1 59  ? 3.316   -15.241 -26.752 1.00 26.64  ? 360 HIS A CB  1 
ATOM   400 C  CG  . HIS A 1 59  ? 4.650   -15.548 -26.183 1.00 31.55  ? 360 HIS A CG  1 
ATOM   401 N  ND1 . HIS A 1 59  ? 5.199   -14.773 -25.184 1.00 34.12  ? 360 HIS A ND1 1 
ATOM   402 C  CD2 . HIS A 1 59  ? 5.542   -16.498 -26.542 1.00 34.82  ? 360 HIS A CD2 1 
ATOM   403 C  CE1 . HIS A 1 59  ? 6.395   -15.289 -24.951 1.00 34.11  ? 360 HIS A CE1 1 
ATOM   404 N  NE2 . HIS A 1 59  ? 6.646   -16.322 -25.748 1.00 34.63  ? 360 HIS A NE2 1 
ATOM   405 N  N   . LEU A 1 60  ? 1.398   -13.064 -28.849 1.00 20.40  ? 361 LEU A N   1 
ATOM   406 C  CA  . LEU A 1 60  ? 0.201   -13.084 -29.692 1.00 19.92  ? 361 LEU A CA  1 
ATOM   407 C  C   . LEU A 1 60  ? 0.284   -12.110 -30.864 1.00 23.71  ? 361 LEU A C   1 
ATOM   408 O  O   . LEU A 1 60  ? 0.055   -10.905 -30.703 1.00 21.08  ? 361 LEU A O   1 
ATOM   409 C  CB  . LEU A 1 60  ? -1.068  -12.854 -28.860 1.00 19.75  ? 361 LEU A CB  1 
ATOM   410 C  CG  . LEU A 1 60  ? -1.390  -13.901 -27.783 1.00 22.25  ? 361 LEU A CG  1 
ATOM   411 C  CD1 . LEU A 1 60  ? -2.402  -13.330 -26.781 1.00 20.20  ? 361 LEU A CD1 1 
ATOM   412 C  CD2 . LEU A 1 60  ? -1.921  -15.229 -28.398 1.00 21.53  ? 361 LEU A CD2 1 
ATOM   413 N  N   . ARG A 1 61  ? 0.642   -12.636 -32.060 1.00 22.37  ? 362 ARG A N   1 
ATOM   414 C  CA  . ARG A 1 61  ? 0.778   -11.794 -33.266 1.00 22.61  ? 362 ARG A CA  1 
ATOM   415 C  C   . ARG A 1 61  ? -0.464  -10.974 -33.647 1.00 25.07  ? 362 ARG A C   1 
ATOM   416 O  O   . ARG A 1 61  ? -0.303  -9.894  -34.211 1.00 25.55  ? 362 ARG A O   1 
ATOM   417 C  CB  . ARG A 1 61  ? 1.314   -12.581 -34.463 1.00 23.91  ? 362 ARG A CB  1 
ATOM   418 C  CG  . ARG A 1 61  ? 0.316   -13.611 -34.971 1.00 26.81  ? 362 ARG A CG  1 
ATOM   419 C  CD  . ARG A 1 61  ? 0.784   -14.194 -36.273 1.00 31.07  ? 362 ARG A CD  1 
ATOM   420 N  NE  . ARG A 1 61  ? -0.032  -15.343 -36.653 1.00 27.88  ? 362 ARG A NE  1 
ATOM   421 C  CZ  . ARG A 1 61  ? 0.101   -16.002 -37.795 1.00 34.38  ? 362 ARG A CZ  1 
ATOM   422 N  NH1 . ARG A 1 61  ? 0.997   -15.612 -38.697 1.00 24.89  ? 362 ARG A NH1 1 
ATOM   423 N  NH2 . ARG A 1 61  ? -0.652  -17.058 -38.044 1.00 23.52  ? 362 ARG A NH2 1 
ATOM   424 N  N   . ASP A 1 62  ? -1.689  -11.447 -33.305 1.00 21.27  ? 363 ASP A N   1 
ATOM   425 C  CA  . ASP A 1 62  ? -2.934  -10.719 -33.607 1.00 20.95  ? 363 ASP A CA  1 
ATOM   426 C  C   . ASP A 1 62  ? -3.021  -9.400  -32.843 1.00 25.29  ? 363 ASP A C   1 
ATOM   427 O  O   . ASP A 1 62  ? -3.883  -8.578  -33.149 1.00 26.65  ? 363 ASP A O   1 
ATOM   428 C  CB  . ASP A 1 62  ? -4.184  -11.572 -33.320 1.00 20.86  ? 363 ASP A CB  1 
ATOM   429 C  CG  . ASP A 1 62  ? -4.408  -12.743 -34.267 1.00 27.66  ? 363 ASP A CG  1 
ATOM   430 O  OD1 . ASP A 1 62  ? -5.472  -13.371 -34.183 1.00 29.38  ? 363 ASP A OD1 1 
ATOM   431 O  OD2 . ASP A 1 62  ? -3.501  -13.050 -35.056 1.00 29.46  ? 363 ASP A OD2 1 
ATOM   432 N  N   . LEU A 1 63  ? -2.172  -9.217  -31.834 1.00 21.85  ? 364 LEU A N   1 
ATOM   433 C  CA  . LEU A 1 63  ? -2.164  -7.993  -31.022 1.00 23.96  ? 364 LEU A CA  1 
ATOM   434 C  C   . LEU A 1 63  ? -1.103  -6.981  -31.466 1.00 33.94  ? 364 LEU A C   1 
ATOM   435 O  O   . LEU A 1 63  ? -1.012  -5.907  -30.872 1.00 32.40  ? 364 LEU A O   1 
ATOM   436 C  CB  . LEU A 1 63  ? -1.953  -8.343  -29.530 1.00 23.53  ? 364 LEU A CB  1 
ATOM   437 C  CG  . LEU A 1 63  ? -2.951  -9.311  -28.875 1.00 26.90  ? 364 LEU A CG  1 
ATOM   438 C  CD1 . LEU A 1 63  ? -2.543  -9.591  -27.450 1.00 27.07  ? 364 LEU A CD1 1 
ATOM   439 C  CD2 . LEU A 1 63  ? -4.394  -8.773  -28.929 1.00 27.17  ? 364 LEU A CD2 1 
ATOM   440 N  N   . MET A 1 64  ? -0.336  -7.284  -32.490 1.00 35.96  ? 365 MET A N   1 
ATOM   441 C  CA  . MET A 1 64  ? 0.802   -6.442  -32.845 1.00 38.16  ? 365 MET A CA  1 
ATOM   442 C  C   . MET A 1 64  ? 0.471   -5.033  -33.353 1.00 40.46  ? 365 MET A C   1 
ATOM   443 O  O   . MET A 1 64  ? 1.204   -4.126  -33.122 1.00 41.66  ? 365 MET A O   1 
ATOM   444 C  CB  . MET A 1 64  ? 1.785   -7.193  -33.753 1.00 41.82  ? 365 MET A CB  1 
ATOM   445 C  CG  . MET A 1 64  ? 2.480   -8.365  -33.020 1.00 47.93  ? 365 MET A CG  1 
ATOM   446 S  SD  . MET A 1 64  ? 3.465   -8.077  -31.510 1.00 54.65  ? 365 MET A SD  1 
ATOM   447 C  CE  . MET A 1 64  ? 2.319   -8.567  -30.192 1.00 51.19  ? 365 MET A CE  1 
ATOM   448 N  N   . GLY A 1 65  ? -0.650  -4.861  -34.000 1.00 35.25  ? 366 GLY A N   1 
ATOM   449 C  CA  . GLY A 1 65  ? -1.063  -3.551  -34.499 1.00 34.74  ? 366 GLY A CA  1 
ATOM   450 C  C   . GLY A 1 65  ? -1.680  -2.641  -33.453 1.00 36.14  ? 366 GLY A C   1 
ATOM   451 O  O   . GLY A 1 65  ? -1.941  -1.477  -33.740 1.00 36.99  ? 366 GLY A O   1 
ATOM   452 N  N   . VAL A 1 66  ? -1.942  -3.165  -32.236 1.00 30.29  ? 367 VAL A N   1 
ATOM   453 C  CA  . VAL A 1 66  ? -2.554  -2.402  -31.151 1.00 27.98  ? 367 VAL A CA  1 
ATOM   454 C  C   . VAL A 1 66  ? -1.527  -1.416  -30.571 1.00 27.89  ? 367 VAL A C   1 
ATOM   455 O  O   . VAL A 1 66  ? -0.466  -1.837  -30.131 1.00 26.03  ? 367 VAL A O   1 
ATOM   456 C  CB  . VAL A 1 66  ? -3.169  -3.313  -30.049 1.00 31.43  ? 367 VAL A CB  1 
ATOM   457 C  CG1 . VAL A 1 66  ? -3.815  -2.468  -28.950 1.00 30.97  ? 367 VAL A CG1 1 
ATOM   458 C  CG2 . VAL A 1 66  ? -4.185  -4.292  -30.646 1.00 30.86  ? 367 VAL A CG2 1 
ATOM   459 N  N   . PRO A 1 67  ? -1.822  -0.106  -30.537 1.00 26.28  ? 368 PRO A N   1 
ATOM   460 C  CA  . PRO A 1 67  ? -0.829  0.833   -29.998 1.00 26.04  ? 368 PRO A CA  1 
ATOM   461 C  C   . PRO A 1 67  ? -0.849  0.930   -28.479 1.00 28.27  ? 368 PRO A C   1 
ATOM   462 O  O   . PRO A 1 67  ? -1.850  0.608   -27.851 1.00 23.82  ? 368 PRO A O   1 
ATOM   463 C  CB  . PRO A 1 67  ? -1.239  2.163   -30.625 1.00 27.96  ? 368 PRO A CB  1 
ATOM   464 C  CG  . PRO A 1 67  ? -2.711  2.063   -30.768 1.00 32.50  ? 368 PRO A CG  1 
ATOM   465 C  CD  . PRO A 1 67  ? -3.029  0.600   -31.020 1.00 27.51  ? 368 PRO A CD  1 
ATOM   466 N  N   . TYR A 1 68  ? 0.267   1.358   -27.903 1.00 27.27  ? 369 TYR A N   1 
ATOM   467 C  CA  . TYR A 1 68  ? 0.345   1.769   -26.516 1.00 27.11  ? 369 TYR A CA  1 
ATOM   468 C  C   . TYR A 1 68  ? -0.169  3.173   -26.261 1.00 26.20  ? 369 TYR A C   1 
ATOM   469 O  O   . TYR A 1 68  ? 0.038   4.031   -27.051 1.00 26.14  ? 369 TYR A O   1 
ATOM   470 C  CB  . TYR A 1 68  ? 1.774   1.668   -25.992 1.00 29.68  ? 369 TYR A CB  1 
ATOM   471 C  CG  . TYR A 1 68  ? 2.248   0.267   -25.771 1.00 33.39  ? 369 TYR A CG  1 
ATOM   472 C  CD1 . TYR A 1 68  ? 2.293   -0.266  -24.509 1.00 35.90  ? 369 TYR A CD1 1 
ATOM   473 C  CD2 . TYR A 1 68  ? 2.672   -0.508  -26.813 1.00 34.93  ? 369 TYR A CD2 1 
ATOM   474 C  CE1 . TYR A 1 68  ? 2.692   -1.538  -24.290 1.00 38.82  ? 369 TYR A CE1 1 
ATOM   475 C  CE2 . TYR A 1 68  ? 3.095   -1.794  -26.599 1.00 36.32  ? 369 TYR A CE2 1 
ATOM   476 C  CZ  . TYR A 1 68  ? 3.116   -2.293  -25.327 1.00 47.83  ? 369 TYR A CZ  1 
ATOM   477 O  OH  . TYR A 1 68  ? 3.519   -3.570  -25.069 1.00 54.97  ? 369 TYR A OH  1 
ATOM   478 N  N   . CYS A 1 69  ? -0.871  3.374   -25.174 1.00 19.25  ? 370 CYS A N   1 
ATOM   479 C  CA  . CYS A 1 69  ? -1.427  4.697   -24.869 1.00 18.88  ? 370 CYS A CA  1 
ATOM   480 C  C   . CYS A 1 69  ? -0.310  5.711   -24.626 1.00 23.85  ? 370 CYS A C   1 
ATOM   481 O  O   . CYS A 1 69  ? -0.511  6.894   -24.851 1.00 24.36  ? 370 CYS A O   1 
ATOM   482 C  CB  . CYS A 1 69  ? -2.358  4.647   -23.664 1.00 18.75  ? 370 CYS A CB  1 
ATOM   483 S  SG  . CYS A 1 69  ? -3.796  3.573   -23.860 1.00 22.47  ? 370 CYS A SG  1 
ATOM   484 N  N   . ASN A 1 70  ? 0.810   5.240   -24.077 1.00 22.48  ? 371 ASN A N   1 
ATOM   485 C  CA  . ASN A 1 70  ? 1.971   6.036   -23.652 1.00 23.99  ? 371 ASN A CA  1 
ATOM   486 C  C   . ASN A 1 70  ? 1.609   7.053   -22.577 1.00 27.74  ? 371 ASN A C   1 
ATOM   487 O  O   . ASN A 1 70  ? 2.165   8.159   -22.553 1.00 29.99  ? 371 ASN A O   1 
ATOM   488 C  CB  . ASN A 1 70  ? 2.728   6.659   -24.844 1.00 28.41  ? 371 ASN A CB  1 
ATOM   489 C  CG  . ASN A 1 70  ? 3.417   5.630   -25.697 1.00 44.79  ? 371 ASN A CG  1 
ATOM   490 O  OD1 . ASN A 1 70  ? 4.046   4.690   -25.207 1.00 38.05  ? 371 ASN A OD1 1 
ATOM   491 N  ND2 . ASN A 1 70  ? 3.296   5.776   -26.997 1.00 42.68  ? 371 ASN A ND2 1 
ATOM   492 N  N   . TYR A 1 71  ? 0.657   6.680   -21.685 1.00 22.23  ? 372 TYR A N   1 
ATOM   493 C  CA  . TYR A 1 71  ? 0.279   7.538   -20.563 1.00 20.76  ? 372 TYR A CA  1 
ATOM   494 C  C   . TYR A 1 71  ? 1.209   7.127   -19.423 1.00 24.55  ? 372 TYR A C   1 
ATOM   495 O  O   . TYR A 1 71  ? 1.160   5.980   -18.972 1.00 24.98  ? 372 TYR A O   1 
ATOM   496 C  CB  . TYR A 1 71  ? -1.177  7.328   -20.109 1.00 20.76  ? 372 TYR A CB  1 
ATOM   497 C  CG  . TYR A 1 71  ? -2.272  7.488   -21.146 1.00 22.97  ? 372 TYR A CG  1 
ATOM   498 C  CD1 . TYR A 1 71  ? -2.115  8.348   -22.232 1.00 25.76  ? 372 TYR A CD1 1 
ATOM   499 C  CD2 . TYR A 1 71  ? -3.506  6.865   -20.982 1.00 23.11  ? 372 TYR A CD2 1 
ATOM   500 C  CE1 . TYR A 1 71  ? -3.144  8.543   -23.157 1.00 27.90  ? 372 TYR A CE1 1 
ATOM   501 C  CE2 . TYR A 1 71  ? -4.536  7.037   -21.905 1.00 23.61  ? 372 TYR A CE2 1 
ATOM   502 C  CZ  . TYR A 1 71  ? -4.353  7.886   -22.988 1.00 32.23  ? 372 TYR A CZ  1 
ATOM   503 O  OH  . TYR A 1 71  ? -5.365  8.069   -23.895 1.00 31.18  ? 372 TYR A OH  1 
ATOM   504 N  N   . SER A 1 72  ? 2.035   8.057   -18.939 1.00 18.50  ? 373 SER A N   1 
ATOM   505 C  CA  . SER A 1 72  ? 2.959   7.759   -17.850 1.00 16.48  ? 373 SER A CA  1 
ATOM   506 C  C   . SER A 1 72  ? 2.245   7.715   -16.523 1.00 18.31  ? 373 SER A C   1 
ATOM   507 O  O   . SER A 1 72  ? 1.283   8.438   -16.307 1.00 16.90  ? 373 SER A O   1 
ATOM   508 C  CB  . SER A 1 72  ? 4.101   8.765   -17.828 1.00 19.76  ? 373 SER A CB  1 
ATOM   509 O  OG  . SER A 1 72  ? 4.811   8.706   -19.054 1.00 21.28  ? 373 SER A OG  1 
ATOM   510 N  N   . LYS A 1 73  ? 2.750   6.862   -15.627 1.00 16.22  ? 374 LYS A N   1 
ATOM   511 C  CA  . LYS A 1 73  ? 2.206   6.535   -14.313 1.00 16.55  ? 374 LYS A CA  1 
ATOM   512 C  C   . LYS A 1 73  ? 1.654   7.708   -13.518 1.00 17.53  ? 374 LYS A C   1 
ATOM   513 O  O   . LYS A 1 73  ? 0.485   7.706   -13.173 1.00 15.69  ? 374 LYS A O   1 
ATOM   514 C  CB  . LYS A 1 73  ? 3.300   5.813   -13.497 1.00 19.62  ? 374 LYS A CB  1 
ATOM   515 C  CG  . LYS A 1 73  ? 2.929   5.439   -12.087 1.00 31.35  ? 374 LYS A CG  1 
ATOM   516 C  CD  . LYS A 1 73  ? 4.068   4.607   -11.536 1.00 29.05  ? 374 LYS A CD  1 
ATOM   517 C  CE  . LYS A 1 73  ? 4.061   4.558   -10.055 1.00 24.13  ? 374 LYS A CE  1 
ATOM   518 N  NZ  . LYS A 1 73  ? 4.852   3.385   -9.578  1.00 23.19  ? 374 LYS A NZ  1 
ATOM   519 N  N   . PHE A 1 74  ? 2.514   8.668   -13.148 1.00 14.28  ? 375 PHE A N   1 
ATOM   520 C  CA  . PHE A 1 74  ? 2.066   9.745   -12.277 1.00 15.06  ? 375 PHE A CA  1 
ATOM   521 C  C   . PHE A 1 74  ? 1.014   10.684  -12.848 1.00 19.60  ? 375 PHE A C   1 
ATOM   522 O  O   . PHE A 1 74  ? 0.058   11.018  -12.139 1.00 19.37  ? 375 PHE A O   1 
ATOM   523 C  CB  . PHE A 1 74  ? 3.263   10.470  -11.637 1.00 15.37  ? 375 PHE A CB  1 
ATOM   524 C  CG  . PHE A 1 74  ? 3.998   9.552   -10.686 1.00 16.04  ? 375 PHE A CG  1 
ATOM   525 C  CD1 . PHE A 1 74  ? 3.560   9.388   -9.371  1.00 19.16  ? 375 PHE A CD1 1 
ATOM   526 C  CD2 . PHE A 1 74  ? 5.134   8.860   -11.096 1.00 17.28  ? 375 PHE A CD2 1 
ATOM   527 C  CE1 . PHE A 1 74  ? 4.231   8.520   -8.492  1.00 19.34  ? 375 PHE A CE1 1 
ATOM   528 C  CE2 . PHE A 1 74  ? 5.806   7.993   -10.216 1.00 19.46  ? 375 PHE A CE2 1 
ATOM   529 C  CZ  . PHE A 1 74  ? 5.355   7.835   -8.912  1.00 17.43  ? 375 PHE A CZ  1 
ATOM   530 N  N   . TRP A 1 75  ? 1.167   11.100  -14.116 1.00 17.15  ? 376 TRP A N   1 
ATOM   531 C  CA  . TRP A 1 75  ? 0.169   11.948  -14.761 1.00 19.65  ? 376 TRP A CA  1 
ATOM   532 C  C   . TRP A 1 75  ? -1.163  11.169  -14.806 1.00 20.19  ? 376 TRP A C   1 
ATOM   533 O  O   . TRP A 1 75  ? -2.219  11.726  -14.529 1.00 17.26  ? 376 TRP A O   1 
ATOM   534 C  CB  . TRP A 1 75  ? 0.608   12.352  -16.192 1.00 20.80  ? 376 TRP A CB  1 
ATOM   535 C  CG  . TRP A 1 75  ? -0.456  13.120  -16.931 1.00 24.60  ? 376 TRP A CG  1 
ATOM   536 C  CD1 . TRP A 1 75  ? -0.682  14.464  -16.879 1.00 27.93  ? 376 TRP A CD1 1 
ATOM   537 C  CD2 . TRP A 1 75  ? -1.529  12.559  -17.707 1.00 25.55  ? 376 TRP A CD2 1 
ATOM   538 N  NE1 . TRP A 1 75  ? -1.834  14.778  -17.569 1.00 28.85  ? 376 TRP A NE1 1 
ATOM   539 C  CE2 . TRP A 1 75  ? -2.379  13.622  -18.078 1.00 30.59  ? 376 TRP A CE2 1 
ATOM   540 C  CE3 . TRP A 1 75  ? -1.872  11.246  -18.094 1.00 28.12  ? 376 TRP A CE3 1 
ATOM   541 C  CZ2 . TRP A 1 75  ? -3.505  13.431  -18.889 1.00 30.76  ? 376 TRP A CZ2 1 
ATOM   542 C  CZ3 . TRP A 1 75  ? -3.013  11.049  -18.867 1.00 30.91  ? 376 TRP A CZ3 1 
ATOM   543 C  CH2 . TRP A 1 75  ? -3.824  12.132  -19.243 1.00 31.80  ? 376 TRP A CH2 1 
ATOM   544 N  N   . TYR A 1 76  ? -1.095  9.873   -15.150 1.00 16.39  ? 377 TYR A N   1 
ATOM   545 C  CA  . TYR A 1 76  ? -2.308  9.045   -15.254 1.00 15.22  ? 377 TYR A CA  1 
ATOM   546 C  C   . TYR A 1 76  ? -3.014  8.883   -13.907 1.00 18.23  ? 377 TYR A C   1 
ATOM   547 O  O   . TYR A 1 76  ? -4.231  9.056   -13.825 1.00 16.80  ? 377 TYR A O   1 
ATOM   548 C  CB  . TYR A 1 76  ? -1.970  7.700   -15.901 1.00 16.48  ? 377 TYR A CB  1 
ATOM   549 C  CG  . TYR A 1 76  ? -3.195  6.900   -16.275 1.00 17.78  ? 377 TYR A CG  1 
ATOM   550 C  CD1 . TYR A 1 76  ? -3.916  7.190   -17.429 1.00 19.83  ? 377 TYR A CD1 1 
ATOM   551 C  CD2 . TYR A 1 76  ? -3.655  5.869   -15.459 1.00 18.92  ? 377 TYR A CD2 1 
ATOM   552 C  CE1 . TYR A 1 76  ? -5.061  6.468   -17.768 1.00 22.70  ? 377 TYR A CE1 1 
ATOM   553 C  CE2 . TYR A 1 76  ? -4.770  5.104   -15.816 1.00 19.41  ? 377 TYR A CE2 1 
ATOM   554 C  CZ  . TYR A 1 76  ? -5.476  5.418   -16.965 1.00 23.73  ? 377 TYR A CZ  1 
ATOM   555 O  OH  . TYR A 1 76  ? -6.598  4.704   -17.293 1.00 21.40  ? 377 TYR A OH  1 
ATOM   556 N  N   . LEU A 1 77  ? -2.255  8.621   -12.842 1.00 16.47  ? 378 LEU A N   1 
ATOM   557 C  CA  . LEU A 1 77  ? -2.837  8.521   -11.495 1.00 16.10  ? 378 LEU A CA  1 
ATOM   558 C  C   . LEU A 1 77  ? -3.598  9.791   -11.104 1.00 20.48  ? 378 LEU A C   1 
ATOM   559 O  O   . LEU A 1 77  ? -4.641  9.715   -10.449 1.00 19.49  ? 378 LEU A O   1 
ATOM   560 C  CB  . LEU A 1 77  ? -1.737  8.246   -10.468 1.00 15.65  ? 378 LEU A CB  1 
ATOM   561 C  CG  . LEU A 1 77  ? -1.253  6.800   -10.391 1.00 18.49  ? 378 LEU A CG  1 
ATOM   562 C  CD1 . LEU A 1 77  ? 0.076   6.702   -9.615  1.00 18.08  ? 378 LEU A CD1 1 
ATOM   563 C  CD2 . LEU A 1 77  ? -2.336  5.890   -9.732  1.00 19.16  ? 378 LEU A CD2 1 
ATOM   564 N  N   . GLU A 1 78  ? -3.085  10.967  -11.524 1.00 18.81  ? 379 GLU A N   1 
ATOM   565 C  CA  . GLU A 1 78  ? -3.739  12.230  -11.207 1.00 21.13  ? 379 GLU A CA  1 
ATOM   566 C  C   . GLU A 1 78  ? -4.921  12.535  -12.128 1.00 28.31  ? 379 GLU A C   1 
ATOM   567 O  O   . GLU A 1 78  ? -5.841  13.233  -11.707 1.00 30.68  ? 379 GLU A O   1 
ATOM   568 C  CB  . GLU A 1 78  ? -2.733  13.410  -11.251 1.00 23.46  ? 379 GLU A CB  1 
ATOM   569 C  CG  . GLU A 1 78  ? -1.639  13.360  -10.201 1.00 40.46  ? 379 GLU A CG  1 
ATOM   570 C  CD  . GLU A 1 78  ? -2.099  13.257  -8.759  1.00 74.52  ? 379 GLU A CD  1 
ATOM   571 O  OE1 . GLU A 1 78  ? -2.929  14.091  -8.331  1.00 66.58  ? 379 GLU A OE1 1 
ATOM   572 O  OE2 . GLU A 1 78  ? -1.628  12.332  -8.058  1.00 80.07  ? 379 GLU A OE2 1 
ATOM   573 N  N   . HIS A 1 79  ? -4.899  12.027  -13.369 1.00 26.84  ? 380 HIS A N   1 
ATOM   574 C  CA  . HIS A 1 79  ? -5.883  12.335  -14.417 1.00 28.47  ? 380 HIS A CA  1 
ATOM   575 C  C   . HIS A 1 79  ? -6.899  11.288  -14.828 1.00 35.99  ? 380 HIS A C   1 
ATOM   576 O  O   . HIS A 1 79  ? -7.983  11.676  -15.265 1.00 38.52  ? 380 HIS A O   1 
ATOM   577 C  CB  . HIS A 1 79  ? -5.208  13.014  -15.633 1.00 29.97  ? 380 HIS A CB  1 
ATOM   578 C  CG  . HIS A 1 79  ? -4.459  14.255  -15.247 1.00 33.52  ? 380 HIS A CG  1 
ATOM   579 N  ND1 . HIS A 1 79  ? -5.016  15.511  -15.405 1.00 35.85  ? 380 HIS A ND1 1 
ATOM   580 C  CD2 . HIS A 1 79  ? -3.257  14.386  -14.638 1.00 35.07  ? 380 HIS A CD2 1 
ATOM   581 C  CE1 . HIS A 1 79  ? -4.139  16.358  -14.893 1.00 35.12  ? 380 HIS A CE1 1 
ATOM   582 N  NE2 . HIS A 1 79  ? -3.061  15.724  -14.421 1.00 35.14  ? 380 HIS A NE2 1 
ATOM   583 N  N   . ALA A 1 80  ? -6.600  9.981   -14.660 1.00 31.92  ? 381 ALA A N   1 
ATOM   584 C  CA  . ALA A 1 80  ? -7.498  8.867   -15.037 1.00 49.22  ? 381 ALA A CA  1 
ATOM   585 C  C   . ALA A 1 80  ? -8.948  9.040   -14.577 1.00 82.78  ? 381 ALA A C   1 
ATOM   586 O  O   . ALA A 1 80  ? -9.190  9.494   -13.462 1.00 48.95  ? 381 ALA A O   1 
ATOM   587 C  CB  . ALA A 1 80  ? -6.955  7.546   -14.526 1.00 49.67  ? 381 ALA A CB  1 
ATOM   588 N  N   . PRO A 1 88  ? -11.639 -0.214  -25.509 1.00 43.68  ? 389 PRO A N   1 
ATOM   589 C  CA  . PRO A 1 88  ? -10.238 0.210   -25.663 1.00 42.38  ? 389 PRO A CA  1 
ATOM   590 C  C   . PRO A 1 88  ? -9.769  -0.197  -27.087 1.00 45.11  ? 389 PRO A C   1 
ATOM   591 O  O   . PRO A 1 88  ? -10.252 -1.209  -27.523 1.00 46.50  ? 389 PRO A O   1 
ATOM   592 C  CB  . PRO A 1 88  ? -9.513  -0.517  -24.496 1.00 43.73  ? 389 PRO A CB  1 
ATOM   593 C  CG  . PRO A 1 88  ? -10.610 -1.300  -23.731 1.00 48.52  ? 389 PRO A CG  1 
ATOM   594 C  CD  . PRO A 1 88  ? -11.765 -1.413  -24.643 1.00 44.71  ? 389 PRO A CD  1 
ATOM   595 N  N   . LYS A 1 89  ? -8.912  0.538   -27.804 1.00 38.25  ? 390 LYS A N   1 
ATOM   596 C  CA  . LYS A 1 89  ? -8.301  1.797   -27.395 1.00 34.06  ? 390 LYS A CA  1 
ATOM   597 C  C   . LYS A 1 89  ? -6.800  1.785   -27.726 1.00 28.91  ? 390 LYS A C   1 
ATOM   598 O  O   . LYS A 1 89  ? -6.378  2.000   -28.862 1.00 26.54  ? 390 LYS A O   1 
ATOM   599 C  CB  . LYS A 1 89  ? -8.512  2.037   -25.900 1.00 37.43  ? 390 LYS A CB  1 
ATOM   600 C  CG  . LYS A 1 89  ? -8.996  3.437   -25.559 1.00 57.22  ? 390 LYS A CG  1 
ATOM   601 C  CD  . LYS A 1 89  ? -9.117  3.628   -24.055 1.00 68.47  ? 390 LYS A CD  1 
ATOM   602 C  CE  . LYS A 1 89  ? -8.917  5.084   -23.667 1.00 80.38  ? 390 LYS A CE  1 
ATOM   603 N  NZ  . LYS A 1 89  ? -7.507  5.522   -23.864 1.00 88.81  ? 390 LYS A NZ  1 
ATOM   604 N  N   . CYS A 1 90  ? -6.030  1.523   -26.683 1.00 20.71  ? 391 CYS A N   1 
ATOM   605 C  CA  . CYS A 1 90  ? -4.596  1.386   -26.636 1.00 18.68  ? 391 CYS A CA  1 
ATOM   606 C  C   . CYS A 1 90  ? -4.226  0.695   -25.324 1.00 18.96  ? 391 CYS A C   1 
ATOM   607 O  O   . CYS A 1 90  ? -5.050  0.693   -24.399 1.00 18.19  ? 391 CYS A O   1 
ATOM   608 C  CB  . CYS A 1 90  ? -3.934  2.761   -26.754 1.00 18.71  ? 391 CYS A CB  1 
ATOM   609 S  SG  . CYS A 1 90  ? -4.635  4.025   -25.664 1.00 22.47  ? 391 CYS A SG  1 
ATOM   610 N  N   . TRP A 1 91  ? -3.003  0.148   -25.226 1.00 17.50  ? 392 TRP A N   1 
ATOM   611 C  CA  . TRP A 1 91  ? -2.548  -0.522  -23.985 1.00 17.28  ? 392 TRP A CA  1 
ATOM   612 C  C   . TRP A 1 91  ? -2.239  0.465   -22.864 1.00 19.74  ? 392 TRP A C   1 
ATOM   613 O  O   . TRP A 1 91  ? -1.431  1.393   -23.033 1.00 19.09  ? 392 TRP A O   1 
ATOM   614 C  CB  . TRP A 1 91  ? -1.297  -1.389  -24.189 1.00 17.33  ? 392 TRP A CB  1 
ATOM   615 C  CG  . TRP A 1 91  ? -1.372  -2.402  -25.282 1.00 19.91  ? 392 TRP A CG  1 
ATOM   616 C  CD1 . TRP A 1 91  ? -0.604  -2.443  -26.413 1.00 23.32  ? 392 TRP A CD1 1 
ATOM   617 C  CD2 . TRP A 1 91  ? -2.239  -3.534  -25.341 1.00 20.26  ? 392 TRP A CD2 1 
ATOM   618 N  NE1 . TRP A 1 91  ? -0.934  -3.539  -27.167 1.00 23.74  ? 392 TRP A NE1 1 
ATOM   619 C  CE2 . TRP A 1 91  ? -1.943  -4.226  -26.539 1.00 25.45  ? 392 TRP A CE2 1 
ATOM   620 C  CE3 . TRP A 1 91  ? -3.279  -4.011  -24.520 1.00 21.96  ? 392 TRP A CE3 1 
ATOM   621 C  CZ2 . TRP A 1 91  ? -2.636  -5.381  -26.929 1.00 25.61  ? 392 TRP A CZ2 1 
ATOM   622 C  CZ3 . TRP A 1 91  ? -3.957  -5.162  -24.899 1.00 24.20  ? 392 TRP A CZ3 1 
ATOM   623 C  CH2 . TRP A 1 91  ? -3.651  -5.821  -26.101 1.00 25.21  ? 392 TRP A CH2 1 
ATOM   624 N  N   . LEU A 1 92  ? -2.801  0.192   -21.679 1.00 15.09  ? 393 LEU A N   1 
ATOM   625 C  CA  . LEU A 1 92  ? -2.522  1.004   -20.502 1.00 15.71  ? 393 LEU A CA  1 
ATOM   626 C  C   . LEU A 1 92  ? -1.396  0.386   -19.657 1.00 20.64  ? 393 LEU A C   1 
ATOM   627 O  O   . LEU A 1 92  ? -0.561  1.121   -19.103 1.00 21.76  ? 393 LEU A O   1 
ATOM   628 C  CB  . LEU A 1 92  ? -3.795  1.136   -19.659 1.00 15.14  ? 393 LEU A CB  1 
ATOM   629 C  CG  . LEU A 1 92  ? -4.906  2.059   -20.221 1.00 18.38  ? 393 LEU A CG  1 
ATOM   630 C  CD1 . LEU A 1 92  ? -6.170  1.925   -19.405 1.00 17.72  ? 393 LEU A CD1 1 
ATOM   631 C  CD2 . LEU A 1 92  ? -4.459  3.549   -20.206 1.00 18.68  ? 393 LEU A CD2 1 
ATOM   632 N  N   . VAL A 1 93  ? -1.374  -0.953  -19.557 1.00 14.06  ? 394 VAL A N   1 
ATOM   633 C  CA  . VAL A 1 93  ? -0.393  -1.682  -18.720 1.00 12.93  ? 394 VAL A CA  1 
ATOM   634 C  C   . VAL A 1 93  ? 0.946   -1.823  -19.431 1.00 18.52  ? 394 VAL A C   1 
ATOM   635 O  O   . VAL A 1 93  ? 0.998   -2.293  -20.567 1.00 19.44  ? 394 VAL A O   1 
ATOM   636 C  CB  . VAL A 1 93  ? -0.935  -3.071  -18.285 1.00 15.66  ? 394 VAL A CB  1 
ATOM   637 C  CG1 . VAL A 1 93  ? 0.066   -3.803  -17.379 1.00 15.67  ? 394 VAL A CG1 1 
ATOM   638 C  CG2 . VAL A 1 93  ? -2.295  -2.939  -17.592 1.00 15.42  ? 394 VAL A CG2 1 
ATOM   639 N  N   . THR A 1 94  ? 2.030   -1.442  -18.752 1.00 16.81  ? 395 THR A N   1 
ATOM   640 C  CA  . THR A 1 94  ? 3.396   -1.593  -19.280 1.00 17.98  ? 395 THR A CA  1 
ATOM   641 C  C   . THR A 1 94  ? 4.285   -2.128  -18.145 1.00 23.17  ? 395 THR A C   1 
ATOM   642 O  O   . THR A 1 94  ? 3.813   -2.277  -17.012 1.00 20.14  ? 395 THR A O   1 
ATOM   643 C  CB  . THR A 1 94  ? 3.952   -0.235  -19.770 1.00 25.97  ? 395 THR A CB  1 
ATOM   644 O  OG1 . THR A 1 94  ? 4.055   0.646   -18.644 1.00 23.06  ? 395 THR A OG1 1 
ATOM   645 C  CG2 . THR A 1 94  ? 3.099   0.407   -20.890 1.00 27.22  ? 395 THR A CG2 1 
ATOM   646 N  N   . ASN A 1 95  ? 5.588   -2.354  -18.425 1.00 22.30  ? 396 ASN A N   1 
ATOM   647 C  CA  . ASN A 1 95  ? 6.522   -2.754  -17.371 1.00 23.89  ? 396 ASN A CA  1 
ATOM   648 C  C   . ASN A 1 95  ? 6.771   -1.627  -16.340 1.00 27.92  ? 396 ASN A C   1 
ATOM   649 O  O   . ASN A 1 95  ? 7.460   -1.846  -15.350 1.00 27.94  ? 396 ASN A O   1 
ATOM   650 C  CB  . ASN A 1 95  ? 7.813   -3.425  -17.902 1.00 30.81  ? 396 ASN A CB  1 
ATOM   651 C  CG  . ASN A 1 95  ? 8.566   -2.653  -18.958 1.00 62.30  ? 396 ASN A CG  1 
ATOM   652 O  OD1 . ASN A 1 95  ? 8.524   -1.415  -19.031 1.00 60.92  ? 396 ASN A OD1 1 
ATOM   653 N  ND2 . ASN A 1 95  ? 9.304   -3.378  -19.790 1.00 55.04  ? 396 ASN A ND2 1 
ATOM   654 N  N   . GLY A 1 96  ? 6.148   -0.464  -16.556 1.00 23.39  ? 397 GLY A N   1 
ATOM   655 C  CA  . GLY A 1 96  ? 6.131   0.652   -15.609 1.00 23.87  ? 397 GLY A CA  1 
ATOM   656 C  C   . GLY A 1 96  ? 4.927   0.621   -14.673 1.00 25.12  ? 397 GLY A C   1 
ATOM   657 O  O   . GLY A 1 96  ? 4.792   1.477   -13.795 1.00 24.34  ? 397 GLY A O   1 
ATOM   658 N  N   . SER A 1 97  ? 4.020   -0.378  -14.846 1.00 19.18  ? 398 SER A N   1 
ATOM   659 C  CA  . SER A 1 97  ? 2.770   -0.486  -14.069 1.00 17.42  ? 398 SER A CA  1 
ATOM   660 C  C   . SER A 1 97  ? 2.892   -1.248  -12.751 1.00 18.33  ? 398 SER A C   1 
ATOM   661 O  O   . SER A 1 97  ? 1.942   -1.246  -11.960 1.00 17.95  ? 398 SER A O   1 
ATOM   662 C  CB  . SER A 1 97  ? 1.664   -1.138  -14.902 1.00 19.52  ? 398 SER A CB  1 
ATOM   663 O  OG  . SER A 1 97  ? 1.376   -0.417  -16.089 1.00 19.57  ? 398 SER A OG  1 
ATOM   664 N  N   . TYR A 1 98  ? 4.008   -1.945  -12.537 1.00 15.97  ? 399 TYR A N   1 
ATOM   665 C  CA  . TYR A 1 98  ? 4.193   -2.744  -11.315 1.00 14.67  ? 399 TYR A CA  1 
ATOM   666 C  C   . TYR A 1 98  ? 4.006   -1.939  -10.056 1.00 18.18  ? 399 TYR A C   1 
ATOM   667 O  O   . TYR A 1 98  ? 4.438   -0.783  -9.987  1.00 17.02  ? 399 TYR A O   1 
ATOM   668 C  CB  . TYR A 1 98  ? 5.536   -3.474  -11.304 1.00 15.01  ? 399 TYR A CB  1 
ATOM   669 C  CG  . TYR A 1 98  ? 5.640   -4.527  -12.379 1.00 16.02  ? 399 TYR A CG  1 
ATOM   670 C  CD1 . TYR A 1 98  ? 4.950   -5.733  -12.272 1.00 16.37  ? 399 TYR A CD1 1 
ATOM   671 C  CD2 . TYR A 1 98  ? 6.430   -4.321  -13.510 1.00 17.61  ? 399 TYR A CD2 1 
ATOM   672 C  CE1 . TYR A 1 98  ? 5.030   -6.699  -13.268 1.00 14.83  ? 399 TYR A CE1 1 
ATOM   673 C  CE2 . TYR A 1 98  ? 6.542   -5.296  -14.498 1.00 18.79  ? 399 TYR A CE2 1 
ATOM   674 C  CZ  . TYR A 1 98  ? 5.849   -6.486  -14.367 1.00 20.15  ? 399 TYR A CZ  1 
ATOM   675 O  OH  . TYR A 1 98  ? 5.963   -7.442  -15.332 1.00 17.47  ? 399 TYR A OH  1 
ATOM   676 N  N   . LEU A 1 99  ? 3.341   -2.534  -9.058  1.00 14.88  ? 400 LEU A N   1 
ATOM   677 C  CA  . LEU A 1 99  ? 3.108   -1.848  -7.794  1.00 14.07  ? 400 LEU A CA  1 
ATOM   678 C  C   . LEU A 1 99  ? 4.331   -2.008  -6.887  1.00 17.15  ? 400 LEU A C   1 
ATOM   679 O  O   . LEU A 1 99  ? 4.899   -3.096  -6.781  1.00 15.46  ? 400 LEU A O   1 
ATOM   680 C  CB  . LEU A 1 99  ? 1.866   -2.427  -7.083  1.00 13.29  ? 400 LEU A CB  1 
ATOM   681 C  CG  . LEU A 1 99  ? 0.490   -2.226  -7.763  1.00 17.44  ? 400 LEU A CG  1 
ATOM   682 C  CD1 . LEU A 1 99  ? -0.562  -3.158  -7.153  1.00 17.62  ? 400 LEU A CD1 1 
ATOM   683 C  CD2 . LEU A 1 99  ? 0.006   -0.769  -7.602  1.00 21.03  ? 400 LEU A CD2 1 
ATOM   684 N  N   . ASN A 1 100 ? 4.696   -0.928  -6.194  1.00 14.66  ? 401 ASN A N   1 
ATOM   685 C  CA  . ASN A 1 100 ? 5.783   -0.978  -5.219  1.00 16.03  ? 401 ASN A CA  1 
ATOM   686 C  C   . ASN A 1 100 ? 5.181   -1.421  -3.873  1.00 21.06  ? 401 ASN A C   1 
ATOM   687 O  O   . ASN A 1 100 ? 3.955   -1.473  -3.734  1.00 20.12  ? 401 ASN A O   1 
ATOM   688 C  CB  . ASN A 1 100 ? 6.404   0.421   -5.063  1.00 20.44  ? 401 ASN A CB  1 
ATOM   689 C  CG  . ASN A 1 100 ? 7.158   0.873   -6.283  1.00 49.90  ? 401 ASN A CG  1 
ATOM   690 O  OD1 . ASN A 1 100 ? 8.196   0.319   -6.642  1.00 50.37  ? 401 ASN A OD1 1 
ATOM   691 N  ND2 . ASN A 1 100 ? 6.645   1.887   -6.946  1.00 47.66  ? 401 ASN A ND2 1 
ATOM   692 N  N   . GLU A 1 101 ? 6.025   -1.711  -2.881  1.00 20.17  ? 402 GLU A N   1 
ATOM   693 C  CA  . GLU A 1 101 ? 5.521   -2.136  -1.568  1.00 21.15  ? 402 GLU A CA  1 
ATOM   694 C  C   . GLU A 1 101 ? 4.892   -0.946  -0.803  1.00 24.63  ? 402 GLU A C   1 
ATOM   695 O  O   . GLU A 1 101 ? 5.295   0.198   -0.999  1.00 25.21  ? 402 GLU A O   1 
ATOM   696 C  CB  . GLU A 1 101 ? 6.636   -2.779  -0.728  1.00 23.53  ? 402 GLU A CB  1 
ATOM   697 C  CG  . GLU A 1 101 ? 7.126   -4.118  -1.272  1.00 35.20  ? 402 GLU A CG  1 
ATOM   698 C  CD  . GLU A 1 101 ? 6.339   -5.400  -1.006  1.00 54.12  ? 402 GLU A CD  1 
ATOM   699 O  OE1 . GLU A 1 101 ? 5.211   -5.360  -0.461  1.00 22.96  ? 402 GLU A OE1 1 
ATOM   700 O  OE2 . GLU A 1 101 ? 6.865   -6.468  -1.393  1.00 54.04  ? 402 GLU A OE2 1 
ATOM   701 N  N   . THR A 1 102 ? 3.869   -1.212  0.017   1.00 20.40  ? 403 THR A N   1 
ATOM   702 C  CA  . THR A 1 102 ? 3.235   -0.157  0.803   1.00 20.47  ? 403 THR A CA  1 
ATOM   703 C  C   . THR A 1 102 ? 3.724   -0.294  2.243   1.00 23.93  ? 403 THR A C   1 
ATOM   704 O  O   . THR A 1 102 ? 3.518   -1.345  2.855   1.00 23.42  ? 403 THR A O   1 
ATOM   705 C  CB  . THR A 1 102 ? 1.701   -0.325  0.801   1.00 27.77  ? 403 THR A CB  1 
ATOM   706 O  OG1 . THR A 1 102 ? 1.235   -0.394  -0.539  1.00 25.35  ? 403 THR A OG1 1 
ATOM   707 C  CG2 . THR A 1 102 ? 0.983   0.793   1.556   1.00 28.71  ? 403 THR A CG2 1 
ATOM   708 N  N   A HIS A 1 103 ? 4.363   0.756   2.807   0.50 21.44  ? 404 HIS A N   1 
ATOM   709 N  N   B HIS A 1 103 ? 4.330   0.776   2.764   0.50 19.85  ? 404 HIS A N   1 
ATOM   710 C  CA  A HIS A 1 103 ? 4.805   0.750   4.216   0.50 21.35  ? 404 HIS A CA  1 
ATOM   711 C  CA  B HIS A 1 103 ? 4.803   0.864   4.139   0.50 19.06  ? 404 HIS A CA  1 
ATOM   712 C  C   A HIS A 1 103 ? 4.365   2.045   4.892   0.50 22.92  ? 404 HIS A C   1 
ATOM   713 C  C   B HIS A 1 103 ? 4.152   2.107   4.731   0.50 22.20  ? 404 HIS A C   1 
ATOM   714 O  O   A HIS A 1 103 ? 4.889   3.121   4.591   0.50 23.40  ? 404 HIS A O   1 
ATOM   715 O  O   B HIS A 1 103 ? 4.252   3.196   4.160   0.50 23.04  ? 404 HIS A O   1 
ATOM   716 C  CB  A HIS A 1 103 ? 6.313   0.483   4.391   0.50 22.97  ? 404 HIS A CB  1 
ATOM   717 C  CB  B HIS A 1 103 ? 6.347   0.952   4.203   0.50 19.68  ? 404 HIS A CB  1 
ATOM   718 C  CG  A HIS A 1 103 ? 6.700   0.354   5.835   0.50 27.07  ? 404 HIS A CG  1 
ATOM   719 C  CG  B HIS A 1 103 ? 7.055   -0.245  3.644   0.50 22.60  ? 404 HIS A CG  1 
ATOM   720 N  ND1 A HIS A 1 103 ? 6.582   -0.851  6.511   0.50 29.18  ? 404 HIS A ND1 1 
ATOM   721 N  ND1 B HIS A 1 103 ? 6.992   -1.482  4.267   0.50 24.49  ? 404 HIS A ND1 1 
ATOM   722 C  CD2 A HIS A 1 103 ? 7.112   1.304   6.708   0.50 29.23  ? 404 HIS A CD2 1 
ATOM   723 C  CD2 B HIS A 1 103 ? 7.821   -0.356  2.535   0.50 24.17  ? 404 HIS A CD2 1 
ATOM   724 C  CE1 A HIS A 1 103 ? 6.952   -0.600  7.754   0.50 28.84  ? 404 HIS A CE1 1 
ATOM   725 C  CE1 B HIS A 1 103 ? 7.712   -2.300  3.516   0.50 24.04  ? 404 HIS A CE1 1 
ATOM   726 N  NE2 A HIS A 1 103 ? 7.275   0.684   7.920   0.50 29.04  ? 404 HIS A NE2 1 
ATOM   727 N  NE2 B HIS A 1 103 ? 8.227   -1.670  2.462   0.50 24.16  ? 404 HIS A NE2 1 
ATOM   728 N  N   . PHE A 1 104 ? 3.401   1.927   5.810   1.00 16.87  ? 405 PHE A N   1 
ATOM   729 C  CA  . PHE A 1 104 ? 2.758   3.037   6.497   1.00 16.59  ? 405 PHE A CA  1 
ATOM   730 C  C   . PHE A 1 104 ? 3.675   3.660   7.551   1.00 22.49  ? 405 PHE A C   1 
ATOM   731 O  O   . PHE A 1 104 ? 4.246   2.947   8.393   1.00 19.67  ? 405 PHE A O   1 
ATOM   732 C  CB  . PHE A 1 104 ? 1.426   2.591   7.114   1.00 17.79  ? 405 PHE A CB  1 
ATOM   733 C  CG  . PHE A 1 104 ? 0.438   2.062   6.089   1.00 17.99  ? 405 PHE A CG  1 
ATOM   734 C  CD1 . PHE A 1 104 ? -0.217  2.930   5.219   1.00 18.68  ? 405 PHE A CD1 1 
ATOM   735 C  CD2 . PHE A 1 104 ? 0.187   0.699   5.985   1.00 19.14  ? 405 PHE A CD2 1 
ATOM   736 C  CE1 . PHE A 1 104 ? -1.147  2.447   4.282   1.00 18.96  ? 405 PHE A CE1 1 
ATOM   737 C  CE2 . PHE A 1 104 ? -0.726  0.206   5.036   1.00 21.07  ? 405 PHE A CE2 1 
ATOM   738 C  CZ  . PHE A 1 104 ? -1.389  1.084   4.194   1.00 18.01  ? 405 PHE A CZ  1 
ATOM   739 N  N   . SER A 1 105 ? 3.798   4.996   7.485   1.00 21.36  ? 406 SER A N   1 
ATOM   740 C  CA  . SER A 1 105 ? 4.543   5.817   8.441   1.00 22.23  ? 406 SER A CA  1 
ATOM   741 C  C   . SER A 1 105 ? 4.018   5.585   9.877   1.00 23.03  ? 406 SER A C   1 
ATOM   742 O  O   . SER A 1 105 ? 2.811   5.462   10.074  1.00 20.83  ? 406 SER A O   1 
ATOM   743 C  CB  . SER A 1 105 ? 4.350   7.297   8.100   1.00 26.09  ? 406 SER A CB  1 
ATOM   744 O  OG  . SER A 1 105 ? 4.894   8.118   9.125   1.00 38.21  ? 406 SER A OG  1 
ATOM   745 N  N   . ASP A 1 106 ? 4.922   5.560   10.867  1.00 21.38  ? 407 ASP A N   1 
ATOM   746 C  CA  . ASP A 1 106 ? 4.557   5.476   12.287  1.00 21.25  ? 407 ASP A CA  1 
ATOM   747 C  C   . ASP A 1 106 ? 5.125   6.725   13.001  1.00 21.80  ? 407 ASP A C   1 
ATOM   748 O  O   . ASP A 1 106 ? 5.379   6.672   14.190  1.00 20.05  ? 407 ASP A O   1 
ATOM   749 C  CB  . ASP A 1 106 ? 5.120   4.193   12.950  1.00 24.30  ? 407 ASP A CB  1 
ATOM   750 C  CG  . ASP A 1 106 ? 4.438   2.901   12.564  1.00 34.23  ? 407 ASP A CG  1 
ATOM   751 O  OD1 . ASP A 1 106 ? 3.190   2.898   12.438  1.00 34.31  ? 407 ASP A OD1 1 
ATOM   752 O  OD2 . ASP A 1 106 ? 5.143   1.871   12.455  1.00 38.64  ? 407 ASP A OD2 1 
ATOM   753 N  N   . GLN A 1 107 ? 5.337   7.834   12.267  1.00 20.43  ? 408 GLN A N   1 
ATOM   754 C  CA  . GLN A 1 107 ? 5.917   9.073   12.801  1.00 20.34  ? 408 GLN A CA  1 
ATOM   755 C  C   . GLN A 1 107 ? 5.142   9.616   14.002  1.00 20.22  ? 408 GLN A C   1 
ATOM   756 O  O   . GLN A 1 107 ? 5.754   9.991   15.004  1.00 19.75  ? 408 GLN A O   1 
ATOM   757 C  CB  . GLN A 1 107 ? 6.025   10.143  11.690  1.00 22.90  ? 408 GLN A CB  1 
ATOM   758 C  CG  . GLN A 1 107 ? 6.545   11.509  12.153  1.00 48.97  ? 408 GLN A CG  1 
ATOM   759 C  CD  . GLN A 1 107 ? 7.556   12.118  11.212  1.00 82.62  ? 408 GLN A CD  1 
ATOM   760 O  OE1 . GLN A 1 107 ? 7.318   13.171  10.605  1.00 79.08  ? 408 GLN A OE1 1 
ATOM   761 N  NE2 . GLN A 1 107 ? 8.729   11.494  11.101  1.00 79.41  ? 408 GLN A NE2 1 
ATOM   762 N  N   . ILE A 1 108 ? 3.797   9.644   13.908  1.00 15.50  ? 409 ILE A N   1 
ATOM   763 C  CA  . ILE A 1 108 ? 2.946   10.134  14.992  1.00 14.66  ? 409 ILE A CA  1 
ATOM   764 C  C   . ILE A 1 108 ? 3.062   9.240   16.217  1.00 17.10  ? 409 ILE A C   1 
ATOM   765 O  O   . ILE A 1 108 ? 3.224   9.749   17.347  1.00 15.96  ? 409 ILE A O   1 
ATOM   766 C  CB  . ILE A 1 108 ? 1.472   10.319  14.505  1.00 15.88  ? 409 ILE A CB  1 
ATOM   767 C  CG1 . ILE A 1 108 ? 1.382   11.460  13.433  1.00 15.85  ? 409 ILE A CG1 1 
ATOM   768 C  CG2 . ILE A 1 108 ? 0.517   10.580  15.683  1.00 15.31  ? 409 ILE A CG2 1 
ATOM   769 C  CD1 . ILE A 1 108 ? 0.026   11.498  12.637  1.00 18.95  ? 409 ILE A CD1 1 
ATOM   770 N  N   . GLU A 1 109 ? 2.955   7.916   15.995  1.00 14.88  ? 410 GLU A N   1 
ATOM   771 C  CA  . GLU A 1 109 ? 3.041   6.894   17.056  1.00 15.02  ? 410 GLU A CA  1 
ATOM   772 C  C   . GLU A 1 109 ? 4.428   6.973   17.727  1.00 18.05  ? 410 GLU A C   1 
ATOM   773 O  O   . GLU A 1 109 ? 4.525   6.864   18.949  1.00 17.19  ? 410 GLU A O   1 
ATOM   774 C  CB  . GLU A 1 109 ? 2.800   5.484   16.490  1.00 15.75  ? 410 GLU A CB  1 
ATOM   775 C  CG  . GLU A 1 109 ? 1.386   5.268   15.947  1.00 16.73  ? 410 GLU A CG  1 
ATOM   776 C  CD  . GLU A 1 109 ? 1.157   5.577   14.473  1.00 21.87  ? 410 GLU A CD  1 
ATOM   777 O  OE1 . GLU A 1 109 ? 0.231   4.970   13.884  1.00 19.65  ? 410 GLU A OE1 1 
ATOM   778 O  OE2 . GLU A 1 109 ? 1.916   6.389   13.894  1.00 19.12  ? 410 GLU A OE2 1 
ATOM   779 N  N   . GLN A 1 110 ? 5.483   7.182   16.925  1.00 16.36  ? 411 GLN A N   1 
ATOM   780 C  CA  . GLN A 1 110 ? 6.846   7.347   17.461  1.00 17.40  ? 411 GLN A CA  1 
ATOM   781 C  C   . GLN A 1 110 ? 6.957   8.581   18.361  1.00 22.47  ? 411 GLN A C   1 
ATOM   782 O  O   . GLN A 1 110 ? 7.558   8.495   19.443  1.00 21.56  ? 411 GLN A O   1 
ATOM   783 C  CB  . GLN A 1 110 ? 7.898   7.312   16.348  1.00 18.13  ? 411 GLN A CB  1 
ATOM   784 C  CG  . GLN A 1 110 ? 8.040   5.881   15.802  1.00 32.03  ? 411 GLN A CG  1 
ATOM   785 C  CD  . GLN A 1 110 ? 8.952   5.687   14.607  1.00 51.73  ? 411 GLN A CD  1 
ATOM   786 O  OE1 . GLN A 1 110 ? 9.256   6.603   13.836  1.00 48.35  ? 411 GLN A OE1 1 
ATOM   787 N  NE2 . GLN A 1 110 ? 9.339   4.445   14.382  1.00 47.60  ? 411 GLN A NE2 1 
ATOM   788 N  N   . GLU A 1 111 ? 6.313   9.700   17.960  1.00 20.30  ? 412 GLU A N   1 
ATOM   789 C  CA  . GLU A 1 111 ? 6.292   10.919  18.769  1.00 20.64  ? 412 GLU A CA  1 
ATOM   790 C  C   . GLU A 1 111 ? 5.515   10.675  20.080  1.00 22.18  ? 412 GLU A C   1 
ATOM   791 O  O   . GLU A 1 111 ? 5.987   11.095  21.135  1.00 21.70  ? 412 GLU A O   1 
ATOM   792 C  CB  . GLU A 1 111 ? 5.686   12.089  17.986  1.00 22.06  ? 412 GLU A CB  1 
ATOM   793 C  CG  . GLU A 1 111 ? 6.001   13.430  18.622  1.00 33.43  ? 412 GLU A CG  1 
ATOM   794 C  CD  . GLU A 1 111 ? 5.171   14.572  18.078  1.00 37.72  ? 412 GLU A CD  1 
ATOM   795 O  OE1 . GLU A 1 111 ? 5.067   14.681  16.840  1.00 28.70  ? 412 GLU A OE1 1 
ATOM   796 O  OE2 . GLU A 1 111 ? 4.626   15.358  18.885  1.00 35.27  ? 412 GLU A OE2 1 
ATOM   797 N  N   . ALA A 1 112 ? 4.376   9.927   20.020  1.00 16.07  ? 413 ALA A N   1 
ATOM   798 C  CA  . ALA A 1 112 ? 3.597   9.568   21.197  1.00 16.04  ? 413 ALA A CA  1 
ATOM   799 C  C   . ALA A 1 112 ? 4.450   8.715   22.147  1.00 20.36  ? 413 ALA A C   1 
ATOM   800 O  O   . ALA A 1 112 ? 4.458   8.975   23.356  1.00 19.55  ? 413 ALA A O   1 
ATOM   801 C  CB  . ALA A 1 112 ? 2.354   8.792   20.783  1.00 16.61  ? 413 ALA A CB  1 
ATOM   802 N  N   . ASP A 1 113 ? 5.198   7.734   21.594  1.00 17.50  ? 414 ASP A N   1 
ATOM   803 C  CA  . ASP A 1 113 ? 6.063   6.837   22.380  1.00 18.31  ? 414 ASP A CA  1 
ATOM   804 C  C   . ASP A 1 113 ? 7.158   7.623   23.101  1.00 23.34  ? 414 ASP A C   1 
ATOM   805 O  O   . ASP A 1 113 ? 7.475   7.321   24.260  1.00 24.10  ? 414 ASP A O   1 
ATOM   806 C  CB  . ASP A 1 113 ? 6.675   5.748   21.490  1.00 18.48  ? 414 ASP A CB  1 
ATOM   807 C  CG  . ASP A 1 113 ? 5.693   4.708   20.987  1.00 26.51  ? 414 ASP A CG  1 
ATOM   808 O  OD1 . ASP A 1 113 ? 6.062   3.940   20.080  1.00 29.83  ? 414 ASP A OD1 1 
ATOM   809 O  OD2 . ASP A 1 113 ? 4.571   4.623   21.546  1.00 26.47  ? 414 ASP A OD2 1 
ATOM   810 N  N   . ASN A 1 114 ? 7.708   8.646   22.420  1.00 19.98  ? 415 ASN A N   1 
ATOM   811 C  CA  . ASN A 1 114 ? 8.735   9.527   22.981  1.00 20.11  ? 415 ASN A CA  1 
ATOM   812 C  C   . ASN A 1 114 ? 8.133   10.357  24.138  1.00 26.48  ? 415 ASN A C   1 
ATOM   813 O  O   . ASN A 1 114 ? 8.770   10.487  25.190  1.00 25.25  ? 415 ASN A O   1 
ATOM   814 C  CB  . ASN A 1 114 ? 9.339   10.427  21.896  1.00 22.70  ? 415 ASN A CB  1 
ATOM   815 C  CG  . ASN A 1 114 ? 10.230  9.713   20.901  1.00 45.61  ? 415 ASN A CG  1 
ATOM   816 O  OD1 . ASN A 1 114 ? 10.650  8.571   21.103  1.00 43.27  ? 415 ASN A OD1 1 
ATOM   817 N  ND2 . ASN A 1 114 ? 10.580  10.394  19.812  1.00 40.54  ? 415 ASN A ND2 1 
ATOM   818 N  N   . MET A 1 115 ? 6.886   10.852  23.963  1.00 22.55  ? 416 MET A N   1 
ATOM   819 C  CA  . MET A 1 115 ? 6.155   11.612  24.986  1.00 24.00  ? 416 MET A CA  1 
ATOM   820 C  C   . MET A 1 115 ? 5.894   10.727  26.230  1.00 27.03  ? 416 MET A C   1 
ATOM   821 O  O   . MET A 1 115 ? 6.021   11.196  27.368  1.00 24.35  ? 416 MET A O   1 
ATOM   822 C  CB  . MET A 1 115 ? 4.831   12.164  24.389  1.00 27.23  ? 416 MET A CB  1 
ATOM   823 C  CG  . MET A 1 115 ? 3.958   12.920  25.362  1.00 33.21  ? 416 MET A CG  1 
ATOM   824 S  SD  . MET A 1 115 ? 2.700   11.854  26.113  1.00 40.33  ? 416 MET A SD  1 
ATOM   825 C  CE  . MET A 1 115 ? 1.711   13.091  26.915  1.00 37.30  ? 416 MET A CE  1 
ATOM   826 N  N   . ILE A 1 116 ? 5.488   9.453   26.003  1.00 22.90  ? 417 ILE A N   1 
ATOM   827 C  CA  . ILE A 1 116 ? 5.197   8.520   27.098  1.00 22.67  ? 417 ILE A CA  1 
ATOM   828 C  C   . ILE A 1 116 ? 6.467   8.239   27.930  1.00 30.50  ? 417 ILE A C   1 
ATOM   829 O  O   . ILE A 1 116 ? 6.408   8.307   29.164  1.00 30.97  ? 417 ILE A O   1 
ATOM   830 C  CB  . ILE A 1 116 ? 4.537   7.206   26.575  1.00 23.92  ? 417 ILE A CB  1 
ATOM   831 C  CG1 . ILE A 1 116 ? 3.123   7.477   26.038  1.00 22.74  ? 417 ILE A CG1 1 
ATOM   832 C  CG2 . ILE A 1 116 ? 4.491   6.125   27.686  1.00 23.95  ? 417 ILE A CG2 1 
ATOM   833 C  CD1 . ILE A 1 116 ? 2.668   6.476   24.923  1.00 22.81  ? 417 ILE A CD1 1 
ATOM   834 N  N   . THR A 1 117 ? 7.592   7.914   27.255  1.00 29.65  ? 418 THR A N   1 
ATOM   835 C  CA  . THR A 1 117 ? 8.892   7.634   27.889  1.00 31.28  ? 418 THR A CA  1 
ATOM   836 C  C   . THR A 1 117 ? 9.268   8.805   28.795  1.00 40.14  ? 418 THR A C   1 
ATOM   837 O  O   . THR A 1 117 ? 9.688   8.580   29.930  1.00 40.07  ? 418 THR A O   1 
ATOM   838 C  CB  . THR A 1 117 ? 9.973   7.326   26.833  1.00 41.36  ? 418 THR A CB  1 
ATOM   839 O  OG1 . THR A 1 117 ? 9.568   6.191   26.069  1.00 41.04  ? 418 THR A OG1 1 
ATOM   840 C  CG2 . THR A 1 117 ? 11.361  7.048   27.453  1.00 41.06  ? 418 THR A CG2 1 
ATOM   841 N  N   . GLU A 1 118 ? 9.055   10.045  28.316  1.00 39.93  ? 419 GLU A N   1 
ATOM   842 C  CA  . GLU A 1 118 ? 9.329   11.269  29.069  1.00 41.09  ? 419 GLU A CA  1 
ATOM   843 C  C   . GLU A 1 118 ? 8.394   11.418  30.282  1.00 47.13  ? 419 GLU A C   1 
ATOM   844 O  O   . GLU A 1 118 ? 8.879   11.675  31.385  1.00 47.46  ? 419 GLU A O   1 
ATOM   845 C  CB  . GLU A 1 118 ? 9.281   12.506  28.144  1.00 42.62  ? 419 GLU A CB  1 
ATOM   846 C  CG  . GLU A 1 118 ? 9.909   13.767  28.729  1.00 56.17  ? 419 GLU A CG  1 
ATOM   847 C  CD  . GLU A 1 118 ? 11.293  13.633  29.343  1.00 76.09  ? 419 GLU A CD  1 
ATOM   848 O  OE1 . GLU A 1 118 ? 12.192  13.061  28.687  1.00 70.16  ? 419 GLU A OE1 1 
ATOM   849 O  OE2 . GLU A 1 118 ? 11.477  14.112  30.486  1.00 68.82  ? 419 GLU A OE2 1 
ATOM   850 N  N   . MET A 1 119 ? 7.104   11.197  30.095  1.00 44.47  ? 420 MET A N   1 
ATOM   851 C  CA  . MET A 1 119 ? 6.095   11.319  31.143  1.00 45.28  ? 420 MET A CA  1 
ATOM   852 C  C   . MET A 1 119 ? 6.428   10.400  32.342  1.00 50.15  ? 420 MET A C   1 
ATOM   853 O  O   . MET A 1 119 ? 6.267   10.749  33.471  1.00 49.61  ? 420 MET A O   1 
ATOM   854 C  CB  . MET A 1 119 ? 4.715   10.978  30.526  1.00 48.29  ? 420 MET A CB  1 
ATOM   855 C  CG  . MET A 1 119 ? 3.441   11.122  31.379  1.00 53.19  ? 420 MET A CG  1 
ATOM   856 S  SD  . MET A 1 119 ? 1.964   10.535  30.475  1.00 58.96  ? 420 MET A SD  1 
ATOM   857 C  CE  . MET A 1 119 ? 2.443   11.071  28.858  1.00 55.49  ? 420 MET A CE  1 
ATOM   858 N  N   . LEU A 1 120 ? 6.933   9.225   31.992  1.00 47.71  ? 421 LEU A N   1 
ATOM   859 C  CA  . LEU A 1 120 ? 7.153   8.134   32.904  1.00 48.20  ? 421 LEU A CA  1 
ATOM   860 C  C   . LEU A 1 120 ? 8.241   8.587   33.840  1.00 56.35  ? 421 LEU A C   1 
ATOM   861 O  O   . LEU A 1 120 ? 8.836   7.820   34.593  1.00 57.00  ? 421 LEU A O   1 
ATOM   862 C  CB  . LEU A 1 120 ? 7.475   6.845   32.166  1.00 47.64  ? 421 LEU A CB  1 
ATOM   863 C  CG  . LEU A 1 120 ? 6.249   6.186   31.544  1.00 51.15  ? 421 LEU A CG  1 
ATOM   864 C  CD1 . LEU A 1 120 ? 6.491   4.861   31.024  1.00 50.86  ? 421 LEU A CD1 1 
ATOM   865 C  CD2 . LEU A 1 120 ? 5.008   6.247   32.405  1.00 51.55  ? 421 LEU A CD2 1 
ATOM   866 N  N   . ARG A 1 121 ? 8.430   9.890   33.839  1.00 54.59  ? 422 ARG A N   1 
ATOM   867 C  CA  . ARG A 1 121 ? 9.180   10.504  34.890  1.00 89.33  ? 422 ARG A CA  1 
ATOM   868 C  C   . ARG A 1 121 ? 10.625  10.132  34.661  1.00 116.45 ? 422 ARG A C   1 
ATOM   869 O  O   . ARG A 1 121 ? 11.007  9.893   33.538  1.00 79.70  ? 422 ARG A O   1 
ATOM   870 C  CB  . ARG A 1 121 ? 8.678   9.924   36.203  1.00 89.55  ? 422 ARG A CB  1 
ATOM   871 C  CG  . ARG A 1 121 ? 7.696   10.799  36.946  1.00 98.44  ? 422 ARG A CG  1 
ATOM   872 C  CD  . ARG A 1 121 ? 8.450   11.785  37.790  1.00 103.38 ? 422 ARG A CD  1 
ATOM   873 N  NE  . ARG A 1 121 ? 8.298   11.599  39.236  1.00 105.21 ? 422 ARG A NE  1 
ATOM   874 C  CZ  . ARG A 1 121 ? 9.289   11.305  40.069  1.00 113.74 ? 422 ARG A CZ  1 
ATOM   875 N  NH1 . ARG A 1 121 ? 10.516  11.110  39.633  1.00 95.88  ? 422 ARG A NH1 1 
ATOM   876 N  NH2 . ARG A 1 121 ? 9.044   11.184  41.355  1.00 99.81  ? 422 ARG A NH2 1 
HETATM 877 C  C1  . MPD B 2 .   ? 2.869   2.025   -2.510  1.00 40.37  ? 92  MPD A C1  1 
HETATM 878 C  C2  . MPD B 2 .   ? 1.458   2.178   -3.075  1.00 37.58  ? 92  MPD A C2  1 
HETATM 879 O  O2  . MPD B 2 .   ? 1.309   1.215   -4.161  1.00 41.19  ? 92  MPD A O2  1 
HETATM 880 C  CM  . MPD B 2 .   ? 0.441   1.731   -2.048  1.00 39.84  ? 92  MPD A CM  1 
HETATM 881 C  C3  . MPD B 2 .   ? 1.224   3.620   -3.577  1.00 39.14  ? 92  MPD A C3  1 
HETATM 882 C  C4  . MPD B 2 .   ? 0.622   4.704   -2.654  1.00 39.84  ? 92  MPD A C4  1 
HETATM 883 O  O4  . MPD B 2 .   ? 1.020   4.629   -1.306  1.00 42.95  ? 92  MPD A O4  1 
HETATM 884 C  C5  . MPD B 2 .   ? 0.865   6.127   -3.156  1.00 39.89  ? 92  MPD A C5  1 
HETATM 885 C  C1  . MPD C 2 .   ? -1.321  3.583   -13.347 1.00 56.18  ? 93  MPD A C1  1 
HETATM 886 C  C2  . MPD C 2 .   ? -0.535  2.541   -14.137 1.00 53.03  ? 93  MPD A C2  1 
HETATM 887 O  O2  . MPD C 2 .   ? 0.655   2.264   -13.350 1.00 56.93  ? 93  MPD A O2  1 
HETATM 888 C  CM  . MPD C 2 .   ? -1.356  1.258   -14.253 1.00 55.57  ? 93  MPD A CM  1 
HETATM 889 C  C3  . MPD C 2 .   ? -0.039  2.991   -15.518 1.00 54.55  ? 93  MPD A C3  1 
HETATM 890 C  C4  . MPD C 2 .   ? -0.886  4.016   -16.276 1.00 55.09  ? 93  MPD A C4  1 
HETATM 891 O  O4  . MPD C 2 .   ? -0.063  4.977   -16.898 1.00 58.25  ? 93  MPD A O4  1 
HETATM 892 C  C5  . MPD C 2 .   ? -1.816  3.390   -17.307 1.00 55.05  ? 93  MPD A C5  1 
HETATM 893 C  C1  . MPD D 2 .   ? 5.006   11.828  -19.289 1.00 28.73  ? 94  MPD A C1  1 
HETATM 894 C  C2  . MPD D 2 .   ? 3.957   12.914  -19.271 1.00 26.86  ? 94  MPD A C2  1 
HETATM 895 O  O2  . MPD D 2 .   ? 4.161   13.653  -18.027 1.00 31.54  ? 94  MPD A O2  1 
HETATM 896 C  CM  . MPD D 2 .   ? 4.196   13.850  -20.452 1.00 30.69  ? 94  MPD A CM  1 
HETATM 897 C  C3  . MPD D 2 .   ? 2.539   12.350  -19.292 1.00 27.76  ? 94  MPD A C3  1 
HETATM 898 C  C4  . MPD D 2 .   ? 2.092   11.550  -20.526 1.00 27.76  ? 94  MPD A C4  1 
HETATM 899 O  O4  . MPD D 2 .   ? 2.686   10.266  -20.525 1.00 28.49  ? 94  MPD A O4  1 
HETATM 900 C  C5  . MPD D 2 .   ? 0.576   11.406  -20.508 1.00 28.28  ? 94  MPD A C5  1 
HETATM 901 CL CL  . CL  E 3 .   ? -7.872  7.337   22.749  0.33 16.88  ? 95  CL  A CL  1 
HETATM 902 U  U   . IUM F 4 .   ? -3.948  -18.274 -36.708 0.05 35.60  ? 96  IUM A U   1 
HETATM 903 O  O1  . IUM F 4 .   ? -2.864  -17.508 -35.609 0.05 34.98  ? 96  IUM A O1  1 
HETATM 904 O  O2  . IUM F 4 .   ? -4.753  -18.885 -35.327 0.05 34.51  ? 96  IUM A O2  1 
HETATM 905 O  O   . HOH G 5 .   ? 5.069   6.891   -21.047 1.00 28.38  ? 1   HOH A O   1 
HETATM 906 O  O   . HOH G 5 .   ? -7.188  2.763   -15.446 1.00 23.70  ? 2   HOH A O   1 
HETATM 907 O  O   . HOH G 5 .   ? -4.713  -1.505  28.157  1.00 18.14  ? 3   HOH A O   1 
HETATM 908 O  O   . HOH G 5 .   ? 0.064   -9.108  9.994   1.00 39.29  ? 4   HOH A O   1 
HETATM 909 O  O   . HOH G 5 .   ? -1.087  3.148   17.541  1.00 16.94  ? 5   HOH A O   1 
HETATM 910 O  O   . HOH G 5 .   ? -6.837  -4.125  15.330  1.00 20.10  ? 6   HOH A O   1 
HETATM 911 O  O   . HOH G 5 .   ? 3.195   1.688   -6.606  1.00 23.19  ? 7   HOH A O   1 
HETATM 912 O  O   . HOH G 5 .   ? 4.496   4.760   -16.594 1.00 22.63  ? 8   HOH A O   1 
HETATM 913 O  O   . HOH G 5 .   ? 4.722   -13.679 -16.215 1.00 16.98  ? 9   HOH A O   1 
HETATM 914 O  O   . HOH G 5 .   ? -0.876  -6.738  19.248  1.00 43.25  ? 10  HOH A O   1 
HETATM 915 O  O   . HOH G 5 .   ? 5.715   3.498   17.230  1.00 44.88  ? 11  HOH A O   1 
HETATM 916 O  O   . HOH G 5 .   ? 0.409   11.054  -9.351  1.00 23.47  ? 12  HOH A O   1 
HETATM 917 O  O   . HOH G 5 .   ? -0.697  0.839   23.450  1.00 19.36  ? 13  HOH A O   1 
HETATM 918 O  O   . HOH G 5 .   ? -10.063 0.463   19.681  1.00 24.11  ? 14  HOH A O   1 
HETATM 919 O  O   . HOH G 5 .   ? 1.707   -2.450  -2.207  1.00 21.37  ? 15  HOH A O   1 
HETATM 920 O  O   . HOH G 5 .   ? -0.901  -4.009  18.894  1.00 19.50  ? 16  HOH A O   1 
HETATM 921 O  O   . HOH G 5 .   ? -10.440 1.736   24.023  1.00 22.64  ? 17  HOH A O   1 
HETATM 922 O  O   . HOH G 5 .   ? 3.628   -0.283  9.434   1.00 49.25  ? 18  HOH A O   1 
HETATM 923 O  O   . HOH G 5 .   ? 2.038   -3.511  2.261   1.00 20.48  ? 19  HOH A O   1 
HETATM 924 O  O   . HOH G 5 .   ? 1.291   8.044   12.033  1.00 28.46  ? 20  HOH A O   1 
HETATM 925 O  O   . HOH G 5 .   ? 0.755   0.935   -10.852 1.00 27.58  ? 21  HOH A O   1 
HETATM 926 O  O   . HOH G 5 .   ? 5.549   -8.564  -6.846  1.00 15.66  ? 22  HOH A O   1 
HETATM 927 O  O   . HOH G 5 .   ? -6.930  -5.838  13.075  1.00 18.88  ? 23  HOH A O   1 
HETATM 928 O  O   . HOH G 5 .   ? 0.784   -2.908  20.817  1.00 22.46  ? 24  HOH A O   1 
HETATM 929 O  O   . HOH G 5 .   ? -0.393  2.670   14.858  1.00 18.85  ? 25  HOH A O   1 
HETATM 930 O  O   . HOH G 5 .   ? 0.920   -0.290  21.654  1.00 28.31  ? 26  HOH A O   1 
HETATM 931 O  O   . HOH G 5 .   ? 2.528   6.414   5.296   1.00 23.09  ? 27  HOH A O   1 
HETATM 932 O  O   . HOH G 5 .   ? 1.483   2.857   18.572  1.00 21.30  ? 28  HOH A O   1 
HETATM 933 O  O   . HOH G 5 .   ? -4.945  -3.299  30.177  1.00 26.38  ? 29  HOH A O   1 
HETATM 934 O  O   . HOH G 5 .   ? 1.969   1.386   14.370  1.00 22.45  ? 30  HOH A O   1 
HETATM 935 O  O   . HOH G 5 .   ? -7.724  -12.242 -34.005 1.00 24.68  ? 31  HOH A O   1 
HETATM 936 O  O   . HOH G 5 .   ? 1.794   -1.115  13.343  1.00 22.99  ? 32  HOH A O   1 
HETATM 937 O  O   . HOH G 5 .   ? 2.931   -3.969  -0.300  1.00 21.95  ? 33  HOH A O   1 
HETATM 938 O  O   . HOH G 5 .   ? -2.283  -14.275 -32.378 1.00 21.44  ? 34  HOH A O   1 
HETATM 939 O  O   . HOH G 5 .   ? 2.685   1.691   -9.202  1.00 27.80  ? 35  HOH A O   1 
HETATM 940 O  O   . HOH G 5 .   ? 1.024   2.649   -22.561 1.00 26.28  ? 36  HOH A O   1 
HETATM 941 O  O   . HOH G 5 .   ? 2.919   9.101   10.461  1.00 36.71  ? 37  HOH A O   1 
HETATM 942 O  O   . HOH G 5 .   ? 7.828   -7.177  -17.276 1.00 30.65  ? 38  HOH A O   1 
HETATM 943 O  O   . HOH G 5 .   ? 0.102   6.806   20.132  1.00 27.53  ? 39  HOH A O   1 
HETATM 944 O  O   . HOH G 5 .   ? 3.299   1.996   16.715  1.00 33.01  ? 40  HOH A O   1 
HETATM 945 O  O   . HOH G 5 .   ? 9.918   6.717   19.214  1.00 36.12  ? 41  HOH A O   1 
HETATM 946 O  O   . HOH G 5 .   ? 1.844   1.906   -18.145 1.00 38.15  ? 42  HOH A O   1 
HETATM 947 O  O   . HOH G 5 .   ? -9.456  -1.237  -30.614 1.00 40.33  ? 43  HOH A O   1 
HETATM 948 O  O   . HOH G 5 .   ? 5.978   -2.807  -21.487 1.00 40.38  ? 44  HOH A O   1 
HETATM 949 O  O   . HOH G 5 .   ? 1.039   -4.026  16.758  1.00 38.44  ? 45  HOH A O   1 
HETATM 950 O  O   . HOH G 5 .   ? 7.477   13.327  21.613  1.00 33.52  ? 46  HOH A O   1 
HETATM 951 O  O   . HOH G 5 .   ? 0.162   3.767   -20.375 1.00 40.33  ? 47  HOH A O   1 
HETATM 952 O  O   . HOH G 5 .   ? -9.812  -6.096  32.620  1.00 45.41  ? 48  HOH A O   1 
HETATM 953 O  O   . HOH G 5 .   ? 3.848   9.606   5.068   1.00 38.50  ? 49  HOH A O   1 
HETATM 954 O  O   . HOH G 5 .   ? -0.174  5.493   1.260   1.00 34.99  ? 50  HOH A O   1 
HETATM 955 O  O   . HOH G 5 .   ? 2.064   4.959   2.658   1.00 37.19  ? 51  HOH A O   1 
HETATM 956 O  O   . HOH G 5 .   ? 4.382   4.189   -6.679  1.00 49.91  ? 52  HOH A O   1 
HETATM 957 O  O   . HOH G 5 .   ? 4.819   6.231   -4.939  1.00 54.53  ? 53  HOH A O   1 
HETATM 958 O  O   . HOH G 5 .   ? 2.417   -12.913 -39.085 1.00 51.95  ? 54  HOH A O   1 
HETATM 959 O  O   . HOH G 5 .   ? 2.817   12.028  9.962   1.00 42.78  ? 55  HOH A O   1 
HETATM 960 O  O   . HOH G 5 .   ? 8.451   10.702  14.747  1.00 36.85  ? 56  HOH A O   1 
HETATM 961 O  O   . HOH G 5 .   ? -8.159  5.563   -19.260 1.00 40.94  ? 57  HOH A O   1 
HETATM 962 O  O   . HOH G 5 .   ? 9.459   -2.900  0.624   1.00 50.01  ? 58  HOH A O   1 
HETATM 963 O  O   . HOH G 5 .   ? 1.730   -10.505 3.738   1.00 28.96  ? 59  HOH A O   1 
HETATM 964 O  O   . HOH G 5 .   ? 7.661   5.402   10.292  1.00 37.96  ? 60  HOH A O   1 
HETATM 965 O  O   . HOH G 5 .   ? -7.132  9.001   -11.608 1.00 39.72  ? 61  HOH A O   1 
HETATM 966 O  O   . HOH G 5 .   ? 5.073   2.804   0.912   1.00 38.47  ? 62  HOH A O   1 
HETATM 967 O  O   . HOH G 5 .   ? 4.580   4.151   -19.911 1.00 53.10  ? 63  HOH A O   1 
HETATM 968 O  O   . HOH G 5 .   ? -9.286  1.912   -17.037 1.00 35.71  ? 64  HOH A O   1 
HETATM 969 O  O   . HOH G 5 .   ? -11.780 3.446   -16.867 1.00 60.77  ? 65  HOH A O   1 
HETATM 970 O  O   . HOH G 5 .   ? 1.266   8.661   34.765  1.00 56.24  ? 66  HOH A O   1 
HETATM 971 O  O   . HOH G 5 .   ? -7.856  6.348   -11.450 1.00 32.46  ? 67  HOH A O   1 
HETATM 972 O  O   . HOH G 5 .   ? -4.322  -15.883 -31.153 0.33 29.68  ? 68  HOH A O   1 
HETATM 973 O  O   . HOH G 5 .   ? -5.526  -5.865  30.219  1.00 32.79  ? 69  HOH A O   1 
HETATM 974 O  O   . HOH G 5 .   ? -1.847  -7.920  -22.431 1.00 45.99  ? 70  HOH A O   1 
HETATM 975 O  O   . HOH G 5 .   ? 6.945   -4.331  -5.544  1.00 47.27  ? 71  HOH A O   1 
HETATM 976 O  O   . HOH G 5 .   ? -11.341 -3.277  -28.026 1.00 47.10  ? 72  HOH A O   1 
HETATM 977 O  O   . HOH G 5 .   ? 8.157   -9.589  2.178   1.00 47.78  ? 73  HOH A O   1 
HETATM 978 O  O   . HOH G 5 .   ? 6.641   5.121   5.108   1.00 56.66  ? 74  HOH A O   1 
HETATM 979 O  O   . HOH G 5 .   ? 6.668   -5.974  -22.092 1.00 44.41  ? 75  HOH A O   1 
HETATM 980 O  O   . HOH G 5 .   ? 3.758   -0.470  17.749  1.00 46.31  ? 76  HOH A O   1 
HETATM 981 O  O   . HOH G 5 .   ? 9.136   -8.371  0.555   1.00 51.81  ? 77  HOH A O   1 
HETATM 982 O  O   . HOH G 5 .   ? -12.087 3.937   -23.906 1.00 72.90  ? 78  HOH A O   1 
HETATM 983 O  O   . HOH G 5 .   ? 5.309   9.762   36.610  1.00 51.09  ? 79  HOH A O   1 
HETATM 984 O  O   . HOH G 5 .   ? 3.919   -1.935  15.177  1.00 48.74  ? 80  HOH A O   1 
HETATM 985 O  O   . HOH G 5 .   ? 8.002   -10.717 -14.481 1.00 72.44  ? 81  HOH A O   1 
HETATM 986 O  O   . HOH G 5 .   ? -6.276  -8.310  -34.345 1.00 53.06  ? 82  HOH A O   1 
HETATM 987 O  O   . HOH G 5 .   ? -10.573 5.794   -16.530 1.00 61.65  ? 83  HOH A O   1 
HETATM 988 O  O   . HOH G 5 .   ? 0.776   -4.172  -29.512 1.00 42.60  ? 84  HOH A O   1 
HETATM 989 O  O   . HOH G 5 .   ? 5.291   -5.676  3.628   1.00 51.16  ? 85  HOH A O   1 
HETATM 990 O  O   . HOH G 5 .   ? 5.668   13.734  28.285  1.00 49.31  ? 86  HOH A O   1 
HETATM 991 O  O   . HOH G 5 .   ? -1.747  -16.235 -34.450 1.00 29.70  ? 87  HOH A O   1 
HETATM 992 O  O   . HOH G 5 .   ? 7.801   -0.932  -12.746 1.00 49.96  ? 88  HOH A O   1 
HETATM 993 O  O   . HOH G 5 .   ? 0.618   9.771   -6.926  1.00 52.25  ? 89  HOH A O   1 
HETATM 994 O  O   . HOH G 5 .   ? -7.808  8.930   44.070  1.00 62.68  ? 90  HOH A O   1 
HETATM 995 O  O   . HOH G 5 .   ? 5.901   0.741   -24.034 1.00 49.06  ? 91  HOH A O   1 
# 
